data_4C90
#
_entry.id   4C90
#
_cell.length_a   75.390
_cell.length_b   131.680
_cell.length_c   199.400
_cell.angle_alpha   90.00
_cell.angle_beta   90.00
_cell.angle_gamma   90.00
#
_symmetry.space_group_name_H-M   'P 21 21 21'
#
loop_
_entity.id
_entity.type
_entity.pdbx_description
1 polymer 'ALPHA-GLUCURONIDASE GH115'
2 non-polymer 'SODIUM ION'
3 water water
#
_entity_poly.entity_id   1
_entity_poly.type   'polypeptide(L)'
_entity_poly.pdbx_seq_one_letter_code
;MINNKLLNIETMKKLFLFFYLSVVSIAAFAAEQFVIFTPAGNHFPLVANGVPCPIYIDSSEDKGVMIAAGNLQQDILQVC
GKKPELLTSTSSKRCIIAGTYGTPFIKKLMSAGKIDKKELDGKNEKYILQVIANPCEGIDEAVVIIGSDRRGTIYGIYEL
SEQMGVSPWYWWADVPVMKQANVYIKPGQYSDGEPAVTYRGIFLNDEAPCLTRWVKHTYGTNYGDHRFYARVCELILRLK
GNFLWPAMWSWAFYADDPQNSKTASEMGVIIGTSHHEPMARNHQEWSRKRKEYGAWDYTTNQKVIDQFFREGIERMQGTE
DIVTIGMRGDGDAAMSKSTNVKLLENVVKNQRKIIEEVTKRPAKETPQVWALYKEVLDYYDKGMRVPDDVIMLLCDDNWG
NVCRLPNAKERKHPGGWGMYYHVDYVGAPRNSKWLNVTPIQNMWEQLQLTYDYGVEKLWILNVGDLKPMEYPITLFMDMA
WNPKQFNVSNLLDHPRRFCAQQFGEDQADEAMRILNLYSKYNGRVTGEMLDRNTYNLETGEWKQVSDEYLKLEAEALRQY
ISLKPEYKDAYKQLILFPVQAMANLYEMYYAQAMNHKLYKENNPQANEWADKVEQAFARDKALSDDYNNIMSGGKWKNMM
IQKHIGYTSWNDNFPADTLPKIYRIENPEKAVGGYVFTGQDGYIAIEAEHYYSAKAAPDTEWTVIPYMGRTLSGMALMPY
TQPTDGASISYKIKLPKGIDKVTVHVIVKSTLAFHDRKGHEYSIGFEGGKDQTINFNHNLNELPENVYSIYYPTVARRIV
EKKAKLNVPNTSDGMQTITFKPLDPGIVLEKLVVDYGGYKKSYLFMNESKSKRESR
;
_entity_poly.pdbx_strand_id   A,B
#
loop_
_chem_comp.id
_chem_comp.type
_chem_comp.name
_chem_comp.formula
NA non-polymer 'SODIUM ION' 'Na 1'
#
# COMPACT_ATOMS: atom_id res chain seq x y z
N GLN A 33 -25.03 27.90 5.89
CA GLN A 33 -25.52 26.69 5.13
C GLN A 33 -27.07 26.63 5.05
N PHE A 34 -27.61 27.00 3.89
CA PHE A 34 -29.06 27.21 3.71
C PHE A 34 -29.80 26.21 2.83
N VAL A 35 -29.12 25.17 2.35
CA VAL A 35 -29.74 24.20 1.43
C VAL A 35 -29.88 22.81 2.04
N ILE A 36 -31.13 22.37 2.22
CA ILE A 36 -31.42 21.01 2.71
C ILE A 36 -32.01 20.13 1.60
N PHE A 37 -31.78 18.83 1.72
CA PHE A 37 -32.17 17.87 0.68
C PHE A 37 -33.42 17.03 1.01
N THR A 38 -34.20 17.53 1.96
CA THR A 38 -35.47 16.93 2.37
C THR A 38 -36.42 18.08 2.68
N PRO A 39 -37.71 17.91 2.34
CA PRO A 39 -38.69 19.01 2.50
C PRO A 39 -38.96 19.40 3.97
N ALA A 40 -39.67 20.51 4.16
CA ALA A 40 -40.15 20.97 5.48
C ALA A 40 -40.94 22.28 5.37
N GLY A 41 -41.68 22.61 6.42
CA GLY A 41 -42.51 23.82 6.43
C GLY A 41 -41.67 25.03 6.74
N ASN A 42 -42.24 26.22 6.46
CA ASN A 42 -41.52 27.51 6.57
C ASN A 42 -40.23 27.57 5.74
N HIS A 43 -40.05 26.58 4.88
CA HIS A 43 -38.90 26.50 3.96
C HIS A 43 -39.36 26.77 2.53
N PHE A 44 -38.38 26.85 1.61
CA PHE A 44 -38.66 27.21 0.20
C PHE A 44 -38.45 26.05 -0.77
N PRO A 45 -39.49 25.72 -1.57
CA PRO A 45 -39.39 24.61 -2.51
C PRO A 45 -38.60 24.98 -3.76
N LEU A 46 -37.39 24.43 -3.87
CA LEU A 46 -36.61 24.66 -5.05
C LEU A 46 -36.69 23.46 -6.00
N VAL A 47 -36.70 22.23 -5.45
CA VAL A 47 -36.83 21.02 -6.28
C VAL A 47 -37.75 19.91 -5.71
N ALA A 48 -38.95 19.77 -6.29
CA ALA A 48 -39.95 18.79 -5.84
C ALA A 48 -39.94 17.49 -6.68
N ASN A 49 -39.26 16.47 -6.14
CA ASN A 49 -39.20 15.10 -6.69
C ASN A 49 -38.76 14.95 -8.13
N GLY A 50 -37.84 15.83 -8.53
CA GLY A 50 -37.34 15.84 -9.90
C GLY A 50 -37.83 17.03 -10.70
N VAL A 51 -38.61 17.91 -10.05
CA VAL A 51 -39.12 19.14 -10.67
C VAL A 51 -38.41 20.35 -10.09
N PRO A 52 -37.62 21.07 -10.92
CA PRO A 52 -37.00 22.32 -10.49
C PRO A 52 -38.02 23.46 -10.41
N CYS A 53 -37.52 24.68 -10.32
CA CYS A 53 -38.36 25.86 -10.31
C CYS A 53 -37.67 26.92 -11.17
N PRO A 54 -38.45 27.80 -11.83
CA PRO A 54 -37.87 28.80 -12.74
C PRO A 54 -36.92 29.82 -12.07
N ILE A 55 -36.12 30.49 -12.90
CA ILE A 55 -35.26 31.61 -12.50
C ILE A 55 -35.78 32.86 -13.24
N TYR A 56 -35.65 34.03 -12.61
CA TYR A 56 -35.92 35.29 -13.31
C TYR A 56 -34.84 36.36 -13.04
N ILE A 57 -34.16 36.81 -14.10
CA ILE A 57 -33.21 37.95 -14.06
C ILE A 57 -33.74 39.13 -14.86
N ASP A 58 -33.89 40.28 -14.21
CA ASP A 58 -34.35 41.51 -14.89
C ASP A 58 -33.30 41.97 -15.90
N SER A 59 -33.73 42.14 -17.15
CA SER A 59 -32.84 42.46 -18.27
C SER A 59 -31.96 43.73 -18.08
N SER A 60 -32.21 44.47 -17.00
CA SER A 60 -31.34 45.58 -16.59
C SER A 60 -29.99 45.13 -15.99
N GLU A 61 -29.82 43.83 -15.76
CA GLU A 61 -28.63 43.26 -15.11
C GLU A 61 -27.47 43.07 -16.07
N ASP A 62 -26.24 43.27 -15.56
CA ASP A 62 -25.04 43.03 -16.36
C ASP A 62 -25.07 41.65 -17.04
N LYS A 63 -24.41 41.56 -18.18
CA LYS A 63 -24.42 40.35 -18.96
C LYS A 63 -23.80 39.20 -18.16
N GLY A 64 -22.84 39.54 -17.30
CA GLY A 64 -22.16 38.58 -16.41
C GLY A 64 -23.10 37.84 -15.49
N VAL A 65 -24.14 38.54 -15.02
CA VAL A 65 -25.17 37.95 -14.18
C VAL A 65 -26.05 36.99 -14.99
N MET A 66 -26.42 37.37 -16.21
CA MET A 66 -27.11 36.46 -17.14
C MET A 66 -26.27 35.20 -17.37
N ILE A 67 -24.94 35.38 -17.45
CA ILE A 67 -24.05 34.24 -17.64
C ILE A 67 -24.14 33.30 -16.44
N ALA A 68 -23.85 33.84 -15.25
CA ALA A 68 -23.99 33.10 -13.97
C ALA A 68 -25.31 32.32 -13.88
N ALA A 69 -26.42 33.05 -14.06
CA ALA A 69 -27.77 32.47 -14.09
C ALA A 69 -27.88 31.37 -15.14
N GLY A 70 -27.35 31.64 -16.33
CA GLY A 70 -27.25 30.64 -17.37
C GLY A 70 -26.64 29.37 -16.84
N ASN A 71 -25.57 29.48 -16.06
CA ASN A 71 -24.93 28.30 -15.48
C ASN A 71 -25.75 27.63 -14.37
N LEU A 72 -26.38 28.45 -13.53
CA LEU A 72 -27.24 27.97 -12.42
C LEU A 72 -28.32 27.05 -12.95
N GLN A 73 -28.95 27.50 -14.03
CA GLN A 73 -29.88 26.72 -14.84
C GLN A 73 -29.34 25.34 -15.19
N GLN A 74 -28.09 25.28 -15.68
CA GLN A 74 -27.47 24.00 -16.05
C GLN A 74 -27.10 23.18 -14.82
N ASP A 75 -26.97 23.86 -13.70
CA ASP A 75 -26.56 23.20 -12.47
C ASP A 75 -27.72 22.45 -11.86
N ILE A 76 -28.86 23.13 -11.78
CA ILE A 76 -30.09 22.49 -11.40
C ILE A 76 -30.38 21.28 -12.31
N LEU A 77 -30.34 21.49 -13.62
CA LEU A 77 -30.45 20.38 -14.55
C LEU A 77 -29.62 19.18 -14.07
N GLN A 78 -28.39 19.43 -13.68
CA GLN A 78 -27.50 18.36 -13.23
C GLN A 78 -27.92 17.78 -11.89
N VAL A 79 -28.56 18.60 -11.05
CA VAL A 79 -28.94 18.23 -9.71
C VAL A 79 -30.13 17.25 -9.69
N CYS A 80 -31.24 17.64 -10.32
CA CYS A 80 -32.41 16.76 -10.39
C CYS A 80 -32.51 16.02 -11.72
N GLY A 81 -32.56 16.74 -12.83
CA GLY A 81 -32.61 16.14 -14.15
C GLY A 81 -33.50 16.89 -15.13
N LYS A 82 -34.09 17.99 -14.68
CA LYS A 82 -34.93 18.85 -15.52
C LYS A 82 -34.51 20.33 -15.44
N LYS A 83 -34.37 20.97 -16.59
CA LYS A 83 -33.86 22.34 -16.70
C LYS A 83 -34.95 23.40 -16.44
N PRO A 84 -34.72 24.34 -15.48
CA PRO A 84 -35.68 25.42 -15.17
C PRO A 84 -35.76 26.50 -16.25
N GLU A 85 -36.86 27.24 -16.30
CA GLU A 85 -37.06 28.25 -17.34
C GLU A 85 -36.55 29.63 -16.93
N LEU A 86 -35.91 30.32 -17.88
CA LEU A 86 -35.43 31.69 -17.68
C LEU A 86 -36.49 32.73 -18.07
N LEU A 87 -37.22 33.20 -17.08
CA LEU A 87 -38.41 34.01 -17.29
C LEU A 87 -38.16 35.34 -17.99
N THR A 88 -39.02 35.64 -18.96
CA THR A 88 -38.99 36.91 -19.66
C THR A 88 -39.46 38.05 -18.76
N SER A 89 -40.55 37.82 -18.04
CA SER A 89 -41.11 38.79 -17.08
C SER A 89 -41.60 38.12 -15.79
N THR A 90 -41.89 38.92 -14.76
CA THR A 90 -42.15 38.39 -13.42
C THR A 90 -43.50 37.71 -13.32
N SER A 91 -43.52 36.43 -13.68
CA SER A 91 -44.76 35.72 -14.00
C SER A 91 -44.80 34.28 -13.44
N SER A 92 -44.48 34.11 -12.16
CA SER A 92 -44.42 32.77 -11.56
C SER A 92 -44.80 32.70 -10.08
N LYS A 93 -45.19 31.50 -9.66
CA LYS A 93 -45.50 31.23 -8.25
C LYS A 93 -44.23 31.05 -7.42
N ARG A 94 -43.40 30.08 -7.81
CA ARG A 94 -42.18 29.72 -7.08
C ARG A 94 -40.96 29.81 -7.99
N CYS A 95 -40.20 30.89 -7.88
CA CYS A 95 -38.99 31.06 -8.71
C CYS A 95 -37.81 31.70 -7.97
N ILE A 96 -36.63 31.57 -8.58
CA ILE A 96 -35.42 32.24 -8.10
C ILE A 96 -35.27 33.62 -8.74
N ILE A 97 -35.04 34.63 -7.92
CA ILE A 97 -34.76 35.99 -8.38
C ILE A 97 -33.33 36.41 -7.99
N ALA A 98 -32.52 36.77 -8.98
CA ALA A 98 -31.22 37.37 -8.68
C ALA A 98 -31.09 38.75 -9.29
N GLY A 99 -30.38 39.63 -8.59
CA GLY A 99 -30.21 41.00 -9.03
C GLY A 99 -29.15 41.76 -8.25
N THR A 100 -28.84 42.97 -8.73
CA THR A 100 -27.79 43.80 -8.17
C THR A 100 -28.40 45.06 -7.59
N TYR A 101 -27.93 45.45 -6.42
CA TYR A 101 -28.30 46.73 -5.80
C TYR A 101 -28.18 47.88 -6.79
N GLY A 102 -29.28 48.59 -7.00
CA GLY A 102 -29.22 49.88 -7.71
C GLY A 102 -30.18 50.04 -8.88
N THR A 103 -30.55 48.93 -9.49
CA THR A 103 -31.51 48.94 -10.60
C THR A 103 -32.88 49.34 -10.07
N PRO A 104 -33.70 50.02 -10.90
CA PRO A 104 -35.00 50.49 -10.44
C PRO A 104 -35.84 49.34 -9.88
N PHE A 105 -35.80 48.19 -10.57
CA PHE A 105 -36.47 46.97 -10.15
C PHE A 105 -36.05 46.52 -8.75
N ILE A 106 -34.74 46.53 -8.49
CA ILE A 106 -34.20 46.08 -7.20
C ILE A 106 -34.65 46.98 -6.05
N LYS A 107 -34.53 48.29 -6.23
CA LYS A 107 -34.99 49.23 -5.22
C LYS A 107 -36.48 49.01 -4.96
N LYS A 108 -37.22 48.70 -6.03
CA LYS A 108 -38.65 48.40 -5.91
C LYS A 108 -38.88 46.94 -5.53
N LEU A 109 -37.88 46.30 -4.93
CA LEU A 109 -38.06 44.99 -4.33
C LEU A 109 -37.66 45.09 -2.86
N MET A 110 -36.57 45.80 -2.62
CA MET A 110 -36.03 45.95 -1.27
C MET A 110 -36.95 46.80 -0.40
N SER A 111 -37.65 47.74 -1.04
CA SER A 111 -38.68 48.56 -0.39
C SER A 111 -39.92 47.71 -0.13
N ALA A 112 -40.29 46.86 -1.09
CA ALA A 112 -41.31 45.82 -0.86
C ALA A 112 -40.88 44.96 0.33
N GLY A 113 -39.68 45.26 0.84
CA GLY A 113 -39.29 44.95 2.20
C GLY A 113 -38.83 43.55 2.49
N LYS A 114 -38.22 43.37 3.66
CA LYS A 114 -38.06 44.47 4.62
C LYS A 114 -36.57 44.81 4.79
N ILE A 115 -35.92 45.13 3.68
CA ILE A 115 -34.45 45.12 3.57
C ILE A 115 -33.85 46.52 3.54
N ASP A 116 -32.86 46.72 4.41
CA ASP A 116 -32.19 48.01 4.57
C ASP A 116 -31.14 48.27 3.48
N LYS A 117 -31.15 49.49 2.94
CA LYS A 117 -30.14 49.93 1.97
C LYS A 117 -28.71 49.77 2.52
N LYS A 118 -28.51 50.18 3.79
CA LYS A 118 -27.21 50.12 4.47
C LYS A 118 -26.48 48.77 4.30
N GLU A 119 -27.24 47.67 4.30
CA GLU A 119 -26.71 46.31 4.15
C GLU A 119 -25.86 46.09 2.90
N LEU A 120 -26.17 46.84 1.83
CA LEU A 120 -25.49 46.66 0.55
C LEU A 120 -24.90 47.93 -0.05
N ASP A 121 -25.56 49.07 0.16
CA ASP A 121 -25.08 50.32 -0.41
C ASP A 121 -23.63 50.55 -0.01
N GLY A 122 -22.80 50.91 -0.98
CA GLY A 122 -21.37 51.14 -0.73
C GLY A 122 -20.52 49.93 -0.38
N LYS A 123 -21.13 48.75 -0.31
CA LYS A 123 -20.43 47.51 0.01
C LYS A 123 -19.78 46.88 -1.23
N ASN A 124 -18.67 46.17 -1.03
CA ASN A 124 -17.90 45.56 -2.12
C ASN A 124 -18.05 44.04 -2.25
N GLU A 125 -18.59 43.59 -3.39
CA GLU A 125 -18.63 42.18 -3.74
C GLU A 125 -19.28 41.30 -2.69
N LYS A 126 -20.35 41.82 -2.10
CA LYS A 126 -21.17 41.16 -1.08
C LYS A 126 -22.51 40.75 -1.67
N TYR A 127 -23.16 39.76 -1.07
CA TYR A 127 -24.53 39.39 -1.45
C TYR A 127 -25.49 39.09 -0.26
N ILE A 128 -26.79 39.24 -0.49
CA ILE A 128 -27.82 38.95 0.50
C ILE A 128 -28.74 37.88 -0.08
N LEU A 129 -28.77 36.70 0.54
CA LEU A 129 -29.69 35.65 0.10
C LEU A 129 -30.83 35.42 1.12
N GLN A 130 -32.02 35.91 0.80
CA GLN A 130 -33.16 35.88 1.71
C GLN A 130 -34.44 35.48 0.97
N VAL A 131 -35.00 34.32 1.31
CA VAL A 131 -36.36 33.97 0.87
C VAL A 131 -37.31 35.10 1.24
N ILE A 132 -38.08 35.59 0.26
CA ILE A 132 -38.99 36.72 0.49
C ILE A 132 -40.40 36.42 0.00
N ALA A 133 -41.38 36.74 0.85
CA ALA A 133 -42.79 36.56 0.54
C ALA A 133 -43.34 37.79 -0.18
N ASN A 134 -44.06 37.52 -1.28
CA ASN A 134 -44.68 38.55 -2.12
C ASN A 134 -43.69 39.64 -2.60
N PRO A 135 -42.64 39.22 -3.33
CA PRO A 135 -41.54 40.13 -3.69
C PRO A 135 -41.90 41.21 -4.71
N CYS A 136 -42.83 40.89 -5.62
CA CYS A 136 -43.36 41.84 -6.63
C CYS A 136 -44.54 41.24 -7.38
N GLU A 137 -45.13 42.04 -8.27
CA GLU A 137 -46.30 41.64 -9.07
C GLU A 137 -46.12 40.31 -9.84
N GLY A 138 -46.91 39.31 -9.45
CA GLY A 138 -46.95 38.01 -10.14
C GLY A 138 -46.34 36.87 -9.35
N ILE A 139 -45.63 37.22 -8.29
CA ILE A 139 -44.81 36.26 -7.55
C ILE A 139 -45.26 36.07 -6.10
N ASP A 140 -45.59 34.83 -5.75
CA ASP A 140 -46.03 34.48 -4.39
C ASP A 140 -44.86 34.50 -3.38
N GLU A 141 -43.96 33.53 -3.48
CA GLU A 141 -42.72 33.51 -2.69
C GLU A 141 -41.51 33.15 -3.56
N ALA A 142 -40.38 33.81 -3.30
CA ALA A 142 -39.16 33.64 -4.11
C ALA A 142 -37.88 33.72 -3.28
N VAL A 143 -36.91 32.87 -3.60
CA VAL A 143 -35.55 32.95 -3.03
C VAL A 143 -34.78 34.08 -3.72
N VAL A 144 -34.34 35.06 -2.94
CA VAL A 144 -33.84 36.30 -3.51
C VAL A 144 -32.38 36.52 -3.17
N ILE A 145 -31.57 36.63 -4.22
CA ILE A 145 -30.15 36.93 -4.11
C ILE A 145 -29.91 38.35 -4.63
N ILE A 146 -29.45 39.21 -3.73
CA ILE A 146 -29.14 40.57 -4.11
C ILE A 146 -27.68 40.87 -3.81
N GLY A 147 -26.91 41.07 -4.87
CA GLY A 147 -25.51 41.46 -4.73
C GLY A 147 -25.38 42.96 -4.58
N SER A 148 -24.25 43.42 -4.04
CA SER A 148 -23.98 44.86 -3.86
C SER A 148 -23.35 45.48 -5.11
N ASP A 149 -22.93 44.62 -6.03
CA ASP A 149 -22.38 44.96 -7.33
C ASP A 149 -22.43 43.66 -8.14
N ARG A 150 -22.07 43.73 -9.43
CA ARG A 150 -22.25 42.58 -10.32
C ARG A 150 -21.57 41.29 -9.82
N ARG A 151 -20.32 41.41 -9.36
CA ARG A 151 -19.60 40.24 -8.84
C ARG A 151 -20.27 39.68 -7.59
N GLY A 152 -20.81 40.59 -6.78
CA GLY A 152 -21.56 40.23 -5.58
C GLY A 152 -22.66 39.28 -5.95
N THR A 153 -23.54 39.74 -6.85
CA THR A 153 -24.66 38.97 -7.38
C THR A 153 -24.23 37.60 -7.92
N ILE A 154 -23.12 37.58 -8.67
CA ILE A 154 -22.60 36.36 -9.25
C ILE A 154 -22.20 35.38 -8.15
N TYR A 155 -21.30 35.80 -7.25
CA TYR A 155 -20.92 34.97 -6.09
C TYR A 155 -22.13 34.45 -5.32
N GLY A 156 -23.23 35.22 -5.29
CA GLY A 156 -24.46 34.77 -4.63
C GLY A 156 -25.09 33.59 -5.35
N ILE A 157 -25.14 33.68 -6.68
CA ILE A 157 -25.67 32.64 -7.55
C ILE A 157 -24.80 31.39 -7.45
N TYR A 158 -23.48 31.57 -7.45
CA TYR A 158 -22.58 30.42 -7.38
C TYR A 158 -22.54 29.77 -5.98
N GLU A 159 -22.94 30.55 -4.97
CA GLU A 159 -23.06 30.02 -3.63
C GLU A 159 -24.23 29.06 -3.57
N LEU A 160 -25.29 29.38 -4.30
CA LEU A 160 -26.44 28.52 -4.41
C LEU A 160 -26.06 27.20 -5.09
N SER A 161 -25.30 27.28 -6.18
CA SER A 161 -24.90 26.08 -6.90
C SER A 161 -24.03 25.21 -6.04
N GLU A 162 -23.06 25.83 -5.38
CA GLU A 162 -22.08 25.11 -4.56
C GLU A 162 -22.82 24.34 -3.47
N GLN A 163 -23.72 25.04 -2.78
CA GLN A 163 -24.49 24.44 -1.71
C GLN A 163 -25.42 23.33 -2.22
N MET A 164 -25.90 23.45 -3.46
CA MET A 164 -26.72 22.38 -4.04
C MET A 164 -25.95 21.12 -4.41
N GLY A 165 -24.62 21.15 -4.32
CA GLY A 165 -23.82 20.01 -4.73
C GLY A 165 -22.97 20.24 -5.96
N VAL A 166 -23.11 21.41 -6.59
CA VAL A 166 -22.16 21.74 -7.66
C VAL A 166 -20.85 22.29 -7.11
N SER A 167 -19.85 21.42 -7.05
CA SER A 167 -18.53 21.82 -6.62
C SER A 167 -17.89 22.75 -7.65
N PRO A 168 -17.21 23.81 -7.19
CA PRO A 168 -16.47 24.63 -8.14
C PRO A 168 -15.65 23.75 -9.10
N TRP A 169 -15.24 22.57 -8.64
CA TRP A 169 -14.34 21.69 -9.36
C TRP A 169 -15.08 20.60 -10.14
N TYR A 170 -16.34 20.87 -10.43
CA TYR A 170 -17.16 19.93 -11.20
C TYR A 170 -16.66 19.62 -12.61
N TRP A 171 -16.01 20.58 -13.26
CA TRP A 171 -15.47 20.36 -14.59
C TRP A 171 -13.98 20.18 -14.51
N TRP A 172 -13.35 21.03 -13.70
CA TRP A 172 -11.89 21.06 -13.62
C TRP A 172 -11.28 19.85 -12.92
N ALA A 173 -12.08 19.13 -12.16
CA ALA A 173 -11.57 17.93 -11.50
C ALA A 173 -12.53 16.76 -11.58
N ASP A 174 -13.55 16.88 -12.44
CA ASP A 174 -14.54 15.82 -12.70
C ASP A 174 -15.36 15.43 -11.46
N VAL A 175 -15.58 16.37 -10.57
CA VAL A 175 -16.32 16.12 -9.34
C VAL A 175 -17.81 16.03 -9.58
N PRO A 176 -18.39 14.82 -9.36
CA PRO A 176 -19.81 14.51 -9.54
C PRO A 176 -20.73 15.50 -8.83
N VAL A 177 -21.96 15.60 -9.33
CA VAL A 177 -22.98 16.39 -8.70
C VAL A 177 -23.96 15.38 -8.11
N MET A 178 -24.06 15.38 -6.78
CA MET A 178 -24.92 14.45 -6.06
C MET A 178 -26.37 14.67 -6.47
N LYS A 179 -26.96 13.65 -7.09
CA LYS A 179 -28.35 13.67 -7.58
C LYS A 179 -29.31 13.98 -6.43
N GLN A 180 -30.27 14.86 -6.68
CA GLN A 180 -31.25 15.23 -5.65
C GLN A 180 -32.71 15.22 -6.11
N ALA A 181 -33.50 14.39 -5.42
CA ALA A 181 -34.95 14.42 -5.52
C ALA A 181 -35.47 15.78 -5.04
N ASN A 182 -35.53 15.97 -3.72
CA ASN A 182 -35.97 17.24 -3.14
C ASN A 182 -34.82 18.17 -2.75
N VAL A 183 -35.06 19.48 -2.82
CA VAL A 183 -34.09 20.52 -2.49
C VAL A 183 -34.83 21.76 -1.96
N TYR A 184 -34.45 22.19 -0.76
CA TYR A 184 -35.19 23.23 -0.04
C TYR A 184 -34.25 24.25 0.63
N ILE A 185 -34.74 25.46 0.85
CA ILE A 185 -33.94 26.61 1.29
C ILE A 185 -34.37 27.17 2.65
N LYS A 186 -33.51 27.02 3.67
CA LYS A 186 -33.78 27.55 5.02
C LYS A 186 -34.11 29.06 5.01
N PRO A 187 -34.87 29.55 6.02
CA PRO A 187 -35.19 30.98 6.04
C PRO A 187 -34.08 31.85 6.66
N GLY A 188 -34.29 33.15 6.69
CA GLY A 188 -33.31 34.06 7.26
C GLY A 188 -32.35 34.58 6.21
N GLN A 189 -31.57 35.57 6.61
CA GLN A 189 -30.64 36.27 5.72
C GLN A 189 -29.25 35.64 5.74
N TYR A 190 -28.66 35.47 4.55
CA TYR A 190 -27.34 34.81 4.40
C TYR A 190 -26.35 35.60 3.53
N SER A 191 -25.08 35.61 3.94
CA SER A 191 -24.04 36.36 3.26
C SER A 191 -22.64 35.79 3.53
N ASP A 192 -21.68 36.13 2.66
CA ASP A 192 -20.26 35.84 2.90
C ASP A 192 -19.53 37.11 3.34
N GLY A 193 -20.28 38.18 3.57
CA GLY A 193 -19.71 39.49 3.86
C GLY A 193 -18.97 40.03 2.64
N GLU A 194 -18.28 41.15 2.82
CA GLU A 194 -17.33 41.64 1.84
C GLU A 194 -16.07 40.78 1.90
N PRO A 195 -15.36 40.61 0.76
CA PRO A 195 -14.08 39.87 0.82
C PRO A 195 -13.05 40.74 1.51
N ALA A 196 -12.07 40.10 2.14
CA ALA A 196 -11.05 40.81 2.90
C ALA A 196 -9.94 41.35 2.00
N VAL A 197 -9.64 40.61 0.93
CA VAL A 197 -8.70 41.06 -0.10
C VAL A 197 -9.50 41.50 -1.31
N THR A 198 -9.10 42.63 -1.91
CA THR A 198 -9.84 43.25 -3.02
C THR A 198 -9.72 42.40 -4.29
N TYR A 199 -8.50 42.01 -4.64
CA TYR A 199 -8.27 41.24 -5.83
C TYR A 199 -7.65 39.91 -5.48
N ARG A 200 -8.25 38.85 -6.01
CA ARG A 200 -7.87 37.47 -5.69
C ARG A 200 -7.87 36.67 -7.00
N GLY A 201 -6.71 36.16 -7.39
CA GLY A 201 -6.56 35.68 -8.76
C GLY A 201 -5.51 34.60 -8.92
N ILE A 202 -5.35 34.13 -10.15
CA ILE A 202 -4.34 33.14 -10.46
C ILE A 202 -3.55 33.56 -11.70
N PHE A 203 -2.32 33.06 -11.78
CA PHE A 203 -1.43 33.23 -12.91
C PHE A 203 -1.22 31.82 -13.45
N LEU A 204 -1.59 31.59 -14.70
CA LEU A 204 -1.29 30.35 -15.42
C LEU A 204 0.09 30.52 -16.01
N ASN A 205 1.03 29.73 -15.49
CA ASN A 205 2.43 29.92 -15.83
C ASN A 205 3.16 28.58 -15.88
N ASP A 206 4.36 28.56 -16.45
CA ASP A 206 5.09 27.30 -16.73
C ASP A 206 4.20 26.33 -17.50
N GLU A 207 3.34 26.89 -18.33
CA GLU A 207 2.25 26.18 -18.98
C GLU A 207 2.67 25.22 -20.10
N ALA A 208 3.96 25.16 -20.44
CA ALA A 208 4.42 24.16 -21.43
C ALA A 208 5.27 23.08 -20.77
N PRO A 209 5.15 21.82 -21.21
CA PRO A 209 4.32 21.31 -22.30
C PRO A 209 2.88 20.97 -21.93
N CYS A 210 2.58 20.92 -20.63
CA CYS A 210 1.32 20.33 -20.19
C CYS A 210 0.07 21.11 -20.59
N LEU A 211 -0.15 22.27 -19.97
CA LEU A 211 -1.33 23.07 -20.25
C LEU A 211 -1.49 23.37 -21.73
N THR A 212 -0.39 23.73 -22.39
CA THR A 212 -0.43 24.07 -23.81
C THR A 212 -1.00 22.89 -24.62
N ARG A 213 -0.31 21.74 -24.57
CA ARG A 213 -0.70 20.56 -25.34
C ARG A 213 -2.05 19.94 -24.98
N TRP A 214 -2.45 20.11 -23.71
CA TRP A 214 -3.79 19.74 -23.29
C TRP A 214 -4.83 20.68 -23.95
N VAL A 215 -4.61 22.00 -23.88
CA VAL A 215 -5.52 22.96 -24.56
C VAL A 215 -5.69 22.58 -26.04
N LYS A 216 -4.59 22.36 -26.74
CA LYS A 216 -4.64 21.86 -28.11
C LYS A 216 -5.62 20.69 -28.21
N HIS A 217 -5.33 19.62 -27.48
CA HIS A 217 -6.14 18.40 -27.54
C HIS A 217 -7.60 18.66 -27.22
N THR A 218 -7.85 19.56 -26.28
CA THR A 218 -9.21 19.83 -25.88
C THR A 218 -9.95 20.79 -26.82
N TYR A 219 -9.30 21.89 -27.17
CA TYR A 219 -9.98 22.97 -27.87
C TYR A 219 -9.64 23.05 -29.34
N GLY A 220 -8.53 22.42 -29.72
CA GLY A 220 -8.10 22.37 -31.13
C GLY A 220 -7.24 23.55 -31.52
N THR A 221 -6.85 24.35 -30.54
CA THR A 221 -6.10 25.58 -30.81
C THR A 221 -4.71 25.50 -30.21
N ASN A 222 -3.72 26.04 -30.93
CA ASN A 222 -2.38 26.18 -30.37
C ASN A 222 -2.16 27.51 -29.61
N TYR A 223 -3.21 28.01 -28.98
CA TYR A 223 -3.18 29.24 -28.19
C TYR A 223 -4.49 29.21 -27.38
N GLY A 224 -4.59 30.01 -26.32
CA GLY A 224 -5.82 30.08 -25.53
C GLY A 224 -6.87 31.00 -26.14
N ASP A 225 -7.94 30.44 -26.71
CA ASP A 225 -8.99 31.26 -27.29
C ASP A 225 -10.03 31.53 -26.21
N HIS A 226 -11.10 32.24 -26.54
CA HIS A 226 -12.11 32.57 -25.53
C HIS A 226 -12.81 31.35 -24.89
N ARG A 227 -12.78 30.21 -25.56
CA ARG A 227 -13.46 29.04 -25.01
C ARG A 227 -12.69 28.47 -23.82
N PHE A 228 -11.37 28.43 -23.95
CA PHE A 228 -10.53 28.03 -22.84
C PHE A 228 -10.65 29.05 -21.72
N TYR A 229 -10.70 30.32 -22.08
CA TYR A 229 -10.72 31.34 -21.06
C TYR A 229 -12.06 31.48 -20.35
N ALA A 230 -13.14 31.08 -21.02
CA ALA A 230 -14.45 31.02 -20.36
C ALA A 230 -14.41 30.00 -19.19
N ARG A 231 -13.90 28.79 -19.45
CA ARG A 231 -13.75 27.77 -18.42
C ARG A 231 -12.90 28.22 -17.26
N VAL A 232 -11.75 28.83 -17.56
CA VAL A 232 -10.86 29.36 -16.52
C VAL A 232 -11.63 30.39 -15.68
N CYS A 233 -12.25 31.35 -16.35
CA CYS A 233 -12.98 32.38 -15.63
C CYS A 233 -14.05 31.86 -14.72
N GLU A 234 -14.86 30.94 -15.24
CA GLU A 234 -15.97 30.35 -14.50
C GLU A 234 -15.47 29.76 -13.18
N LEU A 235 -14.36 29.02 -13.26
CA LEU A 235 -13.78 28.42 -12.09
C LEU A 235 -13.44 29.52 -11.08
N ILE A 236 -12.71 30.52 -11.53
CA ILE A 236 -12.32 31.61 -10.64
C ILE A 236 -13.49 32.22 -9.84
N LEU A 237 -14.54 32.60 -10.57
CA LEU A 237 -15.72 33.22 -9.98
C LEU A 237 -16.48 32.27 -9.06
N ARG A 238 -16.40 30.97 -9.37
CA ARG A 238 -17.07 29.95 -8.57
C ARG A 238 -16.28 29.75 -7.27
N LEU A 239 -14.97 29.97 -7.35
CA LEU A 239 -14.08 29.90 -6.20
C LEU A 239 -14.12 31.23 -5.47
N LYS A 240 -14.78 32.21 -6.05
CA LYS A 240 -14.98 33.54 -5.44
C LYS A 240 -13.78 34.47 -5.66
N GLY A 241 -12.96 34.15 -6.65
CA GLY A 241 -11.89 35.02 -7.09
C GLY A 241 -12.43 36.06 -8.06
N ASN A 242 -11.52 36.89 -8.61
CA ASN A 242 -11.93 37.93 -9.54
C ASN A 242 -10.79 38.43 -10.46
N PHE A 243 -9.64 37.76 -10.42
CA PHE A 243 -8.49 38.28 -11.10
C PHE A 243 -7.71 37.17 -11.77
N LEU A 244 -7.03 37.48 -12.88
CA LEU A 244 -6.29 36.46 -13.63
C LEU A 244 -5.09 37.04 -14.34
N TRP A 245 -3.93 36.39 -14.24
CA TRP A 245 -2.84 36.67 -15.18
C TRP A 245 -2.80 35.52 -16.17
N PRO A 246 -3.08 35.80 -17.46
CA PRO A 246 -3.11 34.74 -18.45
C PRO A 246 -1.74 34.19 -18.91
N ALA A 247 -1.79 32.97 -19.43
CA ALA A 247 -0.63 32.27 -19.96
C ALA A 247 0.01 33.11 -21.05
N MET A 248 1.34 33.15 -21.02
CA MET A 248 2.09 34.20 -21.71
C MET A 248 3.49 33.77 -22.17
N TRP A 249 3.85 32.52 -21.88
CA TRP A 249 5.08 31.90 -22.41
C TRP A 249 5.13 31.96 -23.93
N SER A 250 4.03 31.59 -24.58
CA SER A 250 3.96 31.57 -26.04
C SER A 250 2.63 32.08 -26.57
N TRP A 251 1.73 32.45 -25.67
CA TRP A 251 0.46 33.02 -26.09
C TRP A 251 0.39 34.51 -25.75
N ALA A 252 -0.57 35.21 -26.37
CA ALA A 252 -0.83 36.64 -26.10
C ALA A 252 -2.31 36.80 -25.90
N PHE A 253 -2.72 36.81 -24.64
CA PHE A 253 -4.11 36.86 -24.28
C PHE A 253 -4.91 37.87 -25.10
N TYR A 254 -4.39 39.09 -25.25
CA TYR A 254 -5.15 40.20 -25.82
C TYR A 254 -5.19 40.14 -27.36
N ALA A 255 -4.13 39.62 -27.95
CA ALA A 255 -4.02 39.60 -29.42
C ALA A 255 -4.55 38.33 -30.08
N ASP A 256 -4.31 37.18 -29.48
CA ASP A 256 -4.73 35.89 -30.03
C ASP A 256 -6.21 35.79 -30.45
N ASP A 257 -7.09 36.36 -29.65
CA ASP A 257 -8.53 36.26 -29.91
C ASP A 257 -9.20 37.47 -29.27
N PRO A 258 -9.85 38.34 -30.08
CA PRO A 258 -10.46 39.62 -29.63
C PRO A 258 -11.56 39.42 -28.60
N GLN A 259 -11.99 38.18 -28.48
CA GLN A 259 -13.03 37.79 -27.53
C GLN A 259 -12.48 37.44 -26.15
N ASN A 260 -11.15 37.32 -26.05
CA ASN A 260 -10.54 36.96 -24.80
C ASN A 260 -10.88 38.00 -23.74
N SER A 261 -10.44 39.23 -23.97
CA SER A 261 -10.77 40.32 -23.06
C SER A 261 -12.29 40.49 -22.91
N LYS A 262 -13.01 40.47 -24.02
CA LYS A 262 -14.47 40.67 -23.94
C LYS A 262 -15.18 39.65 -23.03
N THR A 263 -14.80 38.38 -23.15
CA THR A 263 -15.32 37.34 -22.27
C THR A 263 -15.02 37.56 -20.78
N ALA A 264 -13.75 37.78 -20.45
CA ALA A 264 -13.36 38.04 -19.07
C ALA A 264 -14.10 39.27 -18.58
N SER A 265 -13.95 40.37 -19.33
CA SER A 265 -14.63 41.59 -18.97
C SER A 265 -16.14 41.38 -18.78
N GLU A 266 -16.77 40.67 -19.71
CA GLU A 266 -18.21 40.55 -19.60
C GLU A 266 -18.64 39.51 -18.57
N MET A 267 -17.76 38.58 -18.23
CA MET A 267 -18.08 37.56 -17.21
C MET A 267 -17.91 38.10 -15.81
N GLY A 268 -16.96 39.02 -15.64
CA GLY A 268 -16.71 39.66 -14.34
C GLY A 268 -15.26 39.58 -13.84
N VAL A 269 -14.41 38.88 -14.59
CA VAL A 269 -13.03 38.71 -14.22
C VAL A 269 -12.21 39.93 -14.63
N ILE A 270 -11.32 40.37 -13.75
CA ILE A 270 -10.40 41.44 -14.04
C ILE A 270 -9.12 40.80 -14.56
N ILE A 271 -8.53 41.38 -15.60
CA ILE A 271 -7.30 40.88 -16.19
C ILE A 271 -6.15 41.82 -15.84
N GLY A 272 -4.97 41.25 -15.64
CA GLY A 272 -3.74 42.01 -15.52
C GLY A 272 -2.65 41.21 -16.20
N THR A 273 -1.41 41.68 -16.08
CA THR A 273 -0.30 40.98 -16.69
C THR A 273 0.80 40.81 -15.65
N SER A 274 1.80 39.98 -15.95
CA SER A 274 2.88 39.73 -14.97
C SER A 274 3.84 40.89 -14.76
N HIS A 275 4.81 40.69 -13.89
CA HIS A 275 5.75 41.72 -13.44
C HIS A 275 6.71 42.16 -14.52
N HIS A 276 6.82 41.42 -15.61
CA HIS A 276 7.69 41.89 -16.69
C HIS A 276 6.91 42.24 -17.96
N GLU A 277 5.60 42.36 -17.82
CA GLU A 277 4.71 42.66 -18.94
C GLU A 277 3.97 43.98 -18.67
N PRO A 278 4.66 45.12 -18.86
CA PRO A 278 4.07 46.42 -18.48
C PRO A 278 3.06 46.97 -19.48
N MET A 279 2.10 47.75 -18.96
CA MET A 279 1.24 48.59 -19.78
C MET A 279 0.32 47.82 -20.71
N ALA A 280 -0.26 46.72 -20.19
CA ALA A 280 -1.32 45.98 -20.83
C ALA A 280 -0.94 45.31 -22.16
N ARG A 281 0.35 44.98 -22.33
CA ARG A 281 0.79 44.21 -23.50
C ARG A 281 1.35 42.87 -23.05
N ASN A 282 0.93 41.79 -23.72
CA ASN A 282 1.47 40.46 -23.45
C ASN A 282 2.88 40.34 -24.05
N HIS A 283 3.84 39.86 -23.26
CA HIS A 283 5.26 39.82 -23.68
C HIS A 283 5.51 39.27 -25.08
N GLN A 284 4.74 38.25 -25.47
CA GLN A 284 4.85 37.68 -26.81
C GLN A 284 4.48 38.68 -27.90
N GLU A 285 3.80 39.76 -27.53
CA GLU A 285 3.46 40.77 -28.51
C GLU A 285 4.73 41.46 -28.96
N TRP A 286 5.72 41.51 -28.06
CA TRP A 286 7.03 42.07 -28.36
C TRP A 286 7.87 41.06 -29.11
N SER A 287 8.00 39.85 -28.58
CA SER A 287 8.73 38.76 -29.25
C SER A 287 8.32 38.50 -30.70
N ARG A 288 7.02 38.39 -30.96
CA ARG A 288 6.52 38.13 -32.31
C ARG A 288 6.98 39.16 -33.37
N LYS A 289 7.08 40.42 -32.97
CA LYS A 289 7.47 41.51 -33.86
C LYS A 289 8.87 42.04 -33.52
N ARG A 290 9.75 41.22 -32.92
CA ARG A 290 11.08 41.67 -32.42
C ARG A 290 12.03 42.32 -33.45
N LYS A 291 12.19 41.68 -34.61
CA LYS A 291 12.95 42.25 -35.73
C LYS A 291 12.36 43.59 -36.18
N GLU A 292 11.06 43.62 -36.51
CA GLU A 292 10.33 44.84 -36.87
C GLU A 292 10.54 45.99 -35.86
N TYR A 293 10.32 45.71 -34.57
CA TYR A 293 10.56 46.68 -33.49
C TYR A 293 12.05 46.90 -33.30
N GLY A 294 12.45 47.43 -32.15
CA GLY A 294 13.86 47.63 -31.91
C GLY A 294 14.42 46.55 -31.02
N ALA A 295 14.68 46.95 -29.77
CA ALA A 295 15.34 46.14 -28.75
C ALA A 295 14.79 46.66 -27.43
N TRP A 296 14.50 45.75 -26.49
CA TRP A 296 13.87 46.14 -25.22
C TRP A 296 14.89 46.93 -24.39
N ASP A 297 15.14 48.17 -24.81
CA ASP A 297 16.07 49.08 -24.15
C ASP A 297 15.52 50.51 -24.22
N TYR A 298 15.07 51.01 -23.07
CA TYR A 298 14.32 52.26 -22.99
C TYR A 298 15.17 53.49 -23.19
N THR A 299 16.45 53.37 -22.90
CA THR A 299 17.35 54.50 -22.96
C THR A 299 17.77 54.82 -24.40
N THR A 300 17.61 53.86 -25.32
CA THR A 300 18.03 54.03 -26.72
C THR A 300 16.93 53.77 -27.74
N ASN A 301 15.72 53.45 -27.27
CA ASN A 301 14.62 53.08 -28.17
C ASN A 301 13.27 53.48 -27.59
N GLN A 302 13.32 54.53 -26.77
CA GLN A 302 12.14 55.07 -26.10
C GLN A 302 10.94 55.21 -27.04
N LYS A 303 11.17 55.67 -28.27
CA LYS A 303 10.03 56.01 -29.15
C LYS A 303 9.15 54.79 -29.44
N VAL A 304 9.78 53.66 -29.75
CA VAL A 304 9.06 52.46 -30.16
C VAL A 304 8.38 51.82 -28.95
N ILE A 305 9.07 51.86 -27.82
CA ILE A 305 8.50 51.36 -26.58
C ILE A 305 7.29 52.23 -26.17
N ASP A 306 7.49 53.54 -26.02
CA ASP A 306 6.37 54.43 -25.67
C ASP A 306 5.09 54.10 -26.45
N GLN A 307 5.24 53.75 -27.73
CA GLN A 307 4.12 53.48 -28.61
C GLN A 307 3.47 52.13 -28.28
N PHE A 308 4.32 51.12 -28.06
CA PHE A 308 3.93 49.79 -27.59
C PHE A 308 3.12 49.93 -26.31
N PHE A 309 3.70 50.65 -25.35
CA PHE A 309 3.00 50.97 -24.11
C PHE A 309 1.64 51.62 -24.39
N ARG A 310 1.64 52.67 -25.20
CA ARG A 310 0.43 53.42 -25.58
C ARG A 310 -0.69 52.54 -26.15
N GLU A 311 -0.32 51.61 -27.03
CA GLU A 311 -1.32 50.77 -27.68
C GLU A 311 -2.02 49.82 -26.69
N GLY A 312 -1.33 49.47 -25.62
CA GLY A 312 -1.87 48.60 -24.59
C GLY A 312 -2.96 49.31 -23.84
N ILE A 313 -2.68 50.54 -23.41
CA ILE A 313 -3.64 51.34 -22.65
C ILE A 313 -4.88 51.66 -23.49
N GLU A 314 -4.68 52.06 -24.74
CA GLU A 314 -5.77 52.27 -25.70
C GLU A 314 -6.71 51.05 -25.69
N ARG A 315 -6.12 49.87 -25.78
CA ARG A 315 -6.88 48.65 -25.98
C ARG A 315 -7.69 48.20 -24.75
N MET A 316 -7.18 48.48 -23.55
CA MET A 316 -7.85 48.02 -22.33
C MET A 316 -8.86 49.03 -21.76
N GLN A 317 -9.06 50.11 -22.49
CA GLN A 317 -10.15 51.04 -22.19
C GLN A 317 -11.46 50.27 -22.16
N GLY A 318 -12.36 50.67 -21.26
CA GLY A 318 -13.69 50.09 -21.16
C GLY A 318 -13.74 48.89 -20.23
N THR A 319 -12.56 48.42 -19.79
CA THR A 319 -12.42 47.23 -18.92
C THR A 319 -11.95 47.56 -17.50
N GLU A 320 -12.23 46.68 -16.55
CA GLU A 320 -11.74 46.85 -15.17
C GLU A 320 -10.25 46.50 -15.00
N ASP A 321 -9.56 46.21 -16.10
CA ASP A 321 -8.20 45.67 -16.04
C ASP A 321 -7.19 46.53 -15.27
N ILE A 322 -6.19 45.87 -14.69
CA ILE A 322 -5.18 46.55 -13.88
C ILE A 322 -3.89 46.56 -14.67
N VAL A 323 -3.20 47.71 -14.64
CA VAL A 323 -2.08 47.99 -15.54
C VAL A 323 -0.75 47.86 -14.80
N THR A 324 0.13 47.07 -15.40
CA THR A 324 1.44 46.86 -14.84
C THR A 324 2.35 48.01 -15.27
N ILE A 325 2.90 48.71 -14.29
CA ILE A 325 3.89 49.75 -14.55
C ILE A 325 5.26 49.23 -14.11
N GLY A 326 6.29 50.06 -14.25
CA GLY A 326 7.66 49.60 -14.04
C GLY A 326 8.15 48.96 -15.32
N MET A 327 9.29 48.30 -15.25
CA MET A 327 9.84 47.64 -16.44
C MET A 327 11.06 46.81 -16.06
N ARG A 328 10.94 45.50 -16.23
CA ARG A 328 12.09 44.61 -16.19
C ARG A 328 12.61 44.45 -17.62
N GLY A 329 13.36 43.38 -17.88
CA GLY A 329 14.08 43.31 -19.13
C GLY A 329 13.84 42.13 -20.06
N ASP A 330 12.72 42.15 -20.78
CA ASP A 330 12.51 41.29 -21.95
C ASP A 330 12.49 39.82 -21.57
N GLY A 331 11.48 39.44 -20.82
CA GLY A 331 11.38 38.09 -20.27
C GLY A 331 11.62 38.08 -18.78
N ASP A 332 11.81 36.90 -18.22
CA ASP A 332 12.08 36.75 -16.79
C ASP A 332 13.54 37.12 -16.53
N ALA A 333 13.81 38.42 -16.56
CA ALA A 333 15.16 38.96 -16.36
C ALA A 333 15.07 40.42 -15.95
N ALA A 334 16.18 40.96 -15.46
CA ALA A 334 16.28 42.34 -15.05
C ALA A 334 16.55 43.29 -16.23
N MET A 335 15.90 44.45 -16.20
CA MET A 335 16.42 45.62 -16.89
C MET A 335 17.08 46.42 -15.79
N SER A 336 18.40 46.60 -15.84
CA SER A 336 19.32 45.78 -16.59
C SER A 336 20.57 45.76 -15.72
N LYS A 337 21.40 44.72 -15.86
CA LYS A 337 22.75 44.68 -15.27
C LYS A 337 22.85 44.86 -13.73
N SER A 338 22.58 46.08 -13.24
CA SER A 338 22.51 46.39 -11.81
C SER A 338 21.52 47.52 -11.54
N THR A 339 21.14 47.74 -10.29
CA THR A 339 20.07 48.70 -9.97
C THR A 339 20.30 50.08 -10.58
N ASN A 340 19.34 50.51 -11.41
CA ASN A 340 19.30 51.84 -12.03
C ASN A 340 17.99 52.56 -11.67
N VAL A 341 17.93 53.08 -10.44
CA VAL A 341 16.73 53.70 -9.89
C VAL A 341 16.27 54.98 -10.62
N LYS A 342 17.21 55.83 -11.05
CA LYS A 342 16.84 57.05 -11.77
C LYS A 342 16.09 56.75 -13.08
N LEU A 343 16.60 55.80 -13.85
CA LEU A 343 16.02 55.47 -15.15
C LEU A 343 14.58 54.94 -15.04
N LEU A 344 14.35 53.99 -14.14
CA LEU A 344 13.01 53.42 -14.00
C LEU A 344 11.95 54.47 -13.61
N GLU A 345 12.41 55.52 -12.93
CA GLU A 345 11.56 56.66 -12.60
C GLU A 345 11.02 57.37 -13.85
N ASN A 346 11.85 57.46 -14.90
CA ASN A 346 11.43 58.09 -16.15
C ASN A 346 10.43 57.18 -16.83
N VAL A 347 10.73 55.88 -16.81
CA VAL A 347 9.83 54.88 -17.32
C VAL A 347 8.48 55.11 -16.67
N VAL A 348 8.46 55.16 -15.35
CA VAL A 348 7.21 55.34 -14.61
C VAL A 348 6.57 56.70 -14.93
N LYS A 349 7.35 57.79 -14.81
CA LYS A 349 6.82 59.14 -14.99
C LYS A 349 6.20 59.23 -16.36
N ASN A 350 6.85 58.59 -17.33
CA ASN A 350 6.40 58.60 -18.72
C ASN A 350 5.16 57.74 -18.97
N GLN A 351 5.07 56.61 -18.26
CA GLN A 351 3.98 55.65 -18.43
C GLN A 351 2.74 56.33 -17.94
N ARG A 352 2.86 56.93 -16.77
CA ARG A 352 1.74 57.65 -16.19
C ARG A 352 1.22 58.81 -17.05
N LYS A 353 2.12 59.44 -17.80
CA LYS A 353 1.77 60.51 -18.74
C LYS A 353 0.98 59.93 -19.92
N ILE A 354 1.41 58.77 -20.41
CA ILE A 354 0.67 58.04 -21.44
C ILE A 354 -0.77 57.67 -20.99
N ILE A 355 -0.90 57.16 -19.77
CA ILE A 355 -2.21 56.85 -19.23
C ILE A 355 -3.15 58.06 -19.35
N GLU A 356 -2.73 59.21 -18.84
CA GLU A 356 -3.55 60.43 -18.91
C GLU A 356 -3.89 60.86 -20.35
N GLU A 357 -2.91 60.74 -21.26
CA GLU A 357 -3.15 61.07 -22.66
C GLU A 357 -4.22 60.15 -23.25
N VAL A 358 -4.13 58.86 -22.97
CA VAL A 358 -5.10 57.94 -23.53
C VAL A 358 -6.45 58.03 -22.84
N THR A 359 -6.43 58.13 -21.52
CA THR A 359 -7.68 58.12 -20.77
C THR A 359 -8.32 59.49 -20.72
N LYS A 360 -7.52 60.52 -21.01
CA LYS A 360 -7.89 61.93 -20.85
C LYS A 360 -8.43 62.17 -19.42
N ARG A 361 -7.79 61.47 -18.48
CA ARG A 361 -8.08 61.51 -17.04
C ARG A 361 -6.78 61.47 -16.26
N PRO A 362 -6.82 61.78 -14.94
CA PRO A 362 -5.63 61.59 -14.10
C PRO A 362 -5.25 60.13 -13.94
N ALA A 363 -3.95 59.86 -14.03
CA ALA A 363 -3.35 58.55 -13.85
C ALA A 363 -3.91 57.75 -12.67
N LYS A 364 -4.17 58.45 -11.56
CA LYS A 364 -4.61 57.81 -10.32
C LYS A 364 -5.97 57.16 -10.46
N GLU A 365 -6.63 57.40 -11.59
CA GLU A 365 -7.93 56.80 -11.84
C GLU A 365 -7.87 55.50 -12.64
N THR A 366 -6.67 55.16 -13.12
CA THR A 366 -6.43 53.90 -13.79
C THR A 366 -5.69 52.95 -12.86
N PRO A 367 -6.33 51.83 -12.48
CA PRO A 367 -5.69 50.88 -11.54
C PRO A 367 -4.29 50.45 -12.02
N GLN A 368 -3.31 50.57 -11.14
CA GLN A 368 -1.93 50.28 -11.49
C GLN A 368 -1.27 49.38 -10.48
N VAL A 369 -0.25 48.66 -10.94
CA VAL A 369 0.51 47.72 -10.12
C VAL A 369 1.99 47.86 -10.41
N TRP A 370 2.78 47.92 -9.34
CA TRP A 370 4.20 47.81 -9.45
C TRP A 370 4.63 46.59 -8.65
N ALA A 371 5.21 45.61 -9.33
CA ALA A 371 5.58 44.34 -8.72
C ALA A 371 7.05 44.28 -8.37
N LEU A 372 7.34 44.03 -7.09
CA LEU A 372 8.71 44.00 -6.58
C LEU A 372 9.29 42.58 -6.60
N TYR A 373 9.38 42.02 -7.80
CA TYR A 373 9.74 40.62 -8.00
C TYR A 373 11.23 40.52 -8.23
N LYS A 374 11.86 39.53 -7.59
CA LYS A 374 13.30 39.30 -7.69
C LYS A 374 14.10 40.60 -7.49
N GLU A 375 14.89 41.03 -8.49
CA GLU A 375 15.78 42.22 -8.37
C GLU A 375 15.10 43.56 -8.13
N VAL A 376 13.84 43.67 -8.51
CA VAL A 376 13.13 44.94 -8.38
C VAL A 376 13.04 45.39 -6.90
N LEU A 377 13.39 44.48 -6.00
CA LEU A 377 13.31 44.79 -4.58
C LEU A 377 14.49 45.68 -4.13
N ASP A 378 15.68 45.53 -4.73
CA ASP A 378 16.80 46.42 -4.41
C ASP A 378 16.46 47.84 -4.79
N TYR A 379 15.55 47.99 -5.77
CA TYR A 379 15.10 49.29 -6.20
C TYR A 379 14.41 50.04 -5.06
N TYR A 380 13.34 49.44 -4.54
CA TYR A 380 12.63 50.01 -3.43
C TYR A 380 13.56 50.22 -2.24
N ASP A 381 14.50 49.29 -2.03
CA ASP A 381 15.50 49.43 -0.97
C ASP A 381 16.44 50.61 -1.22
N LYS A 382 16.94 50.74 -2.45
CA LYS A 382 17.78 51.88 -2.80
C LYS A 382 16.97 53.18 -2.82
N GLY A 383 15.69 53.07 -2.44
CA GLY A 383 14.81 54.21 -2.21
C GLY A 383 13.81 54.62 -3.29
N MET A 384 13.60 53.82 -4.34
CA MET A 384 12.61 54.22 -5.35
C MET A 384 11.16 54.19 -4.86
N ARG A 385 10.37 55.17 -5.26
CA ARG A 385 8.98 55.19 -4.87
C ARG A 385 8.05 55.48 -6.06
N VAL A 386 6.77 55.13 -5.91
CA VAL A 386 5.76 55.43 -6.92
C VAL A 386 4.54 56.15 -6.29
N PRO A 387 3.65 56.72 -7.13
CA PRO A 387 2.57 57.52 -6.58
C PRO A 387 1.66 56.73 -5.66
N ASP A 388 1.07 57.45 -4.71
CA ASP A 388 0.27 56.87 -3.65
C ASP A 388 -0.71 55.80 -4.07
N ASP A 389 -1.13 55.84 -5.34
CA ASP A 389 -2.30 55.07 -5.81
C ASP A 389 -1.96 53.68 -6.36
N VAL A 390 -0.73 53.51 -6.85
CA VAL A 390 -0.28 52.24 -7.42
C VAL A 390 -0.30 51.15 -6.34
N ILE A 391 -0.71 49.93 -6.72
CA ILE A 391 -0.67 48.79 -5.81
C ILE A 391 0.75 48.26 -5.75
N MET A 392 1.31 48.27 -4.54
CA MET A 392 2.67 47.78 -4.30
C MET A 392 2.67 46.25 -4.19
N LEU A 393 2.93 45.57 -5.29
CA LEU A 393 2.88 44.12 -5.28
C LEU A 393 4.20 43.51 -4.78
N LEU A 394 4.14 43.05 -3.54
CA LEU A 394 5.26 42.36 -2.93
C LEU A 394 5.22 40.91 -3.37
N CYS A 395 6.34 40.22 -3.19
CA CYS A 395 6.51 38.88 -3.74
C CYS A 395 7.11 37.87 -2.76
N ASP A 396 6.66 36.61 -2.87
CA ASP A 396 7.32 35.48 -2.23
C ASP A 396 8.63 35.11 -2.94
N ASP A 397 9.42 34.24 -2.32
CA ASP A 397 10.70 33.78 -2.85
C ASP A 397 10.62 32.76 -4.02
N ASN A 398 9.44 32.63 -4.62
CA ASN A 398 9.14 31.55 -5.58
C ASN A 398 8.94 30.17 -4.94
N TRP A 399 9.18 30.07 -3.63
CA TRP A 399 9.05 28.82 -2.89
C TRP A 399 8.19 28.94 -1.64
N GLY A 400 7.26 29.89 -1.61
CA GLY A 400 6.28 29.91 -0.56
C GLY A 400 6.57 30.84 0.59
N ASN A 401 7.79 31.35 0.68
CA ASN A 401 8.16 32.30 1.74
C ASN A 401 8.13 33.76 1.32
N VAL A 402 7.31 34.55 2.01
CA VAL A 402 7.19 35.99 1.71
C VAL A 402 8.49 36.72 1.99
N CYS A 403 8.92 37.49 0.99
CA CYS A 403 10.17 38.27 1.05
C CYS A 403 10.20 39.48 1.98
N ARG A 404 9.13 40.27 1.96
CA ARG A 404 9.08 41.55 2.66
C ARG A 404 7.64 41.85 2.95
N LEU A 405 7.42 42.69 3.94
CA LEU A 405 6.09 43.16 4.26
C LEU A 405 6.16 44.63 4.72
N PRO A 406 5.08 45.40 4.50
CA PRO A 406 5.13 46.78 4.93
C PRO A 406 5.40 46.89 6.44
N ASN A 407 6.06 47.98 6.83
CA ASN A 407 6.11 48.39 8.23
C ASN A 407 4.91 49.31 8.55
N ALA A 408 4.92 49.91 9.74
CA ALA A 408 3.81 50.73 10.24
C ALA A 408 3.43 51.85 9.28
N LYS A 409 4.40 52.72 8.98
CA LYS A 409 4.22 53.84 8.07
C LYS A 409 3.80 53.38 6.66
N GLU A 410 4.44 52.33 6.16
CA GLU A 410 4.23 51.85 4.78
C GLU A 410 2.82 51.30 4.54
N ARG A 411 2.30 50.61 5.54
CA ARG A 411 0.95 50.04 5.53
C ARG A 411 -0.11 51.12 5.27
N LYS A 412 0.30 52.39 5.46
CA LYS A 412 -0.58 53.55 5.26
C LYS A 412 -0.52 54.10 3.82
N HIS A 413 0.09 53.32 2.92
CA HIS A 413 0.22 53.66 1.50
C HIS A 413 -1.11 53.40 0.77
N PRO A 414 -1.82 54.47 0.36
CA PRO A 414 -3.26 54.46 0.00
C PRO A 414 -3.66 53.51 -1.13
N GLY A 415 -2.72 53.18 -2.00
CA GLY A 415 -2.99 52.29 -3.12
C GLY A 415 -3.09 50.85 -2.69
N GLY A 416 -2.41 50.54 -1.58
CA GLY A 416 -2.43 49.22 -0.94
C GLY A 416 -1.26 48.33 -1.33
N TRP A 417 -1.15 47.20 -0.63
CA TRP A 417 -0.15 46.18 -0.91
C TRP A 417 -0.76 44.85 -1.43
N GLY A 418 0.08 44.08 -2.13
CA GLY A 418 -0.34 42.80 -2.66
C GLY A 418 0.75 41.76 -2.52
N MET A 419 0.40 40.50 -2.79
CA MET A 419 1.34 39.37 -2.67
C MET A 419 1.31 38.38 -3.84
N TYR A 420 2.46 38.25 -4.50
CA TYR A 420 2.63 37.26 -5.55
C TYR A 420 3.24 35.98 -4.96
N TYR A 421 2.35 34.99 -4.80
CA TYR A 421 2.66 33.69 -4.19
C TYR A 421 2.79 32.57 -5.25
N HIS A 422 3.72 31.64 -5.01
CA HIS A 422 4.03 30.50 -5.90
C HIS A 422 3.68 29.09 -5.36
N VAL A 423 3.02 28.26 -6.19
CA VAL A 423 2.94 26.79 -5.95
C VAL A 423 3.57 25.96 -7.08
N ASP A 424 4.20 26.65 -8.02
CA ASP A 424 4.88 26.03 -9.18
C ASP A 424 5.96 27.03 -9.55
N TYR A 425 7.12 26.55 -10.02
CA TYR A 425 8.22 27.46 -10.37
C TYR A 425 9.21 26.93 -11.38
N VAL A 426 9.50 27.74 -12.39
CA VAL A 426 10.65 27.47 -13.26
C VAL A 426 11.78 28.40 -12.81
N GLY A 427 12.95 27.81 -12.55
CA GLY A 427 14.09 28.59 -12.05
C GLY A 427 14.93 27.86 -11.02
N ALA A 428 15.61 28.62 -10.16
CA ALA A 428 16.63 28.11 -9.26
C ALA A 428 16.07 27.56 -7.93
N PRO A 429 16.75 26.56 -7.33
CA PRO A 429 17.91 25.82 -7.81
C PRO A 429 17.50 24.72 -8.78
N ARG A 430 16.20 24.47 -8.88
CA ARG A 430 15.66 23.58 -9.90
C ARG A 430 14.16 23.75 -10.06
N ASN A 431 13.67 23.44 -11.25
CA ASN A 431 12.24 23.53 -11.56
C ASN A 431 11.39 22.69 -10.64
N SER A 432 10.18 23.15 -10.39
CA SER A 432 9.17 22.42 -9.69
C SER A 432 7.96 22.51 -10.60
N LYS A 433 7.85 21.60 -11.56
CA LYS A 433 6.82 21.74 -12.59
C LYS A 433 5.74 20.67 -12.52
N TRP A 434 6.05 19.62 -11.74
CA TRP A 434 5.37 18.35 -11.81
C TRP A 434 4.13 18.25 -10.93
N LEU A 435 4.32 18.18 -9.61
CA LEU A 435 3.20 17.90 -8.70
C LEU A 435 3.05 18.96 -7.59
N ASN A 436 1.87 19.01 -6.97
CA ASN A 436 1.66 19.83 -5.77
C ASN A 436 2.73 19.44 -4.74
N VAL A 437 3.43 20.45 -4.24
CA VAL A 437 4.53 20.23 -3.32
C VAL A 437 4.44 21.22 -2.17
N THR A 438 3.28 21.88 -2.03
CA THR A 438 3.05 22.83 -0.93
C THR A 438 2.35 22.19 0.27
N PRO A 439 3.07 22.03 1.40
CA PRO A 439 2.35 21.58 2.60
C PRO A 439 1.21 22.52 2.91
N ILE A 440 0.13 22.00 3.43
CA ILE A 440 -1.03 22.81 3.71
C ILE A 440 -0.64 23.89 4.73
N GLN A 441 0.21 23.51 5.66
CA GLN A 441 0.62 24.39 6.74
C GLN A 441 1.41 25.61 6.26
N ASN A 442 2.27 25.42 5.26
CA ASN A 442 3.10 26.52 4.76
C ASN A 442 2.27 27.63 4.16
N MET A 443 1.38 27.27 3.25
CA MET A 443 0.57 28.27 2.58
C MET A 443 -0.13 29.07 3.66
N TRP A 444 -0.76 28.37 4.59
CA TRP A 444 -1.54 29.01 5.62
C TRP A 444 -0.69 29.90 6.54
N GLU A 445 0.44 29.37 7.01
CA GLU A 445 1.27 30.11 7.96
C GLU A 445 1.87 31.37 7.31
N GLN A 446 2.28 31.28 6.04
CA GLN A 446 2.74 32.46 5.32
C GLN A 446 1.64 33.48 4.99
N LEU A 447 0.45 33.01 4.59
CA LEU A 447 -0.65 33.93 4.27
C LEU A 447 -1.33 34.58 5.48
N GLN A 448 -1.34 33.91 6.64
CA GLN A 448 -1.91 34.54 7.83
C GLN A 448 -0.95 35.67 8.19
N LEU A 449 0.35 35.43 8.04
CA LEU A 449 1.35 36.46 8.21
C LEU A 449 1.11 37.65 7.26
N THR A 450 1.10 37.37 5.97
CA THR A 450 0.90 38.41 4.98
C THR A 450 -0.27 39.28 5.41
N TYR A 451 -1.40 38.64 5.70
CA TYR A 451 -2.59 39.37 6.07
C TYR A 451 -2.44 40.25 7.31
N ASP A 452 -1.93 39.67 8.39
CA ASP A 452 -1.66 40.42 9.63
C ASP A 452 -0.84 41.71 9.44
N TYR A 453 0.06 41.73 8.44
CA TYR A 453 0.84 42.92 8.14
C TYR A 453 0.14 43.84 7.12
N GLY A 454 -1.18 43.69 6.99
CA GLY A 454 -1.97 44.57 6.14
C GLY A 454 -1.62 44.55 4.65
N VAL A 455 -1.22 43.39 4.14
CA VAL A 455 -1.18 43.21 2.72
C VAL A 455 -2.54 42.67 2.33
N GLU A 456 -3.41 43.56 1.82
CA GLU A 456 -4.79 43.16 1.60
C GLU A 456 -5.46 43.73 0.34
N LYS A 457 -4.67 44.20 -0.64
CA LYS A 457 -5.24 44.66 -1.90
C LYS A 457 -5.27 43.58 -2.99
N LEU A 458 -4.18 42.81 -3.13
CA LEU A 458 -4.07 41.86 -4.24
C LEU A 458 -3.25 40.59 -3.94
N TRP A 459 -3.88 39.43 -4.05
CA TRP A 459 -3.20 38.16 -3.93
C TRP A 459 -3.30 37.42 -5.25
N ILE A 460 -2.17 37.03 -5.81
CA ILE A 460 -2.14 36.26 -7.05
C ILE A 460 -1.24 35.05 -6.80
N LEU A 461 -1.69 33.86 -7.22
CA LEU A 461 -0.89 32.64 -7.09
C LEU A 461 -0.50 32.05 -8.43
N ASN A 462 0.78 31.76 -8.57
CA ASN A 462 1.28 31.09 -9.77
C ASN A 462 0.91 29.63 -9.63
N VAL A 463 0.00 29.17 -10.49
CA VAL A 463 -0.62 27.83 -10.37
C VAL A 463 -0.07 26.80 -11.34
N GLY A 464 0.99 27.15 -12.06
CA GLY A 464 1.51 26.29 -13.15
C GLY A 464 0.45 26.02 -14.22
N ASP A 465 0.13 24.75 -14.43
CA ASP A 465 -0.88 24.34 -15.40
C ASP A 465 -2.27 24.25 -14.78
N LEU A 466 -2.47 24.89 -13.64
CA LEU A 466 -3.71 24.78 -12.86
C LEU A 466 -3.75 23.40 -12.20
N LYS A 467 -3.86 22.34 -12.98
CA LYS A 467 -3.72 20.99 -12.45
C LYS A 467 -2.23 20.73 -12.24
N PRO A 468 -1.82 20.02 -11.14
CA PRO A 468 -2.62 19.41 -10.10
C PRO A 468 -2.64 20.25 -8.82
N MET A 469 -2.90 21.55 -8.96
CA MET A 469 -2.85 22.43 -7.80
C MET A 469 -4.25 22.78 -7.32
N GLU A 470 -5.21 21.95 -7.68
CA GLU A 470 -6.58 22.18 -7.30
C GLU A 470 -6.74 22.46 -5.82
N TYR A 471 -6.07 21.68 -4.98
CA TYR A 471 -6.21 21.95 -3.55
C TYR A 471 -5.64 23.33 -3.15
N PRO A 472 -4.31 23.55 -3.34
CA PRO A 472 -3.69 24.80 -2.90
C PRO A 472 -4.39 26.02 -3.44
N ILE A 473 -4.89 25.93 -4.68
CA ILE A 473 -5.70 27.02 -5.24
C ILE A 473 -6.85 27.35 -4.28
N THR A 474 -7.63 26.35 -3.88
CA THR A 474 -8.86 26.55 -3.10
C THR A 474 -8.54 27.14 -1.74
N LEU A 475 -7.51 26.60 -1.09
CA LEU A 475 -7.02 27.16 0.17
C LEU A 475 -6.63 28.63 -0.02
N PHE A 476 -5.94 28.94 -1.12
CA PHE A 476 -5.55 30.29 -1.43
C PHE A 476 -6.78 31.19 -1.54
N MET A 477 -7.73 30.78 -2.37
CA MET A 477 -8.93 31.59 -2.61
C MET A 477 -9.81 31.74 -1.39
N ASP A 478 -9.91 30.67 -0.58
CA ASP A 478 -10.71 30.73 0.64
C ASP A 478 -10.04 31.60 1.70
N MET A 479 -8.72 31.52 1.81
CA MET A 479 -8.03 32.41 2.72
C MET A 479 -8.22 33.84 2.22
N ALA A 480 -8.01 34.06 0.93
CA ALA A 480 -8.12 35.37 0.30
C ALA A 480 -9.41 36.08 0.68
N TRP A 481 -10.51 35.36 0.57
CA TRP A 481 -11.80 35.87 0.97
C TRP A 481 -11.87 36.30 2.43
N ASN A 482 -11.30 35.49 3.32
CA ASN A 482 -11.52 35.69 4.74
C ASN A 482 -10.43 35.02 5.58
N PRO A 483 -9.26 35.67 5.72
CA PRO A 483 -8.13 35.00 6.38
C PRO A 483 -8.34 34.74 7.88
N LYS A 484 -9.21 35.51 8.52
CA LYS A 484 -9.46 35.36 9.95
C LYS A 484 -10.56 34.33 10.27
N GLN A 485 -10.88 33.52 9.26
CA GLN A 485 -11.74 32.34 9.35
C GLN A 485 -10.84 31.18 9.80
N PHE A 486 -9.54 31.39 9.71
CA PHE A 486 -8.55 30.34 9.89
C PHE A 486 -7.67 30.60 11.10
N ASN A 487 -7.41 29.54 11.86
CA ASN A 487 -6.40 29.53 12.92
C ASN A 487 -5.80 28.15 13.01
N VAL A 488 -4.69 28.03 13.73
CA VAL A 488 -3.95 26.78 13.84
C VAL A 488 -4.85 25.63 14.27
N SER A 489 -5.86 25.95 15.07
CA SER A 489 -6.72 24.93 15.65
C SER A 489 -7.72 24.31 14.64
N ASN A 490 -8.33 25.15 13.79
CA ASN A 490 -9.29 24.65 12.79
C ASN A 490 -8.76 24.60 11.34
N LEU A 491 -7.49 24.92 11.16
CA LEU A 491 -6.86 24.84 9.84
C LEU A 491 -7.34 23.61 9.08
N LEU A 492 -7.12 22.43 9.66
CA LEU A 492 -7.39 21.16 8.98
C LEU A 492 -8.85 20.89 8.65
N ASP A 493 -9.76 21.75 9.09
CA ASP A 493 -11.16 21.63 8.75
C ASP A 493 -11.41 22.10 7.34
N HIS A 494 -10.45 22.80 6.78
CA HIS A 494 -10.63 23.33 5.43
C HIS A 494 -10.41 22.23 4.39
N PRO A 495 -9.29 21.49 4.48
CA PRO A 495 -9.21 20.39 3.52
C PRO A 495 -10.25 19.30 3.79
N ARG A 496 -10.84 19.34 4.98
CA ARG A 496 -11.90 18.40 5.32
C ARG A 496 -13.17 18.78 4.57
N ARG A 497 -13.58 20.04 4.66
CA ARG A 497 -14.73 20.54 3.91
C ARG A 497 -14.50 20.33 2.41
N PHE A 498 -13.25 20.50 2.00
CA PHE A 498 -12.82 20.23 0.63
C PHE A 498 -13.08 18.78 0.19
N CYS A 499 -12.61 17.82 0.98
CA CYS A 499 -12.77 16.41 0.63
C CYS A 499 -14.22 15.93 0.68
N ALA A 500 -15.02 16.49 1.60
CA ALA A 500 -16.45 16.18 1.73
C ALA A 500 -17.12 16.56 0.44
N GLN A 501 -16.91 17.81 0.05
CA GLN A 501 -17.44 18.36 -1.19
C GLN A 501 -17.02 17.57 -2.43
N GLN A 502 -15.80 17.04 -2.41
CA GLN A 502 -15.26 16.36 -3.59
C GLN A 502 -15.54 14.84 -3.60
N PHE A 503 -15.62 14.24 -2.42
CA PHE A 503 -15.69 12.79 -2.34
C PHE A 503 -16.87 12.25 -1.58
N GLY A 504 -17.68 13.15 -1.01
CA GLY A 504 -18.82 12.71 -0.25
C GLY A 504 -18.44 12.62 1.21
N GLU A 505 -19.40 12.97 2.07
CA GLU A 505 -19.18 13.07 3.50
C GLU A 505 -18.47 11.84 4.07
N ASP A 506 -18.91 10.65 3.63
CA ASP A 506 -18.39 9.40 4.19
C ASP A 506 -16.91 9.09 3.88
N GLN A 507 -16.27 9.86 2.99
CA GLN A 507 -14.86 9.61 2.67
C GLN A 507 -13.98 10.81 3.04
N ALA A 508 -14.60 11.83 3.64
CA ALA A 508 -13.93 13.10 3.92
C ALA A 508 -12.69 12.92 4.80
N ASP A 509 -12.89 12.43 6.03
CA ASP A 509 -11.82 12.28 7.03
C ASP A 509 -10.59 11.58 6.54
N GLU A 510 -10.80 10.44 5.91
CA GLU A 510 -9.68 9.65 5.42
C GLU A 510 -9.00 10.37 4.24
N ALA A 511 -9.80 10.87 3.30
CA ALA A 511 -9.23 11.55 2.14
C ALA A 511 -8.40 12.75 2.60
N MET A 512 -8.88 13.45 3.63
CA MET A 512 -8.20 14.61 4.17
C MET A 512 -6.86 14.21 4.81
N ARG A 513 -6.87 13.11 5.55
CA ARG A 513 -5.65 12.62 6.21
C ARG A 513 -4.58 12.38 5.16
N ILE A 514 -4.97 11.80 4.02
CA ILE A 514 -4.04 11.49 2.93
C ILE A 514 -3.58 12.76 2.20
N LEU A 515 -4.50 13.71 2.02
CA LEU A 515 -4.19 14.97 1.36
C LEU A 515 -3.17 15.73 2.17
N ASN A 516 -3.44 15.89 3.47
CA ASN A 516 -2.50 16.54 4.36
C ASN A 516 -1.13 15.90 4.32
N LEU A 517 -1.08 14.60 4.55
CA LEU A 517 0.20 13.90 4.63
C LEU A 517 1.00 13.92 3.32
N TYR A 518 0.33 13.70 2.18
CA TYR A 518 1.04 13.69 0.89
C TYR A 518 1.57 15.10 0.57
N SER A 519 0.78 16.13 0.85
CA SER A 519 1.25 17.50 0.72
C SER A 519 2.54 17.68 1.52
N LYS A 520 2.50 17.22 2.77
CA LYS A 520 3.65 17.31 3.68
C LYS A 520 4.86 16.56 3.16
N TYR A 521 4.72 15.29 2.82
CA TYR A 521 5.84 14.53 2.28
C TYR A 521 6.49 15.27 1.11
N ASN A 522 5.66 15.72 0.19
CA ASN A 522 6.13 16.42 -0.99
C ASN A 522 6.84 17.71 -0.65
N GLY A 523 6.44 18.37 0.43
CA GLY A 523 7.19 19.50 0.96
C GLY A 523 8.65 19.19 1.29
N ARG A 524 8.93 17.99 1.77
CA ARG A 524 10.31 17.65 2.16
C ARG A 524 11.28 17.89 1.03
N VAL A 525 10.85 17.53 -0.17
CA VAL A 525 11.71 17.60 -1.35
C VAL A 525 10.88 17.38 -2.60
N THR A 526 11.20 18.15 -3.63
CA THR A 526 10.47 18.06 -4.88
C THR A 526 10.87 16.79 -5.65
N GLY A 527 9.97 16.33 -6.50
CA GLY A 527 10.23 15.24 -7.44
C GLY A 527 11.48 15.44 -8.28
N GLU A 528 11.70 16.68 -8.71
CA GLU A 528 12.87 17.08 -9.51
C GLU A 528 14.15 17.01 -8.68
N MET A 529 14.07 17.39 -7.41
CA MET A 529 15.29 17.46 -6.61
C MET A 529 15.62 16.15 -5.89
N LEU A 530 14.61 15.30 -5.68
CA LEU A 530 14.82 13.98 -5.08
C LEU A 530 15.77 13.14 -5.92
N ASP A 531 16.78 12.56 -5.28
CA ASP A 531 17.65 11.61 -5.96
C ASP A 531 18.24 10.61 -4.96
N ARG A 532 19.02 9.64 -5.45
CA ARG A 532 19.53 8.58 -4.59
C ARG A 532 20.24 9.06 -3.30
N ASN A 533 20.63 10.33 -3.25
CA ASN A 533 21.41 10.84 -2.13
C ASN A 533 20.62 11.72 -1.15
N THR A 534 19.36 11.98 -1.46
CA THR A 534 18.55 12.82 -0.59
C THR A 534 18.58 12.30 0.86
N TYR A 535 18.23 11.04 1.09
CA TYR A 535 18.14 10.51 2.45
C TYR A 535 19.35 9.69 2.90
N ASN A 536 19.52 9.55 4.21
CA ASN A 536 20.59 8.72 4.71
C ASN A 536 20.23 7.23 4.58
N LEU A 537 21.04 6.52 3.81
CA LEU A 537 20.84 5.09 3.60
C LEU A 537 21.25 4.28 4.83
N GLU A 538 22.54 4.29 5.16
CA GLU A 538 23.11 3.64 6.37
C GLU A 538 22.25 3.68 7.64
N THR A 539 21.55 4.76 7.91
CA THR A 539 20.78 4.84 9.15
C THR A 539 19.40 4.28 9.01
N GLY A 540 19.02 3.91 7.81
CA GLY A 540 17.66 3.42 7.58
C GLY A 540 16.61 4.49 7.36
N GLU A 541 17.03 5.73 7.22
CA GLU A 541 16.09 6.83 6.97
C GLU A 541 15.48 6.70 5.58
N TRP A 542 16.31 6.38 4.59
CA TRP A 542 15.81 6.09 3.26
C TRP A 542 14.67 5.04 3.34
N LYS A 543 14.99 3.87 3.91
CA LYS A 543 14.01 2.79 4.06
C LYS A 543 12.73 3.29 4.69
N GLN A 544 12.91 4.06 5.76
CA GLN A 544 11.78 4.62 6.48
C GLN A 544 10.87 5.40 5.51
N VAL A 545 11.43 6.32 4.73
CA VAL A 545 10.57 7.24 3.98
C VAL A 545 9.93 6.54 2.80
N SER A 546 10.67 5.59 2.25
CA SER A 546 10.17 4.76 1.18
C SER A 546 8.97 3.90 1.58
N ASP A 547 9.06 3.29 2.76
CA ASP A 547 7.99 2.44 3.27
C ASP A 547 6.77 3.25 3.65
N GLU A 548 7.01 4.44 4.19
CA GLU A 548 5.92 5.28 4.64
C GLU A 548 5.05 5.76 3.50
N TYR A 549 5.66 6.09 2.37
CA TYR A 549 4.89 6.48 1.20
C TYR A 549 4.12 5.30 0.59
N LEU A 550 4.67 4.09 0.60
CA LEU A 550 3.92 2.93 0.05
C LEU A 550 2.79 2.53 1.00
N LYS A 551 3.05 2.67 2.31
CA LYS A 551 1.96 2.63 3.27
C LYS A 551 0.88 3.63 2.87
N LEU A 552 1.27 4.86 2.55
CA LEU A 552 0.27 5.85 2.19
C LEU A 552 -0.47 5.39 0.92
N GLU A 553 0.29 4.92 -0.08
CA GLU A 553 -0.28 4.39 -1.31
C GLU A 553 -1.29 3.29 -1.00
N ALA A 554 -0.86 2.33 -0.18
CA ALA A 554 -1.73 1.25 0.27
C ALA A 554 -3.03 1.80 0.82
N GLU A 555 -2.95 2.84 1.64
CA GLU A 555 -4.14 3.39 2.31
C GLU A 555 -5.06 4.08 1.31
N ALA A 556 -4.47 4.66 0.28
CA ALA A 556 -5.23 5.40 -0.72
C ALA A 556 -5.89 4.45 -1.72
N LEU A 557 -5.19 3.37 -2.06
CA LEU A 557 -5.80 2.29 -2.86
C LEU A 557 -7.04 1.73 -2.18
N ARG A 558 -6.90 1.42 -0.88
CA ARG A 558 -8.06 1.00 -0.07
C ARG A 558 -9.22 1.93 -0.31
N GLN A 559 -9.03 3.21 0.00
CA GLN A 559 -10.08 4.21 -0.11
C GLN A 559 -10.62 4.27 -1.54
N TYR A 560 -9.72 4.27 -2.52
CA TYR A 560 -10.07 4.27 -3.93
C TYR A 560 -11.05 3.17 -4.31
N ILE A 561 -10.71 1.91 -4.00
CA ILE A 561 -11.54 0.76 -4.40
C ILE A 561 -12.89 0.75 -3.65
N SER A 562 -12.95 1.52 -2.56
CA SER A 562 -14.16 1.60 -1.74
C SER A 562 -15.15 2.66 -2.24
N LEU A 563 -14.81 3.36 -3.33
CA LEU A 563 -15.60 4.52 -3.80
C LEU A 563 -16.71 4.14 -4.78
N LYS A 564 -17.84 4.87 -4.73
CA LYS A 564 -18.88 4.74 -5.75
C LYS A 564 -18.28 5.23 -7.06
N PRO A 565 -18.63 4.60 -8.19
CA PRO A 565 -17.69 4.72 -9.34
C PRO A 565 -17.61 6.14 -9.95
N GLU A 566 -18.51 7.02 -9.54
CA GLU A 566 -18.53 8.36 -10.09
C GLU A 566 -17.36 9.22 -9.55
N TYR A 567 -16.84 8.83 -8.38
CA TYR A 567 -15.77 9.60 -7.73
C TYR A 567 -14.37 9.14 -8.11
N LYS A 568 -14.29 8.02 -8.80
CA LYS A 568 -12.99 7.43 -9.08
C LYS A 568 -12.03 8.40 -9.79
N ASP A 569 -12.55 9.11 -10.79
CA ASP A 569 -11.76 10.03 -11.59
C ASP A 569 -11.19 11.20 -10.75
N ALA A 570 -12.06 11.90 -10.05
CA ALA A 570 -11.65 12.96 -9.12
C ALA A 570 -10.58 12.43 -8.16
N TYR A 571 -10.93 11.39 -7.39
CA TYR A 571 -10.01 10.88 -6.38
C TYR A 571 -8.66 10.54 -6.97
N LYS A 572 -8.63 10.04 -8.21
CA LYS A 572 -7.35 9.79 -8.88
C LYS A 572 -6.59 11.09 -9.13
N GLN A 573 -7.33 12.11 -9.53
CA GLN A 573 -6.76 13.37 -9.89
C GLN A 573 -6.26 14.05 -8.64
N LEU A 574 -7.07 14.02 -7.58
CA LEU A 574 -6.79 14.79 -6.38
C LEU A 574 -5.90 14.09 -5.33
N ILE A 575 -5.92 12.77 -5.26
CA ILE A 575 -5.27 12.05 -4.17
C ILE A 575 -4.42 10.93 -4.71
N LEU A 576 -5.09 9.98 -5.35
CA LEU A 576 -4.44 8.74 -5.72
C LEU A 576 -3.15 8.88 -6.53
N PHE A 577 -3.23 9.63 -7.64
CA PHE A 577 -2.09 9.76 -8.54
C PHE A 577 -0.93 10.50 -7.87
N PRO A 578 -1.20 11.68 -7.27
CA PRO A 578 -0.11 12.34 -6.59
C PRO A 578 0.65 11.37 -5.71
N VAL A 579 -0.09 10.62 -4.89
CA VAL A 579 0.47 9.64 -3.97
C VAL A 579 1.18 8.49 -4.68
N GLN A 580 0.59 7.94 -5.74
CA GLN A 580 1.23 6.80 -6.37
C GLN A 580 2.50 7.23 -7.10
N ALA A 581 2.38 8.28 -7.89
CA ALA A 581 3.51 8.77 -8.67
C ALA A 581 4.71 9.05 -7.77
N MET A 582 4.46 9.67 -6.61
CA MET A 582 5.53 10.00 -5.68
C MET A 582 6.06 8.78 -4.90
N ALA A 583 5.16 7.96 -4.39
CA ALA A 583 5.58 6.79 -3.63
C ALA A 583 6.47 5.93 -4.50
N ASN A 584 6.05 5.78 -5.77
CA ASN A 584 6.85 5.06 -6.73
C ASN A 584 8.17 5.75 -7.01
N LEU A 585 8.14 7.07 -7.12
CA LEU A 585 9.38 7.78 -7.39
C LEU A 585 10.38 7.63 -6.23
N TYR A 586 9.89 7.70 -4.99
CA TYR A 586 10.71 7.42 -3.81
C TYR A 586 11.28 6.01 -3.84
N GLU A 587 10.49 5.03 -4.27
CA GLU A 587 11.01 3.66 -4.30
C GLU A 587 12.05 3.42 -5.38
N MET A 588 11.84 4.00 -6.56
CA MET A 588 12.87 4.00 -7.59
C MET A 588 14.24 4.45 -7.06
N TYR A 589 14.25 5.61 -6.40
CA TYR A 589 15.53 6.17 -5.90
C TYR A 589 16.09 5.40 -4.70
N TYR A 590 15.20 4.84 -3.89
CA TYR A 590 15.65 4.03 -2.76
C TYR A 590 16.36 2.81 -3.30
N ALA A 591 15.70 2.13 -4.25
CA ALA A 591 16.28 0.99 -4.94
C ALA A 591 17.60 1.34 -5.58
N GLN A 592 17.70 2.53 -6.17
CA GLN A 592 18.98 2.96 -6.74
C GLN A 592 20.07 2.97 -5.68
N ALA A 593 19.77 3.59 -4.54
CA ALA A 593 20.75 3.70 -3.46
C ALA A 593 21.19 2.33 -2.96
N MET A 594 20.22 1.43 -2.77
CA MET A 594 20.49 0.05 -2.38
C MET A 594 21.31 -0.68 -3.44
N ASN A 595 21.01 -0.42 -4.71
CA ASN A 595 21.79 -1.03 -5.80
C ASN A 595 23.26 -0.65 -5.81
N HIS A 596 23.57 0.63 -5.57
CA HIS A 596 24.96 1.10 -5.55
C HIS A 596 25.72 0.61 -4.32
N LYS A 597 25.10 0.70 -3.15
CA LYS A 597 25.71 0.20 -1.92
C LYS A 597 26.06 -1.27 -2.09
N LEU A 598 25.13 -2.05 -2.60
CA LEU A 598 25.35 -3.49 -2.72
C LEU A 598 26.35 -3.84 -3.82
N TYR A 599 26.26 -3.14 -4.95
CA TYR A 599 27.25 -3.30 -6.03
C TYR A 599 28.66 -2.97 -5.54
N LYS A 600 28.81 -1.96 -4.68
CA LYS A 600 30.11 -1.67 -4.05
C LYS A 600 30.68 -2.83 -3.26
N GLU A 601 29.82 -3.57 -2.59
CA GLU A 601 30.27 -4.63 -1.71
C GLU A 601 30.54 -5.93 -2.47
N ASN A 602 30.30 -5.87 -3.78
CA ASN A 602 30.18 -7.05 -4.66
C ASN A 602 29.08 -8.00 -4.26
N ASN A 603 27.95 -7.48 -3.82
CA ASN A 603 26.88 -8.32 -3.31
C ASN A 603 25.86 -8.48 -4.43
N PRO A 604 25.72 -9.71 -4.98
CA PRO A 604 24.76 -10.00 -6.06
C PRO A 604 23.31 -9.55 -5.78
N GLN A 605 22.99 -9.27 -4.51
CA GLN A 605 21.69 -8.68 -4.17
C GLN A 605 21.47 -7.35 -4.89
N ALA A 606 22.54 -6.76 -5.41
CA ALA A 606 22.45 -5.54 -6.19
C ALA A 606 21.58 -5.72 -7.45
N ASN A 607 21.59 -6.93 -8.02
CA ASN A 607 20.77 -7.24 -9.20
C ASN A 607 19.29 -7.09 -8.98
N GLU A 608 18.84 -7.46 -7.78
CA GLU A 608 17.42 -7.38 -7.44
C GLU A 608 17.00 -5.94 -7.38
N TRP A 609 17.85 -5.12 -6.76
CA TRP A 609 17.55 -3.70 -6.60
C TRP A 609 17.57 -2.99 -7.94
N ALA A 610 18.46 -3.44 -8.82
CA ALA A 610 18.54 -2.96 -10.18
C ALA A 610 17.23 -3.24 -10.89
N ASP A 611 16.80 -4.50 -10.92
CA ASP A 611 15.49 -4.83 -11.51
C ASP A 611 14.45 -3.90 -10.93
N LYS A 612 14.51 -3.63 -9.63
CA LYS A 612 13.51 -2.80 -8.99
C LYS A 612 13.48 -1.34 -9.53
N VAL A 613 14.65 -0.81 -9.88
CA VAL A 613 14.73 0.51 -10.50
C VAL A 613 14.01 0.52 -11.84
N GLU A 614 14.45 -0.33 -12.77
CA GLU A 614 13.81 -0.44 -14.09
C GLU A 614 12.31 -0.60 -14.00
N GLN A 615 11.86 -1.35 -13.01
CA GLN A 615 10.47 -1.68 -12.79
C GLN A 615 9.65 -0.47 -12.30
N ALA A 616 10.24 0.32 -11.42
CA ALA A 616 9.54 1.51 -10.93
C ALA A 616 9.57 2.62 -11.99
N PHE A 617 10.65 2.66 -12.77
CA PHE A 617 10.75 3.56 -13.91
C PHE A 617 9.59 3.32 -14.86
N ALA A 618 9.49 2.09 -15.35
CA ALA A 618 8.34 1.68 -16.14
C ALA A 618 7.05 2.08 -15.45
N ARG A 619 6.93 1.83 -14.15
CA ARG A 619 5.67 2.12 -13.45
C ARG A 619 5.32 3.61 -13.42
N ASP A 620 6.34 4.47 -13.27
CA ASP A 620 6.15 5.94 -13.40
C ASP A 620 5.42 6.29 -14.72
N LYS A 621 5.86 5.69 -15.80
CA LYS A 621 5.25 5.89 -17.11
C LYS A 621 3.83 5.33 -17.12
N ALA A 622 3.64 4.15 -16.55
CA ALA A 622 2.31 3.52 -16.52
C ALA A 622 1.31 4.40 -15.80
N LEU A 623 1.72 4.97 -14.66
CA LEU A 623 0.82 5.84 -13.91
C LEU A 623 0.42 7.10 -14.69
N SER A 624 1.38 7.80 -15.28
CA SER A 624 1.03 8.98 -16.08
C SER A 624 0.27 8.63 -17.38
N ASP A 625 0.61 7.50 -17.98
CA ASP A 625 -0.19 6.97 -19.09
C ASP A 625 -1.67 6.82 -18.76
N ASP A 626 -1.94 6.23 -17.61
CA ASP A 626 -3.30 6.12 -17.12
C ASP A 626 -3.98 7.48 -16.96
N TYR A 627 -3.27 8.43 -16.35
CA TYR A 627 -3.77 9.77 -16.09
C TYR A 627 -4.14 10.45 -17.41
N ASN A 628 -3.21 10.40 -18.36
CA ASN A 628 -3.39 11.01 -19.68
C ASN A 628 -4.46 10.35 -20.56
N ASN A 629 -4.43 9.02 -20.64
CA ASN A 629 -5.10 8.30 -21.70
C ASN A 629 -6.37 7.54 -21.29
N ILE A 630 -6.43 7.09 -20.04
CA ILE A 630 -7.52 6.21 -19.61
C ILE A 630 -8.53 6.90 -18.70
N MET A 631 -8.06 7.45 -17.59
CA MET A 631 -8.93 8.15 -16.61
C MET A 631 -9.78 9.25 -17.26
N SER A 632 -11.01 9.43 -16.77
CA SER A 632 -11.94 10.40 -17.35
C SER A 632 -12.09 10.32 -18.88
N GLY A 633 -11.67 9.21 -19.50
CA GLY A 633 -11.91 8.99 -20.92
C GLY A 633 -10.84 9.65 -21.76
N GLY A 634 -9.78 10.10 -21.11
CA GLY A 634 -8.72 10.86 -21.76
C GLY A 634 -9.00 12.35 -21.78
N LYS A 635 -9.97 12.80 -20.98
CA LYS A 635 -10.29 14.22 -20.92
C LYS A 635 -9.05 15.09 -20.63
N TRP A 636 -8.06 14.53 -19.95
CA TRP A 636 -6.88 15.28 -19.55
C TRP A 636 -5.58 14.79 -20.22
N LYS A 637 -5.66 14.34 -21.48
CA LYS A 637 -4.46 13.95 -22.24
C LYS A 637 -3.52 15.12 -22.28
N ASN A 638 -2.26 14.90 -21.91
CA ASN A 638 -1.17 15.90 -21.95
C ASN A 638 -1.04 16.83 -20.73
N MET A 639 -2.04 16.80 -19.83
CA MET A 639 -1.99 17.56 -18.58
C MET A 639 -0.98 16.99 -17.58
N MET A 640 -0.50 15.77 -17.84
CA MET A 640 0.47 15.12 -16.98
C MET A 640 1.62 14.49 -17.76
N ILE A 641 2.35 15.31 -18.50
CA ILE A 641 3.48 14.80 -19.31
C ILE A 641 4.83 15.46 -19.06
N GLN A 642 4.89 16.35 -18.07
CA GLN A 642 6.17 16.93 -17.60
C GLN A 642 7.32 15.94 -17.41
N LYS A 643 8.51 16.27 -17.90
CA LYS A 643 9.74 15.50 -17.56
C LYS A 643 10.14 15.76 -16.11
N HIS A 644 10.51 14.69 -15.39
CA HIS A 644 10.90 14.80 -13.98
C HIS A 644 12.06 13.88 -13.52
N ILE A 645 12.55 13.04 -14.43
CA ILE A 645 13.61 12.10 -14.09
C ILE A 645 14.76 12.27 -15.03
N GLY A 646 15.88 12.77 -14.51
CA GLY A 646 17.06 13.02 -15.31
C GLY A 646 17.58 14.45 -15.29
N TYR A 647 16.99 15.32 -14.44
CA TYR A 647 17.51 16.68 -14.25
C TYR A 647 18.97 16.59 -13.84
N THR A 648 19.81 17.36 -14.53
CA THR A 648 21.22 17.43 -14.18
C THR A 648 21.52 18.80 -13.59
N SER A 649 20.77 19.79 -14.06
CA SER A 649 20.93 21.19 -13.68
C SER A 649 19.59 21.71 -13.20
N TRP A 650 19.43 23.04 -13.16
CA TRP A 650 18.16 23.65 -12.76
C TRP A 650 17.00 23.41 -13.73
N ASN A 651 17.29 23.40 -15.02
CA ASN A 651 16.23 23.36 -16.05
C ASN A 651 15.94 21.96 -16.60
N ASP A 652 14.77 21.78 -17.24
CA ASP A 652 14.37 20.50 -17.85
C ASP A 652 14.86 20.39 -19.29
N ASN A 653 16.01 20.99 -19.56
CA ASN A 653 16.57 20.99 -20.89
C ASN A 653 17.37 19.70 -21.14
N PHE A 654 16.65 18.58 -21.15
CA PHE A 654 17.21 17.29 -21.52
C PHE A 654 16.13 16.56 -22.32
N PRO A 655 16.51 15.57 -23.19
CA PRO A 655 15.54 14.97 -24.13
C PRO A 655 14.26 14.38 -23.51
N ALA A 656 14.40 13.51 -22.50
CA ALA A 656 13.27 12.77 -21.90
C ALA A 656 13.59 12.09 -20.55
N ASP A 657 12.53 11.63 -19.87
CA ASP A 657 12.67 10.80 -18.66
C ASP A 657 13.61 9.66 -19.00
N THR A 658 14.69 9.57 -18.25
CA THR A 658 15.72 8.57 -18.51
C THR A 658 16.09 7.81 -17.21
N LEU A 659 16.46 6.55 -17.39
CA LEU A 659 16.65 5.61 -16.31
C LEU A 659 17.92 5.91 -15.55
N PRO A 660 17.82 6.04 -14.21
CA PRO A 660 18.96 6.23 -13.31
C PRO A 660 20.04 5.16 -13.52
N LYS A 661 21.31 5.54 -13.34
CA LYS A 661 22.43 4.63 -13.59
C LYS A 661 22.44 3.50 -12.55
N ILE A 662 22.35 2.26 -13.04
CA ILE A 662 22.42 1.08 -12.16
C ILE A 662 23.60 0.18 -12.51
N TYR A 663 24.01 -0.64 -11.55
CA TYR A 663 25.17 -1.51 -11.73
C TYR A 663 24.81 -2.97 -11.44
N ARG A 664 25.34 -3.88 -12.23
CA ARG A 664 25.02 -5.30 -12.08
C ARG A 664 26.25 -6.15 -11.80
N ILE A 665 26.10 -7.16 -10.95
CA ILE A 665 27.17 -8.13 -10.80
C ILE A 665 27.01 -9.15 -11.92
N GLU A 666 28.08 -9.30 -12.69
CA GLU A 666 28.11 -10.31 -13.74
C GLU A 666 28.44 -11.65 -13.13
N ASN A 667 27.80 -12.69 -13.64
CA ASN A 667 27.94 -14.07 -13.14
C ASN A 667 27.53 -14.21 -11.67
N PRO A 668 26.35 -13.68 -11.32
CA PRO A 668 25.88 -13.65 -9.93
C PRO A 668 26.04 -14.98 -9.14
N GLU A 669 25.70 -16.10 -9.79
CA GLU A 669 25.67 -17.40 -9.12
C GLU A 669 27.06 -17.87 -8.67
N LYS A 670 28.10 -17.30 -9.26
CA LYS A 670 29.48 -17.62 -8.91
C LYS A 670 30.04 -16.65 -7.85
N ALA A 671 29.31 -15.56 -7.59
CA ALA A 671 29.73 -14.56 -6.60
C ALA A 671 29.21 -14.89 -5.20
N VAL A 672 29.80 -15.93 -4.61
CA VAL A 672 29.40 -16.39 -3.30
C VAL A 672 30.61 -16.65 -2.44
N GLY A 673 30.45 -16.52 -1.13
CA GLY A 673 31.57 -16.60 -0.21
C GLY A 673 32.24 -15.25 -0.17
N GLY A 674 33.37 -15.17 0.52
CA GLY A 674 34.19 -13.96 0.53
C GLY A 674 33.79 -12.83 1.46
N TYR A 675 32.72 -13.02 2.23
CA TYR A 675 32.16 -11.92 3.02
C TYR A 675 32.96 -11.66 4.28
N VAL A 676 33.14 -10.38 4.57
CA VAL A 676 33.82 -9.96 5.79
C VAL A 676 32.92 -8.97 6.51
N PHE A 677 32.57 -9.28 7.75
CA PHE A 677 31.73 -8.39 8.51
C PHE A 677 32.54 -7.44 9.39
N THR A 678 32.01 -6.24 9.60
CA THR A 678 32.63 -5.24 10.46
C THR A 678 31.65 -4.91 11.54
N GLY A 679 32.06 -5.07 12.80
CA GLY A 679 31.15 -4.81 13.91
C GLY A 679 30.72 -3.35 13.99
N GLN A 680 29.59 -3.12 14.66
CA GLN A 680 29.14 -1.78 15.03
C GLN A 680 28.16 -1.89 16.17
N ASP A 681 28.11 -0.86 17.01
CA ASP A 681 27.07 -0.75 18.03
C ASP A 681 27.01 -1.99 18.94
N GLY A 682 28.16 -2.67 19.07
CA GLY A 682 28.32 -3.76 20.03
C GLY A 682 27.71 -5.10 19.61
N TYR A 683 27.52 -5.28 18.30
CA TYR A 683 27.06 -6.54 17.75
C TYR A 683 27.55 -6.78 16.31
N ILE A 684 27.38 -8.01 15.82
CA ILE A 684 27.60 -8.39 14.42
C ILE A 684 26.53 -9.43 14.10
N ALA A 685 25.53 -9.03 13.31
CA ALA A 685 24.48 -9.93 12.92
C ALA A 685 24.77 -10.42 11.51
N ILE A 686 24.97 -11.72 11.38
CA ILE A 686 25.33 -12.32 10.12
C ILE A 686 24.21 -13.21 9.59
N GLU A 687 23.70 -12.90 8.40
CA GLU A 687 22.84 -13.82 7.68
C GLU A 687 23.69 -14.97 7.15
N ALA A 688 23.22 -16.20 7.31
CA ALA A 688 24.06 -17.39 7.09
C ALA A 688 24.56 -17.58 5.66
N GLU A 689 23.79 -17.11 4.71
CA GLU A 689 24.17 -17.15 3.31
C GLU A 689 25.51 -16.46 3.04
N HIS A 690 25.77 -15.41 3.84
CA HIS A 690 26.92 -14.55 3.70
C HIS A 690 28.10 -15.09 4.46
N TYR A 691 28.62 -16.21 4.00
CA TYR A 691 29.78 -16.82 4.63
C TYR A 691 31.05 -16.37 3.97
N TYR A 692 32.18 -16.59 4.66
CA TYR A 692 33.50 -16.33 4.09
C TYR A 692 33.96 -17.54 3.28
N SER A 693 34.03 -18.69 3.93
CA SER A 693 34.40 -19.95 3.24
C SER A 693 33.62 -21.15 3.78
N ALA A 694 33.47 -22.17 2.94
CA ALA A 694 32.86 -23.42 3.37
C ALA A 694 33.58 -24.64 2.81
N LYS A 695 33.55 -25.75 3.55
CA LYS A 695 33.96 -27.03 3.00
C LYS A 695 32.89 -28.09 3.25
N ALA A 696 32.43 -28.72 2.18
CA ALA A 696 31.41 -29.75 2.28
C ALA A 696 32.04 -31.06 2.71
N ALA A 697 31.23 -31.96 3.24
CA ALA A 697 31.63 -33.36 3.45
C ALA A 697 31.51 -34.14 2.13
N PRO A 698 32.09 -35.36 2.08
CA PRO A 698 32.03 -36.22 0.88
C PRO A 698 30.61 -36.47 0.38
N ASP A 699 30.37 -36.16 -0.89
CA ASP A 699 29.04 -36.33 -1.53
C ASP A 699 27.91 -35.52 -0.89
N THR A 700 28.23 -34.29 -0.50
CA THR A 700 27.24 -33.31 -0.04
C THR A 700 27.61 -31.97 -0.63
N GLU A 701 26.65 -31.06 -0.70
CA GLU A 701 26.93 -29.66 -1.02
C GLU A 701 26.34 -28.76 0.07
N TRP A 702 27.02 -27.65 0.37
CA TRP A 702 26.38 -26.57 1.13
C TRP A 702 25.38 -25.90 0.19
N THR A 703 24.15 -25.73 0.66
CA THR A 703 23.04 -25.33 -0.19
C THR A 703 22.23 -24.20 0.39
N VAL A 704 21.90 -23.24 -0.47
CA VAL A 704 21.13 -22.06 -0.10
C VAL A 704 19.66 -22.33 -0.37
N ILE A 705 18.84 -22.04 0.64
CA ILE A 705 17.40 -22.19 0.59
C ILE A 705 16.78 -20.79 0.70
N PRO A 706 16.58 -20.17 -0.46
CA PRO A 706 16.15 -18.80 -0.40
C PRO A 706 14.89 -18.66 0.44
N TYR A 707 14.84 -17.58 1.23
CA TYR A 707 13.65 -17.20 2.03
C TYR A 707 13.46 -18.03 3.32
N MET A 708 14.26 -19.08 3.46
CA MET A 708 14.14 -19.99 4.60
C MET A 708 14.41 -19.27 5.91
N GLY A 709 13.51 -19.41 6.88
CA GLY A 709 13.72 -18.83 8.20
C GLY A 709 13.01 -17.51 8.41
N ARG A 710 13.45 -16.77 9.42
CA ARG A 710 12.78 -15.53 9.74
C ARG A 710 13.21 -14.40 8.83
N THR A 711 14.47 -14.46 8.39
CA THR A 711 15.06 -13.37 7.62
C THR A 711 15.53 -13.88 6.26
N LEU A 712 16.81 -13.69 5.94
CA LEU A 712 17.30 -13.89 4.57
C LEU A 712 17.05 -15.26 3.93
N SER A 713 17.76 -16.28 4.39
CA SER A 713 17.78 -17.62 3.77
C SER A 713 18.44 -18.63 4.72
N GLY A 714 18.58 -19.89 4.29
CA GLY A 714 19.20 -20.91 5.14
C GLY A 714 20.29 -21.72 4.47
N MET A 715 21.34 -22.07 5.25
CA MET A 715 22.40 -22.92 4.73
C MET A 715 22.25 -24.34 5.28
N ALA A 716 22.32 -25.31 4.39
CA ALA A 716 22.19 -26.68 4.81
C ALA A 716 23.03 -27.57 3.93
N LEU A 717 23.64 -28.57 4.56
CA LEU A 717 24.38 -29.57 3.84
C LEU A 717 23.43 -30.60 3.24
N MET A 718 23.48 -30.76 1.93
CA MET A 718 22.53 -31.61 1.21
C MET A 718 23.24 -32.59 0.28
N PRO A 719 22.70 -33.82 0.16
CA PRO A 719 21.46 -34.31 0.77
C PRO A 719 21.60 -34.67 2.24
N TYR A 720 20.45 -34.90 2.87
CA TYR A 720 20.36 -35.18 4.30
C TYR A 720 20.61 -36.64 4.62
N THR A 721 20.81 -37.49 3.59
CA THR A 721 21.07 -38.92 3.78
C THR A 721 22.57 -39.23 3.87
N GLN A 722 23.37 -38.20 4.06
CA GLN A 722 24.80 -38.38 4.19
C GLN A 722 25.23 -37.87 5.54
N PRO A 723 26.25 -38.52 6.13
CA PRO A 723 26.92 -38.02 7.33
C PRO A 723 27.66 -36.71 7.02
N THR A 724 27.66 -35.81 8.00
CA THR A 724 28.18 -34.46 7.84
C THR A 724 29.66 -34.33 8.26
N ASP A 725 30.32 -35.47 8.42
CA ASP A 725 31.65 -35.52 9.03
C ASP A 725 32.74 -34.80 8.20
N GLY A 726 33.32 -33.77 8.80
CA GLY A 726 34.33 -32.92 8.16
C GLY A 726 33.80 -31.66 7.50
N ALA A 727 32.48 -31.48 7.51
CA ALA A 727 31.89 -30.30 6.90
C ALA A 727 31.93 -29.12 7.87
N SER A 728 32.07 -27.92 7.32
CA SER A 728 32.14 -26.71 8.12
C SER A 728 31.79 -25.50 7.30
N ILE A 729 31.35 -24.44 7.98
CA ILE A 729 31.11 -23.17 7.30
C ILE A 729 31.62 -21.99 8.14
N SER A 730 32.37 -21.09 7.50
CA SER A 730 33.14 -20.05 8.19
C SER A 730 32.71 -18.61 7.88
N TYR A 731 32.83 -17.76 8.89
CA TYR A 731 32.49 -16.33 8.78
C TYR A 731 33.71 -15.49 9.29
N LYS A 732 34.11 -14.48 8.51
CA LYS A 732 35.24 -13.59 8.83
C LYS A 732 34.76 -12.22 9.35
N ILE A 733 35.18 -11.85 10.55
CA ILE A 733 34.67 -10.63 11.17
C ILE A 733 35.78 -9.72 11.65
N LYS A 734 35.41 -8.48 11.93
CA LYS A 734 36.27 -7.50 12.56
C LYS A 734 35.60 -6.98 13.84
N LEU A 735 36.12 -7.45 14.98
CA LEU A 735 35.80 -6.92 16.32
C LEU A 735 36.86 -5.88 16.70
N PRO A 736 36.55 -4.99 17.67
CA PRO A 736 37.64 -4.21 18.28
C PRO A 736 38.70 -5.11 18.96
N LYS A 737 39.97 -4.76 18.84
CA LYS A 737 41.07 -5.56 19.40
C LYS A 737 40.92 -5.91 20.91
N GLY A 738 40.33 -5.00 21.69
CA GLY A 738 40.18 -5.22 23.12
C GLY A 738 38.92 -5.94 23.57
N ILE A 739 38.34 -6.79 22.73
CA ILE A 739 37.21 -7.62 23.14
C ILE A 739 37.73 -9.03 23.33
N ASP A 740 37.65 -9.53 24.57
CA ASP A 740 38.21 -10.82 24.95
C ASP A 740 37.16 -11.92 24.84
N LYS A 741 35.91 -11.53 25.05
CA LYS A 741 34.80 -12.44 25.23
C LYS A 741 33.62 -11.99 24.38
N VAL A 742 32.96 -12.95 23.71
CA VAL A 742 31.71 -12.67 22.98
C VAL A 742 30.68 -13.75 23.30
N THR A 743 29.41 -13.44 23.07
CA THR A 743 28.38 -14.46 23.10
C THR A 743 27.79 -14.59 21.71
N VAL A 744 27.95 -15.76 21.10
CA VAL A 744 27.37 -16.00 19.81
C VAL A 744 26.02 -16.66 19.97
N HIS A 745 25.02 -16.13 19.24
CA HIS A 745 23.70 -16.74 19.12
C HIS A 745 23.66 -17.47 17.80
N VAL A 746 23.40 -18.77 17.85
CA VAL A 746 23.24 -19.57 16.64
C VAL A 746 21.75 -19.89 16.46
N ILE A 747 21.23 -19.58 15.27
CA ILE A 747 19.82 -19.75 14.94
C ILE A 747 19.76 -20.77 13.82
N VAL A 748 19.08 -21.88 14.09
CA VAL A 748 18.87 -22.90 13.08
C VAL A 748 17.36 -23.13 12.95
N LYS A 749 16.94 -23.71 11.83
CA LYS A 749 15.57 -24.27 11.71
C LYS A 749 15.34 -25.37 12.76
N SER A 750 14.19 -25.29 13.44
CA SER A 750 13.81 -26.21 14.51
C SER A 750 13.57 -27.65 14.01
N THR A 751 14.61 -28.24 13.45
CA THR A 751 14.63 -29.64 13.08
C THR A 751 14.61 -30.45 14.38
N LEU A 752 13.83 -31.53 14.35
CA LEU A 752 13.69 -32.40 15.52
C LEU A 752 14.58 -33.66 15.47
N ALA A 753 14.67 -34.34 16.62
CA ALA A 753 15.51 -35.52 16.79
C ALA A 753 14.98 -36.74 16.01
N PHE A 754 14.97 -36.63 14.68
CA PHE A 754 14.33 -37.63 13.83
C PHE A 754 15.15 -38.90 13.63
N HIS A 755 16.48 -38.79 13.68
CA HIS A 755 17.35 -39.90 13.27
C HIS A 755 18.00 -40.66 14.41
N ASP A 756 17.97 -40.06 15.60
CA ASP A 756 18.88 -40.42 16.68
C ASP A 756 18.26 -39.90 17.97
N ARG A 757 18.02 -40.78 18.92
CA ARG A 757 17.37 -40.37 20.17
C ARG A 757 18.15 -39.24 20.88
N LYS A 758 19.48 -39.27 20.81
CA LYS A 758 20.38 -38.20 21.31
C LYS A 758 20.13 -36.79 20.74
N GLY A 759 19.61 -36.72 19.52
CA GLY A 759 19.31 -35.43 18.90
C GLY A 759 20.42 -34.90 18.01
N HIS A 760 20.33 -33.60 17.69
CA HIS A 760 21.25 -32.96 16.77
C HIS A 760 22.25 -32.08 17.48
N GLU A 761 23.48 -32.07 16.96
CA GLU A 761 24.57 -31.31 17.53
C GLU A 761 25.36 -30.55 16.48
N TYR A 762 25.86 -29.37 16.88
CA TYR A 762 26.89 -28.69 16.10
C TYR A 762 27.89 -28.05 17.03
N SER A 763 28.92 -27.45 16.45
CA SER A 763 29.88 -26.71 17.22
C SER A 763 30.23 -25.43 16.53
N ILE A 764 30.57 -24.44 17.35
CA ILE A 764 30.75 -23.07 16.94
C ILE A 764 32.01 -22.64 17.67
N GLY A 765 32.93 -21.99 16.95
CA GLY A 765 34.17 -21.53 17.58
C GLY A 765 35.08 -20.75 16.68
N PHE A 766 36.03 -20.05 17.28
CA PHE A 766 37.00 -19.29 16.54
C PHE A 766 38.21 -20.15 16.16
N GLU A 767 38.69 -19.99 14.93
CA GLU A 767 40.02 -20.47 14.54
C GLU A 767 41.04 -19.86 15.50
N GLY A 768 41.92 -20.68 16.04
CA GLY A 768 42.89 -20.24 17.04
C GLY A 768 42.44 -20.52 18.46
N GLY A 769 41.18 -20.90 18.61
CA GLY A 769 40.60 -21.26 19.91
C GLY A 769 39.87 -22.59 19.80
N LYS A 770 39.20 -22.99 20.87
CA LYS A 770 38.46 -24.27 20.91
C LYS A 770 36.99 -24.20 20.37
N ASP A 771 36.53 -25.29 19.72
CA ASP A 771 35.12 -25.45 19.31
C ASP A 771 34.22 -25.77 20.49
N GLN A 772 33.00 -25.25 20.44
CA GLN A 772 32.02 -25.45 21.51
C GLN A 772 30.77 -26.14 20.97
N THR A 773 30.50 -27.31 21.50
CA THR A 773 29.42 -28.14 21.01
C THR A 773 28.11 -27.75 21.67
N ILE A 774 27.03 -27.87 20.90
CA ILE A 774 25.70 -27.54 21.36
C ILE A 774 24.73 -28.61 20.83
N ASN A 775 23.91 -29.13 21.72
CA ASN A 775 22.85 -30.04 21.34
C ASN A 775 21.54 -29.28 21.37
N PHE A 776 21.03 -28.88 20.19
CA PHE A 776 19.93 -27.91 20.16
C PHE A 776 18.52 -28.47 20.35
N ASN A 777 18.32 -29.77 20.14
CA ASN A 777 16.95 -30.29 20.17
C ASN A 777 16.64 -31.49 21.07
N HIS A 778 17.53 -31.82 22.01
CA HIS A 778 17.29 -32.91 22.94
C HIS A 778 16.00 -32.72 23.74
N ASN A 779 15.75 -31.48 24.15
CA ASN A 779 14.60 -31.17 25.02
C ASN A 779 13.29 -30.94 24.24
N LEU A 780 13.28 -31.28 22.96
CA LEU A 780 12.13 -31.00 22.14
C LEU A 780 11.32 -32.26 21.81
N ASN A 781 10.53 -32.71 22.78
CA ASN A 781 9.71 -33.91 22.66
C ASN A 781 8.55 -33.89 23.69
N GLU A 782 7.80 -34.99 23.77
CA GLU A 782 6.58 -35.03 24.58
C GLU A 782 6.80 -35.41 26.06
N LEU A 783 8.05 -35.63 26.47
CA LEU A 783 8.34 -35.92 27.90
C LEU A 783 7.70 -34.86 28.80
N PRO A 784 7.15 -35.29 29.96
CA PRO A 784 6.45 -34.42 30.91
C PRO A 784 7.18 -33.13 31.22
N GLU A 785 8.49 -33.20 31.44
CA GLU A 785 9.34 -32.04 31.75
C GLU A 785 9.40 -31.02 30.59
N ASN A 786 9.29 -31.51 29.35
CA ASN A 786 9.51 -30.69 28.16
C ASN A 786 8.26 -30.20 27.43
N VAL A 787 7.30 -31.12 27.26
CA VAL A 787 6.12 -30.96 26.40
C VAL A 787 5.54 -29.53 26.33
N TYR A 788 5.26 -28.92 27.48
CA TYR A 788 4.59 -27.60 27.53
C TYR A 788 5.46 -26.45 28.02
N SER A 789 6.66 -26.74 28.50
CA SER A 789 7.51 -25.69 28.99
C SER A 789 8.37 -25.23 27.83
N ILE A 790 8.90 -26.19 27.08
CA ILE A 790 9.84 -25.82 26.03
C ILE A 790 9.55 -26.37 24.64
N TYR A 791 9.07 -27.60 24.53
CA TYR A 791 8.74 -28.21 23.24
C TYR A 791 7.76 -27.41 22.34
N TYR A 792 6.47 -27.41 22.68
CA TYR A 792 5.46 -26.73 21.85
C TYR A 792 5.68 -25.21 21.73
N PRO A 793 6.01 -24.50 22.84
CA PRO A 793 6.41 -23.10 22.70
C PRO A 793 7.45 -22.87 21.60
N THR A 794 8.46 -23.74 21.49
CA THR A 794 9.56 -23.58 20.52
C THR A 794 9.14 -23.91 19.09
N VAL A 795 8.49 -25.06 18.90
CA VAL A 795 8.27 -25.54 17.55
C VAL A 795 7.24 -24.73 16.78
N ALA A 796 6.34 -24.07 17.50
CA ALA A 796 5.29 -23.29 16.86
C ALA A 796 5.91 -22.04 16.25
N ARG A 797 7.18 -21.80 16.61
CA ARG A 797 7.92 -20.64 16.13
C ARG A 797 9.07 -20.98 15.18
N ARG A 798 9.25 -22.27 14.90
CA ARG A 798 9.98 -22.76 13.70
C ARG A 798 11.50 -22.60 13.73
N ILE A 799 12.04 -22.13 14.84
CA ILE A 799 13.48 -21.89 14.98
C ILE A 799 13.96 -22.33 16.36
N VAL A 800 15.26 -22.52 16.47
CA VAL A 800 15.90 -22.76 17.75
C VAL A 800 17.13 -21.87 17.91
N GLU A 801 17.10 -21.07 18.96
CA GLU A 801 18.22 -20.22 19.33
C GLU A 801 19.00 -20.81 20.52
N LYS A 802 20.29 -21.03 20.34
CA LYS A 802 21.19 -21.33 21.47
C LYS A 802 22.35 -20.33 21.43
N LYS A 803 22.87 -20.00 22.61
CA LYS A 803 23.99 -19.07 22.83
C LYS A 803 25.19 -19.86 23.36
N ALA A 804 26.39 -19.52 22.90
CA ALA A 804 27.63 -19.94 23.54
C ALA A 804 28.53 -18.74 23.79
N LYS A 805 29.12 -18.69 24.99
CA LYS A 805 30.22 -17.76 25.31
C LYS A 805 31.48 -18.27 24.63
N LEU A 806 32.27 -17.34 24.10
CA LEU A 806 33.53 -17.63 23.40
C LEU A 806 34.67 -16.69 23.81
N ASN A 807 35.86 -17.28 24.02
CA ASN A 807 37.12 -16.53 24.17
C ASN A 807 37.63 -16.06 22.80
N VAL A 808 37.82 -14.76 22.65
CA VAL A 808 38.37 -14.23 21.40
C VAL A 808 39.89 -14.35 21.37
N PRO A 809 40.44 -15.15 20.43
CA PRO A 809 41.90 -15.31 20.35
C PRO A 809 42.57 -14.00 19.95
N ASN A 810 43.84 -13.83 20.25
CA ASN A 810 44.57 -12.67 19.75
C ASN A 810 45.10 -12.95 18.36
N THR A 811 44.71 -12.10 17.41
CA THR A 811 45.14 -12.25 16.02
C THR A 811 46.07 -11.12 15.56
N SER A 812 46.95 -11.45 14.61
CA SER A 812 47.82 -10.46 13.95
C SER A 812 46.97 -9.53 13.09
N ASP A 813 46.05 -10.15 12.34
CA ASP A 813 45.06 -9.48 11.51
C ASP A 813 44.17 -8.44 12.16
N GLY A 814 43.85 -8.64 13.45
CA GLY A 814 42.71 -7.96 14.12
C GLY A 814 41.36 -8.58 13.73
N MET A 815 41.45 -9.59 12.85
CA MET A 815 40.30 -10.25 12.24
C MET A 815 40.11 -11.62 12.85
N GLN A 816 38.86 -12.04 12.96
CA GLN A 816 38.55 -13.37 13.46
C GLN A 816 37.73 -14.14 12.47
N THR A 817 37.88 -15.46 12.54
CA THR A 817 37.16 -16.40 11.71
C THR A 817 36.32 -17.32 12.62
N ILE A 818 35.01 -17.34 12.40
CA ILE A 818 34.12 -18.11 13.25
C ILE A 818 33.45 -19.29 12.53
N THR A 819 33.82 -20.50 12.92
CA THR A 819 33.46 -21.72 12.19
C THR A 819 32.35 -22.57 12.83
N PHE A 820 31.24 -22.71 12.12
CA PHE A 820 30.10 -23.61 12.42
C PHE A 820 30.33 -25.01 11.81
N LYS A 821 30.18 -26.06 12.62
CA LYS A 821 30.34 -27.43 12.13
C LYS A 821 29.13 -28.29 12.45
N PRO A 822 28.28 -28.58 11.43
CA PRO A 822 27.12 -29.46 11.62
C PRO A 822 27.63 -30.87 11.88
N LEU A 823 27.12 -31.49 12.95
CA LEU A 823 27.56 -32.81 13.40
C LEU A 823 26.52 -33.89 13.12
N ASP A 824 25.34 -33.51 12.67
CA ASP A 824 24.24 -34.44 12.37
C ASP A 824 23.53 -33.97 11.09
N PRO A 825 22.89 -34.89 10.37
CA PRO A 825 22.28 -34.46 9.10
C PRO A 825 21.03 -33.60 9.28
N GLY A 826 20.75 -32.76 8.28
CA GLY A 826 19.50 -31.99 8.24
C GLY A 826 19.40 -30.77 9.15
N ILE A 827 20.55 -30.18 9.47
CA ILE A 827 20.64 -28.92 10.22
C ILE A 827 20.67 -27.76 9.24
N VAL A 828 19.72 -26.82 9.36
CA VAL A 828 19.68 -25.62 8.50
C VAL A 828 20.09 -24.40 9.33
N LEU A 829 21.23 -23.79 9.00
CA LEU A 829 21.72 -22.63 9.74
C LEU A 829 21.13 -21.35 9.16
N GLU A 830 20.50 -20.54 9.99
CA GLU A 830 19.82 -19.33 9.48
C GLU A 830 20.55 -18.00 9.73
N LYS A 831 21.02 -17.78 10.96
CA LYS A 831 21.69 -16.52 11.29
C LYS A 831 22.62 -16.72 12.47
N LEU A 832 23.63 -15.84 12.57
CA LEU A 832 24.55 -15.75 13.72
C LEU A 832 24.57 -14.34 14.24
N VAL A 833 24.58 -14.19 15.55
CA VAL A 833 24.80 -12.88 16.13
C VAL A 833 26.02 -12.93 17.05
N VAL A 834 27.11 -12.29 16.64
CA VAL A 834 28.24 -12.09 17.54
C VAL A 834 27.94 -10.90 18.44
N ASP A 835 27.73 -11.15 19.74
CA ASP A 835 27.36 -10.09 20.69
C ASP A 835 28.47 -9.74 21.66
N TYR A 836 28.94 -8.49 21.59
CA TYR A 836 29.89 -7.98 22.56
C TYR A 836 29.34 -6.77 23.32
N GLY A 837 28.07 -6.87 23.71
CA GLY A 837 27.48 -5.87 24.57
C GLY A 837 26.39 -5.02 23.95
N GLY A 838 26.19 -5.14 22.63
CA GLY A 838 25.15 -4.34 21.99
C GLY A 838 23.88 -5.05 21.53
N TYR A 839 23.86 -6.38 21.56
CA TYR A 839 22.72 -7.12 21.04
C TYR A 839 21.45 -6.83 21.83
N LYS A 840 20.30 -6.77 21.16
CA LYS A 840 19.04 -6.44 21.83
C LYS A 840 18.04 -7.50 21.41
N LYS A 841 17.45 -8.22 22.37
CA LYS A 841 16.50 -9.29 22.04
C LYS A 841 15.48 -8.83 20.96
N SER A 842 15.58 -9.45 19.78
CA SER A 842 14.80 -9.07 18.62
C SER A 842 14.30 -10.34 17.92
N TYR A 843 13.04 -10.33 17.50
CA TYR A 843 12.44 -11.48 16.84
C TYR A 843 13.21 -11.90 15.57
N LEU A 844 13.78 -10.92 14.88
CA LEU A 844 14.49 -11.15 13.63
C LEU A 844 15.98 -11.10 13.89
N PHE A 845 16.33 -10.94 15.17
CA PHE A 845 17.74 -10.95 15.62
C PHE A 845 18.57 -9.81 15.00
N MET A 846 17.97 -8.62 14.92
CA MET A 846 18.66 -7.38 14.51
C MET A 846 19.02 -7.30 13.01
N ASN A 847 19.02 -6.08 12.47
CA ASN A 847 19.35 -5.84 11.07
C ASN A 847 20.77 -6.31 10.85
N GLU A 848 20.98 -7.08 9.79
CA GLU A 848 22.29 -7.62 9.48
C GLU A 848 23.38 -6.54 9.53
N SER A 849 24.53 -6.88 10.13
CA SER A 849 25.68 -5.96 10.24
C SER A 849 26.34 -5.64 8.88
N LYS A 850 27.24 -4.65 8.88
CA LYS A 850 27.83 -4.13 7.63
C LYS A 850 28.85 -5.11 7.04
N SER A 851 28.77 -5.36 5.74
CA SER A 851 29.66 -6.33 5.09
C SER A 851 30.14 -5.90 3.72
N LYS A 852 31.23 -6.51 3.27
CA LYS A 852 31.65 -6.43 1.87
C LYS A 852 32.30 -7.75 1.52
N ARG A 853 32.30 -8.11 0.23
CA ARG A 853 32.90 -9.40 -0.16
C ARG A 853 34.09 -9.35 -1.11
N GLU A 854 35.01 -10.27 -0.84
CA GLU A 854 36.27 -10.56 -1.57
C GLU A 854 37.51 -10.18 -0.73
N GLU B 32 6.25 -33.07 -21.53
CA GLU B 32 5.06 -33.37 -20.66
C GLU B 32 3.85 -32.46 -20.96
N GLN B 33 4.10 -31.32 -21.62
CA GLN B 33 3.02 -30.45 -22.10
C GLN B 33 2.52 -30.90 -23.50
N PHE B 34 1.26 -31.35 -23.60
CA PHE B 34 0.78 -31.94 -24.86
C PHE B 34 -0.38 -31.18 -25.53
N VAL B 35 -0.83 -30.08 -24.94
CA VAL B 35 -1.90 -29.28 -25.52
C VAL B 35 -1.32 -27.98 -26.08
N ILE B 36 -1.55 -27.71 -27.35
CA ILE B 36 -1.30 -26.39 -27.90
C ILE B 36 -2.63 -25.80 -28.31
N PHE B 37 -2.69 -24.47 -28.37
CA PHE B 37 -3.93 -23.77 -28.63
C PHE B 37 -3.97 -23.12 -30.01
N THR B 38 -3.13 -23.66 -30.88
CA THR B 38 -2.99 -23.20 -32.27
C THR B 38 -2.76 -24.44 -33.13
N PRO B 39 -3.30 -24.48 -34.38
CA PRO B 39 -3.19 -25.68 -35.25
C PRO B 39 -1.75 -25.99 -35.65
N ALA B 40 -1.46 -27.27 -35.90
CA ALA B 40 -0.11 -27.71 -36.33
C ALA B 40 -0.16 -29.11 -36.99
N GLY B 41 0.87 -29.43 -37.76
CA GLY B 41 0.93 -30.69 -38.52
C GLY B 41 1.30 -31.89 -37.69
N ASN B 42 0.79 -33.06 -38.08
CA ASN B 42 0.85 -34.28 -37.24
C ASN B 42 0.41 -34.05 -35.77
N HIS B 43 -0.56 -33.15 -35.59
CA HIS B 43 -1.20 -32.89 -34.29
C HIS B 43 -2.67 -33.22 -34.44
N PHE B 44 -3.29 -33.69 -33.36
CA PHE B 44 -4.71 -34.08 -33.37
C PHE B 44 -5.62 -32.90 -33.07
N PRO B 45 -6.52 -32.56 -34.01
CA PRO B 45 -7.55 -31.54 -33.79
C PRO B 45 -8.64 -31.95 -32.78
N LEU B 46 -8.34 -31.80 -31.49
CA LEU B 46 -9.35 -32.04 -30.45
C LEU B 46 -10.50 -31.02 -30.54
N VAL B 47 -10.16 -29.73 -30.57
CA VAL B 47 -11.10 -28.67 -30.90
C VAL B 47 -10.51 -27.94 -32.09
N ALA B 48 -11.31 -27.81 -33.16
CA ALA B 48 -10.94 -27.09 -34.37
C ALA B 48 -12.01 -26.06 -34.69
N ASN B 49 -11.58 -24.82 -34.87
CA ASN B 49 -12.48 -23.68 -35.17
C ASN B 49 -13.79 -23.65 -34.36
N GLY B 50 -13.69 -23.92 -33.05
CA GLY B 50 -14.83 -23.84 -32.12
C GLY B 50 -15.69 -25.10 -32.03
N VAL B 51 -15.25 -26.17 -32.68
CA VAL B 51 -15.97 -27.42 -32.71
C VAL B 51 -15.13 -28.53 -32.08
N PRO B 52 -15.65 -29.16 -30.99
CA PRO B 52 -14.92 -30.25 -30.31
C PRO B 52 -15.28 -31.60 -30.91
N CYS B 53 -14.32 -32.52 -30.92
CA CYS B 53 -14.61 -33.89 -31.30
C CYS B 53 -15.35 -34.60 -30.13
N PRO B 54 -16.04 -35.73 -30.41
CA PRO B 54 -16.77 -36.36 -29.31
C PRO B 54 -15.88 -37.24 -28.40
N ILE B 55 -16.50 -37.76 -27.34
CA ILE B 55 -15.80 -38.61 -26.38
C ILE B 55 -16.38 -40.03 -26.40
N TYR B 56 -15.49 -41.01 -26.47
CA TYR B 56 -15.89 -42.41 -26.33
C TYR B 56 -15.27 -43.13 -25.11
N ILE B 57 -16.13 -43.60 -24.23
CA ILE B 57 -15.77 -44.51 -23.13
C ILE B 57 -16.47 -45.85 -23.32
N ASP B 58 -15.69 -46.94 -23.42
CA ASP B 58 -16.31 -48.25 -23.54
C ASP B 58 -17.13 -48.55 -22.29
N SER B 59 -18.25 -49.23 -22.47
CA SER B 59 -19.17 -49.44 -21.36
C SER B 59 -18.71 -50.47 -20.30
N SER B 60 -17.58 -51.13 -20.55
CA SER B 60 -16.95 -52.03 -19.57
C SER B 60 -16.07 -51.28 -18.56
N GLU B 61 -16.20 -49.95 -18.53
CA GLU B 61 -15.37 -49.10 -17.71
C GLU B 61 -16.07 -48.74 -16.41
N ASP B 62 -15.33 -48.78 -15.29
CA ASP B 62 -15.87 -48.44 -13.98
C ASP B 62 -16.65 -47.11 -14.00
N LYS B 63 -17.70 -47.07 -13.18
CA LYS B 63 -18.49 -45.88 -12.94
C LYS B 63 -17.62 -44.63 -12.67
N GLY B 64 -16.42 -44.85 -12.14
CA GLY B 64 -15.47 -43.77 -11.83
C GLY B 64 -14.97 -43.01 -13.04
N VAL B 65 -14.65 -43.76 -14.09
CA VAL B 65 -14.24 -43.22 -15.36
C VAL B 65 -15.40 -42.45 -16.00
N MET B 66 -16.62 -42.98 -15.91
CA MET B 66 -17.77 -42.31 -16.55
C MET B 66 -18.00 -40.92 -15.97
N ILE B 67 -17.70 -40.76 -14.69
CA ILE B 67 -17.84 -39.45 -14.02
C ILE B 67 -16.75 -38.50 -14.53
N ALA B 68 -15.51 -38.93 -14.45
CA ALA B 68 -14.38 -38.13 -14.91
C ALA B 68 -14.67 -37.68 -16.35
N ALA B 69 -15.11 -38.62 -17.19
CA ALA B 69 -15.47 -38.34 -18.56
C ALA B 69 -16.65 -37.35 -18.72
N GLY B 70 -17.60 -37.40 -17.80
CA GLY B 70 -18.69 -36.45 -17.81
C GLY B 70 -18.18 -35.07 -17.45
N ASN B 71 -17.23 -35.03 -16.53
CA ASN B 71 -16.64 -33.77 -16.15
C ASN B 71 -15.76 -33.25 -17.28
N LEU B 72 -15.09 -34.16 -18.01
CA LEU B 72 -14.29 -33.75 -19.19
C LEU B 72 -15.19 -33.09 -20.22
N GLN B 73 -16.32 -33.73 -20.49
CA GLN B 73 -17.34 -33.21 -21.39
C GLN B 73 -17.70 -31.76 -21.01
N GLN B 74 -17.93 -31.49 -19.73
CA GLN B 74 -18.32 -30.15 -19.31
C GLN B 74 -17.14 -29.20 -19.39
N ASP B 75 -15.95 -29.71 -19.06
CA ASP B 75 -14.71 -28.93 -19.15
C ASP B 75 -14.51 -28.44 -20.59
N ILE B 76 -14.70 -29.33 -21.56
CA ILE B 76 -14.59 -28.93 -22.95
C ILE B 76 -15.70 -27.94 -23.29
N LEU B 77 -16.90 -28.11 -22.76
CA LEU B 77 -17.92 -27.09 -22.99
C LEU B 77 -17.42 -25.74 -22.49
N GLN B 78 -16.70 -25.76 -21.37
CA GLN B 78 -16.18 -24.52 -20.81
C GLN B 78 -15.18 -23.82 -21.73
N VAL B 79 -14.25 -24.59 -22.30
CA VAL B 79 -13.16 -24.06 -23.13
C VAL B 79 -13.58 -23.58 -24.53
N CYS B 80 -14.39 -24.38 -25.22
CA CYS B 80 -14.74 -24.11 -26.63
C CYS B 80 -16.14 -23.49 -26.87
N GLY B 81 -17.06 -23.61 -25.92
CA GLY B 81 -18.42 -23.12 -26.12
C GLY B 81 -19.45 -24.14 -26.59
N LYS B 82 -19.01 -25.26 -27.19
CA LYS B 82 -19.91 -26.32 -27.70
C LYS B 82 -19.71 -27.64 -26.93
N LYS B 83 -20.82 -28.32 -26.59
CA LYS B 83 -20.78 -29.56 -25.77
C LYS B 83 -20.40 -30.80 -26.59
N PRO B 84 -19.23 -31.42 -26.28
CA PRO B 84 -18.90 -32.66 -27.00
C PRO B 84 -19.81 -33.81 -26.58
N GLU B 85 -20.10 -34.71 -27.52
CA GLU B 85 -21.06 -35.78 -27.31
C GLU B 85 -20.39 -37.01 -26.75
N LEU B 86 -20.97 -37.57 -25.69
CA LEU B 86 -20.54 -38.86 -25.17
C LEU B 86 -21.12 -39.97 -26.01
N LEU B 87 -20.28 -40.51 -26.88
CA LEU B 87 -20.71 -41.57 -27.79
C LEU B 87 -21.15 -42.83 -27.05
N THR B 88 -22.17 -43.50 -27.61
CA THR B 88 -22.59 -44.82 -27.15
C THR B 88 -21.82 -45.90 -27.93
N SER B 89 -21.35 -45.57 -29.14
CA SER B 89 -20.54 -46.49 -29.94
C SER B 89 -19.41 -45.83 -30.74
N THR B 90 -18.70 -46.65 -31.51
CA THR B 90 -17.51 -46.29 -32.25
C THR B 90 -17.82 -45.53 -33.57
N SER B 91 -18.60 -44.46 -33.45
CA SER B 91 -19.28 -43.84 -34.61
C SER B 91 -18.80 -42.46 -35.07
N SER B 92 -17.48 -42.23 -35.01
CA SER B 92 -16.87 -40.97 -35.46
C SER B 92 -15.45 -41.19 -36.01
N LYS B 93 -15.05 -40.34 -36.95
CA LYS B 93 -13.74 -40.45 -37.60
C LYS B 93 -12.56 -39.97 -36.71
N ARG B 94 -12.78 -38.87 -35.99
CA ARG B 94 -11.84 -38.36 -35.00
C ARG B 94 -12.56 -38.14 -33.64
N CYS B 95 -12.01 -38.71 -32.58
CA CYS B 95 -12.57 -38.52 -31.23
C CYS B 95 -11.56 -38.72 -30.11
N ILE B 96 -12.02 -38.51 -28.88
CA ILE B 96 -11.24 -38.84 -27.68
C ILE B 96 -11.69 -40.21 -27.16
N ILE B 97 -10.74 -41.12 -26.97
CA ILE B 97 -11.07 -42.36 -26.29
C ILE B 97 -10.32 -42.43 -24.98
N ALA B 98 -10.99 -42.92 -23.94
CA ALA B 98 -10.35 -43.17 -22.65
C ALA B 98 -10.78 -44.53 -22.11
N GLY B 99 -9.80 -45.32 -21.67
CA GLY B 99 -10.06 -46.64 -21.14
C GLY B 99 -9.03 -47.17 -20.17
N THR B 100 -9.28 -48.37 -19.66
CA THR B 100 -8.43 -48.97 -18.65
C THR B 100 -7.79 -50.28 -19.16
N TYR B 101 -6.51 -50.44 -18.89
CA TYR B 101 -5.82 -51.67 -19.23
C TYR B 101 -6.57 -52.90 -18.71
N GLY B 102 -6.60 -53.97 -19.52
CA GLY B 102 -7.22 -55.23 -19.12
C GLY B 102 -8.59 -55.51 -19.71
N THR B 103 -9.26 -54.45 -20.18
CA THR B 103 -10.48 -54.58 -20.96
C THR B 103 -10.18 -55.35 -22.25
N PRO B 104 -11.13 -56.17 -22.73
CA PRO B 104 -11.02 -56.79 -24.05
C PRO B 104 -10.90 -55.75 -25.19
N PHE B 105 -11.69 -54.68 -25.06
CA PHE B 105 -11.69 -53.55 -26.01
C PHE B 105 -10.35 -52.81 -26.08
N ILE B 106 -9.77 -52.52 -24.92
CA ILE B 106 -8.47 -51.85 -24.85
C ILE B 106 -7.36 -52.76 -25.39
N LYS B 107 -7.43 -54.06 -25.05
CA LYS B 107 -6.48 -55.04 -25.54
C LYS B 107 -6.47 -55.03 -27.07
N LYS B 108 -7.65 -55.09 -27.67
CA LYS B 108 -7.80 -55.01 -29.14
C LYS B 108 -7.72 -53.55 -29.65
N LEU B 109 -6.81 -52.78 -29.06
CA LEU B 109 -6.51 -51.43 -29.47
C LEU B 109 -5.03 -51.28 -29.25
N MET B 110 -4.57 -51.69 -28.07
CA MET B 110 -3.14 -51.72 -27.77
C MET B 110 -2.44 -52.66 -28.74
N SER B 111 -3.11 -53.78 -29.02
CA SER B 111 -2.67 -54.78 -30.00
C SER B 111 -2.70 -54.22 -31.44
N ALA B 112 -3.79 -53.55 -31.79
CA ALA B 112 -3.94 -52.94 -33.12
C ALA B 112 -4.13 -51.42 -33.04
N GLY B 113 -3.09 -50.69 -32.64
CA GLY B 113 -1.84 -51.30 -32.23
C GLY B 113 -0.71 -50.36 -31.85
N LYS B 114 0.46 -50.98 -31.66
CA LYS B 114 1.73 -50.33 -31.33
C LYS B 114 2.04 -50.32 -29.83
N ILE B 115 1.05 -50.02 -29.00
CA ILE B 115 1.27 -49.79 -27.57
C ILE B 115 1.56 -51.08 -26.80
N ASP B 116 2.79 -51.14 -26.32
CA ASP B 116 3.36 -52.31 -25.66
C ASP B 116 2.66 -52.58 -24.30
N LYS B 117 2.62 -53.85 -23.89
CA LYS B 117 1.93 -54.27 -22.67
C LYS B 117 2.70 -53.87 -21.41
N LYS B 118 4.03 -54.02 -21.46
CA LYS B 118 4.94 -53.78 -20.31
C LYS B 118 4.77 -52.39 -19.67
N GLU B 119 4.30 -51.45 -20.47
CA GLU B 119 4.18 -50.06 -20.07
C GLU B 119 3.01 -49.75 -19.14
N LEU B 120 1.99 -50.62 -19.12
CA LEU B 120 0.88 -50.52 -18.16
C LEU B 120 0.61 -51.75 -17.28
N ASP B 121 1.24 -52.89 -17.58
CA ASP B 121 1.05 -54.13 -16.80
C ASP B 121 1.56 -53.99 -15.37
N GLY B 122 0.69 -54.24 -14.40
CA GLY B 122 1.04 -54.14 -12.97
C GLY B 122 1.61 -52.81 -12.48
N LYS B 123 1.30 -51.73 -13.20
CA LYS B 123 1.73 -50.40 -12.82
C LYS B 123 0.66 -49.80 -11.92
N ASN B 124 1.08 -48.91 -11.03
CA ASN B 124 0.12 -48.28 -10.14
C ASN B 124 -0.29 -46.87 -10.55
N GLU B 125 -1.60 -46.69 -10.75
CA GLU B 125 -2.19 -45.37 -10.98
C GLU B 125 -1.49 -44.60 -12.12
N LYS B 126 -1.03 -45.32 -13.16
CA LYS B 126 -0.38 -44.69 -14.31
C LYS B 126 -1.32 -44.57 -15.50
N TYR B 127 -1.02 -43.64 -16.40
CA TYR B 127 -1.72 -43.53 -17.69
C TYR B 127 -0.70 -43.29 -18.80
N ILE B 128 -1.13 -43.58 -20.03
CA ILE B 128 -0.41 -43.25 -21.25
C ILE B 128 -1.42 -42.52 -22.11
N LEU B 129 -1.05 -41.33 -22.55
CA LEU B 129 -1.87 -40.50 -23.44
C LEU B 129 -1.14 -40.31 -24.76
N GLN B 130 -1.80 -40.68 -25.85
CA GLN B 130 -1.13 -40.82 -27.12
C GLN B 130 -2.12 -40.73 -28.24
N VAL B 131 -1.87 -39.82 -29.18
CA VAL B 131 -2.63 -39.74 -30.42
C VAL B 131 -2.25 -40.94 -31.27
N ILE B 132 -3.25 -41.62 -31.79
CA ILE B 132 -3.02 -42.81 -32.60
C ILE B 132 -4.03 -42.97 -33.73
N ALA B 133 -3.50 -43.32 -34.90
CA ALA B 133 -4.25 -43.91 -35.99
C ALA B 133 -3.74 -45.35 -36.07
N ASN B 134 -4.60 -46.33 -36.29
CA ASN B 134 -6.01 -46.16 -36.59
C ASN B 134 -6.70 -47.06 -35.56
N PRO B 135 -7.20 -46.45 -34.47
CA PRO B 135 -7.41 -47.12 -33.18
C PRO B 135 -8.29 -48.37 -33.20
N CYS B 136 -9.42 -48.28 -33.92
CA CYS B 136 -10.31 -49.42 -34.17
C CYS B 136 -11.17 -49.13 -35.41
N GLU B 137 -11.76 -50.18 -35.98
CA GLU B 137 -12.42 -50.12 -37.30
C GLU B 137 -13.12 -48.78 -37.61
N GLY B 138 -14.17 -48.43 -36.87
CA GLY B 138 -15.02 -47.31 -37.23
C GLY B 138 -14.46 -45.91 -37.06
N ILE B 139 -13.15 -45.81 -36.83
CA ILE B 139 -12.50 -44.56 -36.44
C ILE B 139 -11.19 -44.39 -37.22
N ASP B 140 -10.88 -43.15 -37.60
CA ASP B 140 -9.66 -42.87 -38.38
C ASP B 140 -8.45 -42.52 -37.48
N GLU B 141 -8.63 -41.54 -36.60
CA GLU B 141 -7.60 -41.13 -35.62
C GLU B 141 -8.20 -40.63 -34.30
N ALA B 142 -7.49 -40.83 -33.19
CA ALA B 142 -7.99 -40.48 -31.86
C ALA B 142 -6.87 -40.19 -30.87
N VAL B 143 -7.12 -39.25 -29.98
CA VAL B 143 -6.34 -39.13 -28.75
C VAL B 143 -6.86 -40.20 -27.78
N VAL B 144 -5.94 -41.01 -27.26
CA VAL B 144 -6.30 -42.20 -26.50
C VAL B 144 -5.59 -42.23 -25.13
N ILE B 145 -6.38 -42.09 -24.09
CA ILE B 145 -5.86 -42.17 -22.72
C ILE B 145 -6.14 -43.57 -22.17
N ILE B 146 -5.08 -44.29 -21.82
CA ILE B 146 -5.25 -45.60 -21.19
C ILE B 146 -4.59 -45.59 -19.82
N GLY B 147 -5.37 -45.88 -18.78
CA GLY B 147 -4.84 -46.09 -17.42
C GLY B 147 -4.37 -47.52 -17.10
N SER B 148 -3.44 -47.62 -16.16
CA SER B 148 -2.97 -48.91 -15.67
C SER B 148 -4.01 -49.58 -14.75
N ASP B 149 -4.88 -48.75 -14.17
CA ASP B 149 -6.04 -49.11 -13.33
C ASP B 149 -6.96 -47.91 -13.41
N ARG B 150 -8.14 -47.98 -12.80
CA ARG B 150 -9.14 -46.93 -13.00
C ARG B 150 -8.65 -45.51 -12.65
N ARG B 151 -7.87 -45.38 -11.57
CA ARG B 151 -7.40 -44.06 -11.16
C ARG B 151 -6.36 -43.49 -12.12
N GLY B 152 -5.53 -44.35 -12.72
CA GLY B 152 -4.65 -43.94 -13.81
C GLY B 152 -5.45 -43.29 -14.92
N THR B 153 -6.52 -43.95 -15.35
CA THR B 153 -7.42 -43.46 -16.39
C THR B 153 -8.08 -42.14 -15.99
N ILE B 154 -8.50 -42.03 -14.73
CA ILE B 154 -9.14 -40.81 -14.28
C ILE B 154 -8.11 -39.68 -14.28
N TYR B 155 -6.95 -39.94 -13.67
CA TYR B 155 -5.82 -39.03 -13.64
C TYR B 155 -5.40 -38.50 -15.02
N GLY B 156 -5.48 -39.36 -16.03
CA GLY B 156 -5.15 -38.99 -17.39
C GLY B 156 -6.21 -38.05 -17.96
N ILE B 157 -7.47 -38.39 -17.72
CA ILE B 157 -8.57 -37.59 -18.22
C ILE B 157 -8.45 -36.17 -17.70
N TYR B 158 -8.20 -36.04 -16.39
CA TYR B 158 -8.08 -34.75 -15.78
C TYR B 158 -6.83 -33.99 -16.19
N GLU B 159 -5.77 -34.71 -16.55
CA GLU B 159 -4.58 -34.07 -17.09
C GLU B 159 -4.90 -33.36 -18.39
N LEU B 160 -5.65 -34.05 -19.24
CA LEU B 160 -6.07 -33.50 -20.52
C LEU B 160 -6.93 -32.27 -20.27
N SER B 161 -7.65 -32.29 -19.16
CA SER B 161 -8.60 -31.25 -18.85
C SER B 161 -7.84 -30.07 -18.27
N GLU B 162 -6.78 -30.36 -17.53
CA GLU B 162 -6.02 -29.32 -16.84
C GLU B 162 -5.08 -28.60 -17.83
N GLN B 163 -4.44 -29.37 -18.70
CA GLN B 163 -3.63 -28.80 -19.75
C GLN B 163 -4.47 -28.00 -20.77
N MET B 164 -5.79 -28.18 -20.74
CA MET B 164 -6.72 -27.39 -21.56
C MET B 164 -7.11 -26.11 -20.86
N GLY B 165 -6.63 -25.92 -19.63
CA GLY B 165 -6.95 -24.72 -18.82
C GLY B 165 -8.02 -24.86 -17.72
N VAL B 166 -8.45 -26.07 -17.39
CA VAL B 166 -9.37 -26.27 -16.24
C VAL B 166 -8.61 -26.59 -14.94
N SER B 167 -8.41 -25.57 -14.11
CA SER B 167 -7.59 -25.74 -12.92
C SER B 167 -8.31 -26.63 -11.93
N PRO B 168 -7.56 -27.46 -11.18
CA PRO B 168 -8.21 -28.23 -10.13
C PRO B 168 -8.99 -27.34 -9.19
N TRP B 169 -8.72 -26.04 -9.22
CA TRP B 169 -9.40 -25.11 -8.33
C TRP B 169 -10.50 -24.29 -9.02
N TYR B 170 -11.05 -24.79 -10.12
CA TYR B 170 -12.10 -24.06 -10.83
C TYR B 170 -13.35 -23.84 -9.99
N TRP B 171 -13.64 -24.78 -9.10
CA TRP B 171 -14.75 -24.61 -8.18
C TRP B 171 -14.27 -24.14 -6.82
N TRP B 172 -13.20 -24.75 -6.31
CA TRP B 172 -12.84 -24.53 -4.91
C TRP B 172 -12.19 -23.16 -4.64
N ALA B 173 -11.74 -22.49 -5.71
CA ALA B 173 -11.13 -21.19 -5.59
C ALA B 173 -11.54 -20.28 -6.72
N ASP B 174 -12.64 -20.62 -7.40
CA ASP B 174 -13.26 -19.80 -8.48
C ASP B 174 -12.35 -19.44 -9.66
N VAL B 175 -11.42 -20.32 -9.97
CA VAL B 175 -10.47 -20.07 -11.05
C VAL B 175 -11.19 -20.28 -12.38
N PRO B 176 -11.18 -19.25 -13.24
CA PRO B 176 -11.95 -19.28 -14.46
C PRO B 176 -11.29 -20.08 -15.59
N VAL B 177 -12.04 -20.36 -16.64
CA VAL B 177 -11.53 -21.21 -17.71
C VAL B 177 -11.23 -20.40 -18.98
N MET B 178 -9.94 -20.25 -19.29
CA MET B 178 -9.49 -19.47 -20.45
C MET B 178 -10.05 -20.09 -21.75
N LYS B 179 -10.94 -19.34 -22.42
CA LYS B 179 -11.61 -19.83 -23.62
C LYS B 179 -10.66 -20.01 -24.81
N GLN B 180 -10.94 -21.02 -25.64
CA GLN B 180 -10.08 -21.39 -26.76
C GLN B 180 -10.92 -21.89 -27.93
N ALA B 181 -10.54 -21.47 -29.13
CA ALA B 181 -11.25 -21.88 -30.35
C ALA B 181 -10.60 -23.10 -31.00
N ASN B 182 -9.34 -23.36 -30.66
CA ASN B 182 -8.60 -24.47 -31.24
C ASN B 182 -7.76 -25.15 -30.16
N VAL B 183 -7.95 -26.46 -30.01
CA VAL B 183 -7.15 -27.28 -29.10
C VAL B 183 -6.52 -28.41 -29.89
N TYR B 184 -5.20 -28.50 -29.88
CA TYR B 184 -4.51 -29.55 -30.61
C TYR B 184 -3.55 -30.32 -29.69
N ILE B 185 -3.34 -31.58 -30.00
CA ILE B 185 -2.59 -32.46 -29.13
C ILE B 185 -1.34 -32.92 -29.88
N LYS B 186 -0.20 -32.75 -29.22
CA LYS B 186 1.11 -33.10 -29.76
C LYS B 186 1.22 -34.59 -30.09
N PRO B 187 2.14 -34.95 -31.01
CA PRO B 187 2.41 -36.38 -31.20
C PRO B 187 3.23 -36.89 -30.04
N GLY B 188 3.30 -38.22 -29.89
CA GLY B 188 4.09 -38.83 -28.82
C GLY B 188 3.28 -39.43 -27.70
N GLN B 189 3.98 -39.93 -26.68
CA GLN B 189 3.42 -40.69 -25.58
C GLN B 189 3.69 -39.98 -24.27
N TYR B 190 2.61 -39.71 -23.52
CA TYR B 190 2.68 -38.82 -22.37
C TYR B 190 2.17 -39.47 -21.08
N SER B 191 2.97 -39.35 -20.02
CA SER B 191 2.68 -40.01 -18.75
C SER B 191 3.16 -39.18 -17.57
N ASP B 192 2.53 -39.37 -16.40
CA ASP B 192 3.06 -38.91 -15.12
C ASP B 192 3.75 -40.04 -14.38
N GLY B 193 3.84 -41.19 -15.06
CA GLY B 193 4.43 -42.39 -14.48
C GLY B 193 3.58 -42.91 -13.34
N GLU B 194 4.25 -43.45 -12.32
CA GLU B 194 3.65 -43.91 -11.07
C GLU B 194 3.84 -42.90 -9.94
N PRO B 195 2.82 -42.76 -9.07
CA PRO B 195 2.97 -41.91 -7.89
C PRO B 195 3.98 -42.51 -6.91
N ALA B 196 4.89 -41.69 -6.41
CA ALA B 196 5.96 -42.20 -5.56
C ALA B 196 5.44 -42.61 -4.20
N VAL B 197 4.36 -41.93 -3.76
CA VAL B 197 3.70 -42.17 -2.48
C VAL B 197 2.36 -42.84 -2.72
N THR B 198 2.16 -44.00 -2.12
CA THR B 198 1.05 -44.90 -2.47
C THR B 198 -0.33 -44.27 -2.23
N TYR B 199 -0.56 -43.80 -1.00
CA TYR B 199 -1.76 -43.02 -0.65
C TYR B 199 -1.42 -41.57 -0.33
N ARG B 200 -2.22 -40.67 -0.88
CA ARG B 200 -1.96 -39.23 -0.80
C ARG B 200 -3.29 -38.59 -0.54
N GLY B 201 -3.44 -37.92 0.59
CA GLY B 201 -4.74 -37.39 0.97
C GLY B 201 -4.79 -36.18 1.88
N ILE B 202 -6.00 -35.78 2.19
CA ILE B 202 -6.23 -34.64 3.06
C ILE B 202 -7.15 -35.03 4.20
N PHE B 203 -6.98 -34.32 5.29
CA PHE B 203 -7.83 -34.48 6.45
C PHE B 203 -8.52 -33.15 6.72
N LEU B 204 -9.84 -33.17 6.60
CA LEU B 204 -10.69 -32.06 7.03
C LEU B 204 -10.89 -32.17 8.54
N ASN B 205 -10.43 -31.12 9.22
CA ASN B 205 -10.29 -31.13 10.68
C ASN B 205 -10.37 -29.70 11.24
N ASP B 206 -10.48 -29.56 12.57
CA ASP B 206 -10.75 -28.26 13.20
C ASP B 206 -11.82 -27.50 12.43
N GLU B 207 -12.88 -28.19 12.05
CA GLU B 207 -13.75 -27.70 10.96
C GLU B 207 -14.94 -26.88 11.44
N ALA B 208 -15.12 -26.78 12.75
CA ALA B 208 -16.08 -25.84 13.28
C ALA B 208 -15.31 -24.57 13.71
N PRO B 209 -15.94 -23.40 13.59
CA PRO B 209 -17.28 -23.14 13.00
C PRO B 209 -17.29 -22.91 11.46
N CYS B 210 -16.11 -22.71 10.87
CA CYS B 210 -16.04 -22.28 9.50
C CYS B 210 -16.62 -23.28 8.51
N LEU B 211 -15.98 -24.42 8.33
CA LEU B 211 -16.46 -25.41 7.37
C LEU B 211 -17.88 -25.86 7.64
N THR B 212 -18.15 -26.22 8.89
CA THR B 212 -19.46 -26.71 9.29
C THR B 212 -20.56 -25.70 8.94
N ARG B 213 -20.37 -24.44 9.34
CA ARG B 213 -21.36 -23.40 9.05
C ARG B 213 -21.45 -23.01 7.56
N TRP B 214 -20.35 -23.24 6.83
CA TRP B 214 -20.41 -23.14 5.39
C TRP B 214 -21.28 -24.26 4.82
N VAL B 215 -20.93 -25.52 5.12
CA VAL B 215 -21.76 -26.66 4.72
C VAL B 215 -23.24 -26.44 5.07
N LYS B 216 -23.52 -25.92 6.26
CA LYS B 216 -24.90 -25.55 6.61
C LYS B 216 -25.52 -24.58 5.57
N HIS B 217 -24.87 -23.46 5.33
CA HIS B 217 -25.36 -22.44 4.44
C HIS B 217 -25.60 -22.96 3.01
N THR B 218 -24.66 -23.75 2.53
CA THR B 218 -24.66 -24.29 1.18
C THR B 218 -25.64 -25.44 1.00
N TYR B 219 -25.60 -26.40 1.92
CA TYR B 219 -26.31 -27.65 1.73
C TYR B 219 -27.55 -27.80 2.61
N GLY B 220 -27.68 -26.97 3.63
CA GLY B 220 -28.84 -27.01 4.53
C GLY B 220 -28.75 -28.08 5.59
N THR B 221 -27.62 -28.79 5.61
CA THR B 221 -27.43 -29.96 6.46
C THR B 221 -26.55 -29.69 7.69
N ASN B 222 -26.86 -30.33 8.80
CA ASN B 222 -25.98 -30.29 9.98
C ASN B 222 -24.92 -31.38 9.93
N TYR B 223 -24.57 -31.84 8.73
CA TYR B 223 -23.50 -32.79 8.55
C TYR B 223 -23.01 -32.68 7.12
N GLY B 224 -21.89 -33.33 6.80
CA GLY B 224 -21.40 -33.39 5.43
C GLY B 224 -22.02 -34.58 4.72
N ASP B 225 -22.88 -34.29 3.73
CA ASP B 225 -23.56 -35.28 2.91
C ASP B 225 -22.85 -35.49 1.58
N HIS B 226 -23.41 -36.38 0.76
CA HIS B 226 -22.73 -36.81 -0.47
C HIS B 226 -22.57 -35.71 -1.51
N ARG B 227 -23.41 -34.67 -1.46
CA ARG B 227 -23.24 -33.56 -2.35
C ARG B 227 -21.94 -32.82 -2.00
N PHE B 228 -21.75 -32.57 -0.70
CA PHE B 228 -20.48 -32.01 -0.23
C PHE B 228 -19.31 -32.90 -0.62
N TYR B 229 -19.32 -34.15 -0.21
CA TYR B 229 -18.15 -34.98 -0.48
C TYR B 229 -17.85 -35.24 -1.97
N ALA B 230 -18.84 -35.09 -2.85
CA ALA B 230 -18.58 -35.13 -4.28
C ALA B 230 -17.59 -34.02 -4.66
N ARG B 231 -17.82 -32.82 -4.11
CA ARG B 231 -16.95 -31.67 -4.34
C ARG B 231 -15.55 -31.92 -3.83
N VAL B 232 -15.46 -32.46 -2.63
CA VAL B 232 -14.19 -32.77 -2.02
C VAL B 232 -13.45 -33.81 -2.84
N CYS B 233 -14.13 -34.89 -3.22
CA CYS B 233 -13.47 -35.96 -3.93
C CYS B 233 -12.93 -35.52 -5.29
N GLU B 234 -13.69 -34.66 -5.97
CA GLU B 234 -13.30 -34.24 -7.31
C GLU B 234 -12.00 -33.44 -7.21
N LEU B 235 -11.93 -32.55 -6.22
CA LEU B 235 -10.72 -31.78 -6.01
C LEU B 235 -9.53 -32.74 -5.82
N ILE B 236 -9.68 -33.67 -4.86
CA ILE B 236 -8.65 -34.63 -4.53
C ILE B 236 -8.17 -35.31 -5.80
N LEU B 237 -9.11 -35.78 -6.61
CA LEU B 237 -8.77 -36.54 -7.81
C LEU B 237 -8.10 -35.68 -8.89
N ARG B 238 -8.67 -34.49 -9.11
CA ARG B 238 -8.14 -33.54 -10.07
C ARG B 238 -6.73 -33.11 -9.67
N LEU B 239 -6.45 -33.15 -8.37
CA LEU B 239 -5.10 -32.87 -7.87
C LEU B 239 -4.19 -34.06 -7.97
N LYS B 240 -4.69 -35.15 -8.57
CA LYS B 240 -4.00 -36.44 -8.63
C LYS B 240 -3.90 -37.15 -7.27
N GLY B 241 -4.65 -36.68 -6.28
CA GLY B 241 -4.69 -37.32 -4.96
C GLY B 241 -5.69 -38.46 -4.97
N ASN B 242 -5.70 -39.26 -3.90
CA ASN B 242 -6.50 -40.50 -3.88
C ASN B 242 -7.01 -40.93 -2.53
N PHE B 243 -6.88 -40.07 -1.52
CA PHE B 243 -7.16 -40.46 -0.13
C PHE B 243 -7.83 -39.31 0.64
N LEU B 244 -8.70 -39.65 1.60
CA LEU B 244 -9.38 -38.66 2.42
C LEU B 244 -9.68 -39.15 3.83
N TRP B 245 -9.30 -38.37 4.83
CA TRP B 245 -9.88 -38.53 6.17
C TRP B 245 -11.02 -37.53 6.30
N PRO B 246 -12.28 -37.99 6.21
CA PRO B 246 -13.40 -37.06 6.30
C PRO B 246 -13.52 -36.39 7.67
N ALA B 247 -14.29 -35.30 7.72
CA ALA B 247 -14.43 -34.47 8.91
C ALA B 247 -15.03 -35.29 10.03
N MET B 248 -14.46 -35.15 11.22
CA MET B 248 -14.91 -35.99 12.34
C MET B 248 -15.28 -35.29 13.64
N TRP B 249 -15.13 -33.97 13.73
CA TRP B 249 -15.38 -33.26 15.01
C TRP B 249 -16.82 -33.43 15.46
N SER B 250 -17.77 -33.25 14.55
CA SER B 250 -19.18 -33.29 14.91
C SER B 250 -19.99 -34.21 13.99
N TRP B 251 -19.33 -34.76 12.98
CA TRP B 251 -19.99 -35.53 11.93
C TRP B 251 -19.49 -36.95 11.94
N ALA B 252 -20.18 -37.79 11.17
CA ALA B 252 -19.84 -39.21 10.99
C ALA B 252 -20.03 -39.64 9.53
N PHE B 253 -18.93 -39.63 8.76
CA PHE B 253 -19.00 -39.80 7.32
C PHE B 253 -19.84 -40.99 6.88
N TYR B 254 -19.59 -42.15 7.48
CA TYR B 254 -20.28 -43.38 7.09
C TYR B 254 -21.75 -43.42 7.49
N ALA B 255 -22.11 -42.67 8.52
CA ALA B 255 -23.40 -42.85 9.20
C ALA B 255 -24.39 -41.71 8.96
N ASP B 256 -23.88 -40.62 8.39
CA ASP B 256 -24.68 -39.41 8.13
C ASP B 256 -25.48 -39.52 6.84
N ASP B 257 -24.94 -40.28 5.90
CA ASP B 257 -25.51 -40.41 4.57
C ASP B 257 -24.95 -41.69 3.92
N PRO B 258 -25.81 -42.71 3.72
CA PRO B 258 -25.43 -43.96 3.06
C PRO B 258 -24.69 -43.71 1.74
N GLN B 259 -25.03 -42.60 1.07
CA GLN B 259 -24.39 -42.26 -0.21
C GLN B 259 -22.97 -41.70 -0.06
N ASN B 260 -22.55 -41.32 1.16
CA ASN B 260 -21.17 -40.85 1.39
C ASN B 260 -20.11 -41.83 0.89
N SER B 261 -20.13 -43.04 1.45
CA SER B 261 -19.24 -44.08 1.03
C SER B 261 -19.43 -44.37 -0.47
N LYS B 262 -20.69 -44.50 -0.89
CA LYS B 262 -20.98 -44.91 -2.27
C LYS B 262 -20.38 -43.91 -3.25
N THR B 263 -20.51 -42.63 -2.91
CA THR B 263 -19.91 -41.52 -3.65
C THR B 263 -18.38 -41.57 -3.74
N ALA B 264 -17.69 -41.66 -2.61
CA ALA B 264 -16.22 -41.75 -2.67
C ALA B 264 -15.74 -43.01 -3.39
N SER B 265 -16.41 -44.13 -3.11
CA SER B 265 -15.93 -45.39 -3.64
C SER B 265 -16.17 -45.50 -5.15
N GLU B 266 -17.29 -44.97 -5.62
CA GLU B 266 -17.53 -45.01 -7.07
C GLU B 266 -16.66 -44.01 -7.84
N MET B 267 -16.34 -42.87 -7.24
CA MET B 267 -15.47 -41.89 -7.87
C MET B 267 -14.00 -42.29 -7.85
N GLY B 268 -13.60 -43.07 -6.86
CA GLY B 268 -12.22 -43.54 -6.82
C GLY B 268 -11.39 -43.01 -5.66
N VAL B 269 -12.05 -42.40 -4.69
CA VAL B 269 -11.37 -41.89 -3.51
C VAL B 269 -11.45 -42.87 -2.33
N ILE B 270 -10.27 -43.21 -1.82
CA ILE B 270 -10.12 -44.09 -0.67
C ILE B 270 -10.37 -43.33 0.64
N ILE B 271 -11.35 -43.80 1.41
CA ILE B 271 -11.64 -43.28 2.73
C ILE B 271 -10.80 -43.92 3.83
N GLY B 272 -10.42 -43.10 4.82
CA GLY B 272 -9.78 -43.57 6.06
C GLY B 272 -10.47 -42.91 7.26
N THR B 273 -9.99 -43.18 8.47
CA THR B 273 -10.42 -42.40 9.62
C THR B 273 -9.17 -41.94 10.33
N SER B 274 -9.27 -40.97 11.23
CA SER B 274 -8.06 -40.46 11.90
C SER B 274 -7.41 -41.54 12.77
N HIS B 275 -6.21 -41.22 13.25
CA HIS B 275 -5.38 -42.13 14.04
C HIS B 275 -6.09 -42.60 15.31
N HIS B 276 -7.06 -41.81 15.79
CA HIS B 276 -7.80 -42.19 17.02
C HIS B 276 -9.23 -42.71 16.82
N GLU B 277 -9.54 -43.11 15.58
CA GLU B 277 -10.85 -43.67 15.23
C GLU B 277 -10.74 -45.09 14.64
N PRO B 278 -10.50 -46.11 15.49
CA PRO B 278 -10.23 -47.43 14.92
C PRO B 278 -11.41 -48.12 14.18
N MET B 279 -11.05 -49.02 13.27
CA MET B 279 -11.97 -50.01 12.70
C MET B 279 -13.11 -49.43 11.88
N ALA B 280 -12.80 -48.35 11.15
CA ALA B 280 -13.73 -47.81 10.15
C ALA B 280 -15.03 -47.36 10.79
N ARG B 281 -14.97 -47.01 12.07
CA ARG B 281 -16.05 -46.26 12.71
C ARG B 281 -15.64 -44.80 12.93
N ASN B 282 -16.55 -43.89 12.65
CA ASN B 282 -16.28 -42.50 12.87
C ASN B 282 -16.42 -42.24 14.37
N HIS B 283 -15.48 -41.50 14.96
CA HIS B 283 -15.49 -41.24 16.40
C HIS B 283 -16.85 -40.80 16.93
N GLN B 284 -17.58 -39.98 16.18
CA GLN B 284 -18.86 -39.50 16.70
C GLN B 284 -19.94 -40.58 16.80
N GLU B 285 -19.75 -41.71 16.09
CA GLU B 285 -20.68 -42.83 16.17
C GLU B 285 -20.78 -43.35 17.59
N TRP B 286 -19.68 -43.28 18.33
CA TRP B 286 -19.68 -43.69 19.73
C TRP B 286 -20.22 -42.56 20.61
N SER B 287 -19.57 -41.40 20.58
CA SER B 287 -20.03 -40.22 21.34
C SER B 287 -21.52 -39.94 21.25
N ARG B 288 -22.10 -40.06 20.05
CA ARG B 288 -23.51 -39.71 19.92
C ARG B 288 -24.37 -40.58 20.81
N LYS B 289 -23.83 -41.73 21.22
CA LYS B 289 -24.57 -42.66 22.06
C LYS B 289 -23.78 -43.10 23.29
N ARG B 290 -22.88 -42.24 23.76
CA ARG B 290 -22.17 -42.40 25.04
C ARG B 290 -23.01 -43.03 26.17
N LYS B 291 -24.21 -42.50 26.37
CA LYS B 291 -25.02 -42.84 27.53
C LYS B 291 -25.47 -44.30 27.49
N GLU B 292 -25.82 -44.78 26.31
CA GLU B 292 -26.19 -46.16 26.09
C GLU B 292 -24.97 -47.10 26.18
N TYR B 293 -24.01 -46.89 25.28
CA TYR B 293 -22.91 -47.82 25.06
C TYR B 293 -21.92 -47.91 26.23
N GLY B 294 -21.78 -46.80 26.96
CA GLY B 294 -20.91 -46.75 28.14
C GLY B 294 -19.47 -46.43 27.80
N ALA B 295 -18.59 -46.85 28.70
CA ALA B 295 -17.19 -46.46 28.69
C ALA B 295 -16.43 -46.96 27.46
N TRP B 296 -15.51 -46.12 26.97
CA TRP B 296 -14.50 -46.48 25.96
C TRP B 296 -13.26 -47.13 26.61
N ASP B 297 -13.45 -48.35 27.11
CA ASP B 297 -12.40 -49.07 27.83
C ASP B 297 -12.53 -50.57 27.56
N TYR B 298 -11.48 -51.15 27.01
CA TYR B 298 -11.51 -52.50 26.45
C TYR B 298 -11.53 -53.57 27.52
N THR B 299 -11.26 -53.19 28.76
CA THR B 299 -11.18 -54.14 29.83
C THR B 299 -12.51 -54.20 30.58
N THR B 300 -13.40 -53.23 30.35
CA THR B 300 -14.74 -53.31 30.95
C THR B 300 -15.89 -53.47 29.98
N ASN B 301 -15.69 -53.05 28.73
CA ASN B 301 -16.76 -53.00 27.77
C ASN B 301 -16.26 -53.68 26.50
N GLN B 302 -15.49 -54.76 26.65
CA GLN B 302 -14.92 -55.43 25.47
C GLN B 302 -15.94 -55.85 24.43
N LYS B 303 -17.05 -56.44 24.86
CA LYS B 303 -17.97 -57.06 23.93
C LYS B 303 -18.66 -56.07 23.00
N VAL B 304 -19.09 -54.95 23.57
CA VAL B 304 -19.67 -53.85 22.80
C VAL B 304 -18.65 -53.22 21.85
N ILE B 305 -17.42 -53.05 22.32
CA ILE B 305 -16.38 -52.47 21.48
C ILE B 305 -16.01 -53.41 20.33
N ASP B 306 -15.87 -54.71 20.62
CA ASP B 306 -15.69 -55.69 19.54
C ASP B 306 -16.83 -55.64 18.51
N GLN B 307 -18.06 -55.54 18.98
CA GLN B 307 -19.18 -55.47 18.06
C GLN B 307 -19.10 -54.17 17.27
N PHE B 308 -18.72 -53.09 17.94
CA PHE B 308 -18.54 -51.79 17.32
C PHE B 308 -17.54 -51.88 16.17
N PHE B 309 -16.37 -52.47 16.46
CA PHE B 309 -15.32 -52.67 15.47
C PHE B 309 -15.84 -53.49 14.31
N ARG B 310 -16.44 -54.65 14.64
CA ARG B 310 -17.04 -55.55 13.68
C ARG B 310 -17.98 -54.89 12.69
N GLU B 311 -18.90 -54.06 13.17
CA GLU B 311 -19.90 -53.42 12.29
C GLU B 311 -19.26 -52.49 11.26
N GLY B 312 -18.12 -51.92 11.62
CA GLY B 312 -17.37 -51.00 10.76
C GLY B 312 -16.71 -51.75 9.62
N ILE B 313 -16.02 -52.83 9.97
CA ILE B 313 -15.43 -53.70 8.95
C ILE B 313 -16.47 -54.25 7.98
N GLU B 314 -17.67 -54.57 8.47
CA GLU B 314 -18.76 -55.03 7.60
C GLU B 314 -19.18 -53.93 6.61
N ARG B 315 -19.44 -52.73 7.17
CA ARG B 315 -19.91 -51.55 6.42
C ARG B 315 -18.98 -51.15 5.26
N MET B 316 -17.68 -51.33 5.44
CA MET B 316 -16.69 -50.94 4.42
C MET B 316 -16.18 -52.07 3.49
N GLN B 317 -16.81 -53.24 3.56
CA GLN B 317 -16.51 -54.29 2.59
C GLN B 317 -16.88 -53.85 1.18
N GLY B 318 -15.98 -54.12 0.23
CA GLY B 318 -16.18 -53.74 -1.17
C GLY B 318 -15.84 -52.29 -1.51
N THR B 319 -15.29 -51.57 -0.54
CA THR B 319 -14.61 -50.29 -0.76
C THR B 319 -13.11 -50.56 -0.62
N GLU B 320 -12.30 -49.64 -1.15
CA GLU B 320 -10.86 -49.76 -1.03
C GLU B 320 -10.40 -49.11 0.30
N ASP B 321 -11.35 -48.72 1.15
CA ASP B 321 -11.06 -48.03 2.39
C ASP B 321 -9.98 -48.69 3.22
N ILE B 322 -9.22 -47.89 3.96
CA ILE B 322 -8.13 -48.38 4.80
C ILE B 322 -8.57 -48.40 6.25
N VAL B 323 -8.06 -49.35 7.01
CA VAL B 323 -8.59 -49.59 8.36
C VAL B 323 -7.57 -49.17 9.43
N THR B 324 -8.04 -48.29 10.32
CA THR B 324 -7.28 -47.79 11.43
C THR B 324 -7.28 -48.84 12.54
N ILE B 325 -6.10 -49.25 13.00
CA ILE B 325 -6.01 -50.23 14.09
C ILE B 325 -5.46 -49.60 15.36
N GLY B 326 -5.50 -50.34 16.47
CA GLY B 326 -5.09 -49.82 17.78
C GLY B 326 -6.25 -49.22 18.55
N MET B 327 -5.95 -48.63 19.71
CA MET B 327 -6.96 -48.00 20.55
C MET B 327 -6.29 -47.27 21.72
N ARG B 328 -6.94 -46.22 22.21
CA ARG B 328 -6.42 -45.53 23.38
C ARG B 328 -7.41 -45.42 24.53
N GLY B 329 -6.86 -45.15 25.71
CA GLY B 329 -7.55 -44.42 26.76
C GLY B 329 -8.65 -45.05 27.59
N ASP B 330 -8.96 -44.36 28.69
CA ASP B 330 -9.82 -44.76 29.81
C ASP B 330 -9.31 -46.02 30.50
N ASN B 340 -1.18 -50.65 29.61
CA ASN B 340 -0.14 -51.64 29.34
C ASN B 340 0.14 -51.92 27.84
N VAL B 341 1.41 -52.16 27.53
CA VAL B 341 1.86 -52.67 26.23
C VAL B 341 1.16 -54.00 25.90
N LYS B 342 0.92 -54.82 26.92
CA LYS B 342 0.28 -56.12 26.75
C LYS B 342 -1.15 -55.93 26.28
N LEU B 343 -1.91 -55.09 27.00
CA LEU B 343 -3.30 -54.79 26.64
C LEU B 343 -3.45 -54.39 25.16
N LEU B 344 -2.63 -53.45 24.70
CA LEU B 344 -2.69 -52.96 23.32
C LEU B 344 -2.42 -54.04 22.26
N GLU B 345 -1.35 -54.82 22.43
CA GLU B 345 -1.01 -55.93 21.50
C GLU B 345 -2.17 -56.90 21.33
N ASN B 346 -2.97 -56.98 22.39
CA ASN B 346 -4.12 -57.85 22.49
C ASN B 346 -5.37 -57.24 21.83
N VAL B 347 -5.44 -55.90 21.83
CA VAL B 347 -6.51 -55.19 21.14
C VAL B 347 -6.29 -55.37 19.64
N VAL B 348 -5.06 -55.17 19.20
CA VAL B 348 -4.68 -55.31 17.79
C VAL B 348 -4.98 -56.73 17.29
N LYS B 349 -4.53 -57.73 18.05
CA LYS B 349 -4.75 -59.15 17.74
C LYS B 349 -6.21 -59.40 17.48
N ASN B 350 -7.03 -59.00 18.44
CA ASN B 350 -8.47 -59.09 18.36
C ASN B 350 -9.06 -58.32 17.18
N GLN B 351 -8.52 -57.13 16.94
CA GLN B 351 -8.99 -56.33 15.83
C GLN B 351 -8.74 -57.11 14.55
N ARG B 352 -7.53 -57.63 14.45
CA ARG B 352 -7.17 -58.42 13.27
C ARG B 352 -8.02 -59.68 13.14
N LYS B 353 -8.29 -60.35 14.26
CA LYS B 353 -9.16 -61.53 14.21
C LYS B 353 -10.57 -61.18 13.74
N ILE B 354 -11.09 -60.03 14.20
CA ILE B 354 -12.37 -59.44 13.72
C ILE B 354 -12.37 -59.19 12.20
N ILE B 355 -11.25 -58.65 11.72
CA ILE B 355 -11.03 -58.46 10.28
C ILE B 355 -11.05 -59.79 9.52
N GLU B 356 -10.30 -60.78 10.01
CA GLU B 356 -10.30 -62.11 9.43
C GLU B 356 -11.68 -62.75 9.40
N GLU B 357 -12.48 -62.50 10.44
CA GLU B 357 -13.79 -63.12 10.58
C GLU B 357 -14.80 -62.50 9.63
N VAL B 358 -14.69 -61.19 9.42
CA VAL B 358 -15.65 -60.50 8.58
C VAL B 358 -15.25 -60.71 7.14
N THR B 359 -13.98 -60.52 6.81
CA THR B 359 -13.55 -60.64 5.40
C THR B 359 -13.45 -62.10 4.92
N LYS B 360 -13.42 -63.05 5.85
CA LYS B 360 -13.07 -64.46 5.59
C LYS B 360 -11.75 -64.61 4.79
N ARG B 361 -10.78 -63.79 5.14
CA ARG B 361 -9.53 -63.68 4.43
C ARG B 361 -8.50 -63.33 5.49
N PRO B 362 -7.23 -63.71 5.27
CA PRO B 362 -6.21 -63.30 6.25
C PRO B 362 -6.11 -61.77 6.41
N ALA B 363 -5.79 -61.33 7.61
CA ALA B 363 -5.74 -59.91 7.92
C ALA B 363 -4.88 -59.14 6.91
N LYS B 364 -3.74 -59.72 6.51
CA LYS B 364 -2.76 -59.03 5.65
C LYS B 364 -3.33 -58.45 4.34
N GLU B 365 -4.60 -58.75 4.08
CA GLU B 365 -5.24 -58.44 2.81
C GLU B 365 -6.22 -57.28 2.95
N THR B 366 -6.42 -56.83 4.18
CA THR B 366 -7.12 -55.59 4.46
C THR B 366 -6.06 -54.51 4.78
N PRO B 367 -6.03 -53.42 3.99
CA PRO B 367 -5.12 -52.30 4.24
C PRO B 367 -5.30 -51.80 5.67
N GLN B 368 -4.20 -51.72 6.44
CA GLN B 368 -4.31 -51.24 7.81
C GLN B 368 -3.31 -50.16 8.15
N VAL B 369 -3.72 -49.24 9.02
CA VAL B 369 -2.85 -48.15 9.49
C VAL B 369 -2.78 -48.19 11.02
N TRP B 370 -1.57 -48.07 11.56
CA TRP B 370 -1.37 -47.91 12.99
C TRP B 370 -0.53 -46.67 13.22
N ALA B 371 -1.00 -45.79 14.11
CA ALA B 371 -0.37 -44.48 14.32
C ALA B 371 0.61 -44.48 15.47
N LEU B 372 1.80 -43.93 15.23
CA LEU B 372 2.73 -43.68 16.32
C LEU B 372 2.56 -42.25 16.84
N TYR B 373 1.54 -42.08 17.69
CA TYR B 373 1.30 -40.83 18.45
C TYR B 373 1.38 -41.13 19.95
N LYS B 374 1.84 -40.16 20.73
CA LYS B 374 1.88 -40.30 22.20
C LYS B 374 2.49 -41.65 22.66
N GLU B 375 1.90 -42.26 23.69
CA GLU B 375 2.52 -43.40 24.38
C GLU B 375 2.87 -44.54 23.40
N VAL B 376 2.05 -44.73 22.37
CA VAL B 376 2.20 -45.86 21.45
C VAL B 376 3.54 -45.80 20.72
N LEU B 377 4.00 -44.58 20.42
CA LEU B 377 5.35 -44.37 19.92
C LEU B 377 6.43 -44.88 20.90
N ASP B 378 6.30 -44.58 22.19
CA ASP B 378 7.26 -45.09 23.19
C ASP B 378 7.29 -46.61 23.21
N TYR B 379 6.08 -47.19 23.22
CA TYR B 379 5.87 -48.63 23.20
C TYR B 379 6.64 -49.28 22.05
N TYR B 380 6.57 -48.67 20.87
CA TYR B 380 7.29 -49.16 19.68
C TYR B 380 8.76 -49.54 19.95
N ASP B 381 9.39 -48.82 20.89
CA ASP B 381 10.81 -49.02 21.23
C ASP B 381 11.05 -50.18 22.22
N MET B 384 7.90 -53.32 21.12
CA MET B 384 6.50 -53.66 20.89
C MET B 384 6.27 -54.42 19.59
N ARG B 385 5.51 -55.51 19.69
CA ARG B 385 5.22 -56.35 18.50
C ARG B 385 4.17 -55.74 17.53
N VAL B 386 4.63 -55.38 16.33
CA VAL B 386 3.79 -54.78 15.27
C VAL B 386 3.74 -55.70 14.01
N PRO B 387 2.52 -56.02 13.51
CA PRO B 387 2.48 -57.04 12.46
C PRO B 387 3.01 -56.50 11.13
N ASP B 388 3.78 -57.34 10.43
CA ASP B 388 4.51 -56.95 9.22
C ASP B 388 3.73 -56.04 8.23
N ASP B 389 2.51 -56.43 7.88
CA ASP B 389 1.74 -55.78 6.79
C ASP B 389 1.21 -54.36 7.07
N VAL B 390 1.14 -53.98 8.34
CA VAL B 390 0.51 -52.73 8.74
C VAL B 390 1.31 -51.49 8.33
N ILE B 391 0.61 -50.48 7.81
CA ILE B 391 1.25 -49.20 7.54
C ILE B 391 1.44 -48.52 8.87
N MET B 392 2.71 -48.28 9.20
CA MET B 392 3.10 -47.56 10.40
C MET B 392 3.13 -46.09 10.08
N LEU B 393 2.30 -45.33 10.78
CA LEU B 393 2.05 -43.91 10.50
C LEU B 393 2.80 -42.99 11.45
N LEU B 394 3.84 -42.34 10.94
CA LEU B 394 4.54 -41.33 11.73
C LEU B 394 3.77 -40.01 11.73
N CYS B 395 4.16 -39.11 12.63
CA CYS B 395 3.47 -37.85 12.82
C CYS B 395 4.49 -36.75 13.01
N ASP B 396 4.13 -35.56 12.53
CA ASP B 396 4.91 -34.36 12.77
C ASP B 396 4.58 -33.80 14.15
N ASP B 397 5.37 -32.83 14.57
CA ASP B 397 5.18 -32.12 15.82
C ASP B 397 3.96 -31.19 15.81
N ASN B 398 3.02 -31.39 14.88
CA ASN B 398 1.86 -30.52 14.71
C ASN B 398 2.18 -29.16 14.05
N TRP B 399 3.47 -28.87 13.86
CA TRP B 399 3.87 -27.55 13.34
C TRP B 399 4.76 -27.62 12.10
N GLY B 400 4.73 -28.74 11.40
CA GLY B 400 5.44 -28.85 10.12
C GLY B 400 6.87 -29.40 10.16
N ASN B 401 7.32 -29.85 11.34
CA ASN B 401 8.61 -30.51 11.50
C ASN B 401 8.43 -31.99 11.87
N VAL B 402 9.09 -32.88 11.12
CA VAL B 402 9.00 -34.32 11.36
C VAL B 402 9.67 -34.70 12.66
N CYS B 403 9.03 -35.60 13.39
CA CYS B 403 9.49 -35.99 14.71
C CYS B 403 10.50 -37.10 14.65
N ARG B 404 10.20 -38.11 13.85
CA ARG B 404 10.92 -39.36 13.88
C ARG B 404 10.79 -40.04 12.52
N LEU B 405 11.91 -40.53 12.00
CA LEU B 405 11.93 -41.20 10.72
C LEU B 405 12.62 -42.57 10.86
N PRO B 406 12.22 -43.54 10.02
CA PRO B 406 12.72 -44.89 10.18
C PRO B 406 14.19 -45.03 9.81
N ASN B 407 14.94 -45.74 10.66
CA ASN B 407 16.32 -46.09 10.35
C ASN B 407 16.34 -47.18 9.29
N ALA B 408 17.53 -47.53 8.81
CA ALA B 408 17.66 -48.50 7.70
C ALA B 408 16.98 -49.85 7.97
N LYS B 409 17.11 -50.38 9.20
CA LYS B 409 16.42 -51.61 9.60
C LYS B 409 14.90 -51.47 9.58
N GLU B 410 14.39 -50.35 10.08
CA GLU B 410 12.95 -50.11 10.09
C GLU B 410 12.43 -49.87 8.67
N ARG B 411 13.29 -49.28 7.83
CA ARG B 411 12.95 -48.92 6.43
C ARG B 411 12.41 -50.13 5.64
N LYS B 412 12.85 -51.33 6.02
CA LYS B 412 12.47 -52.59 5.34
C LYS B 412 11.28 -53.34 5.98
N HIS B 413 10.52 -52.65 6.83
CA HIS B 413 9.21 -53.11 7.33
C HIS B 413 8.28 -53.20 6.11
N PRO B 414 7.76 -54.40 5.82
CA PRO B 414 7.02 -54.67 4.58
C PRO B 414 5.87 -53.73 4.32
N GLY B 415 5.05 -53.49 5.35
CA GLY B 415 3.85 -52.65 5.23
C GLY B 415 4.07 -51.18 4.87
N GLY B 416 5.31 -50.71 5.01
CA GLY B 416 5.67 -49.34 4.65
C GLY B 416 5.43 -48.30 5.74
N TRP B 417 5.78 -47.07 5.41
CA TRP B 417 5.64 -45.96 6.34
C TRP B 417 4.84 -44.81 5.77
N GLY B 418 4.12 -44.13 6.66
CA GLY B 418 3.32 -42.95 6.30
C GLY B 418 3.75 -41.73 7.09
N MET B 419 3.31 -40.55 6.66
CA MET B 419 3.53 -39.30 7.40
C MET B 419 2.28 -38.45 7.51
N TYR B 420 2.00 -38.04 8.74
CA TYR B 420 0.89 -37.16 9.04
C TYR B 420 1.43 -35.77 9.25
N TYR B 421 1.04 -34.85 8.36
CA TYR B 421 1.61 -33.53 8.30
C TYR B 421 0.55 -32.46 8.58
N HIS B 422 0.92 -31.35 9.21
CA HIS B 422 -0.05 -30.33 9.57
C HIS B 422 0.18 -28.97 8.89
N VAL B 423 -0.90 -28.38 8.37
CA VAL B 423 -0.93 -26.95 8.05
C VAL B 423 -1.98 -26.20 8.91
N ASP B 424 -2.70 -26.92 9.75
CA ASP B 424 -3.65 -26.32 10.69
C ASP B 424 -3.54 -27.12 11.96
N TYR B 425 -3.89 -26.53 13.09
CA TYR B 425 -3.77 -27.24 14.38
C TYR B 425 -4.50 -26.65 15.60
N VAL B 426 -5.23 -27.52 16.29
CA VAL B 426 -5.82 -27.17 17.58
C VAL B 426 -5.10 -27.90 18.70
N GLY B 427 -4.39 -27.14 19.53
CA GLY B 427 -3.58 -27.66 20.62
C GLY B 427 -2.55 -26.65 21.05
N ALA B 428 -1.52 -27.13 21.73
CA ALA B 428 -0.49 -26.28 22.30
C ALA B 428 0.48 -25.77 21.23
N PRO B 429 1.17 -24.64 21.48
CA PRO B 429 1.02 -23.73 22.62
C PRO B 429 -0.15 -22.80 22.42
N ARG B 430 -0.59 -22.65 21.17
CA ARG B 430 -1.81 -21.91 20.81
C ARG B 430 -2.29 -22.36 19.44
N ASN B 431 -3.60 -22.36 19.23
CA ASN B 431 -4.17 -22.73 17.94
C ASN B 431 -3.64 -21.97 16.72
N SER B 432 -3.77 -22.63 15.57
CA SER B 432 -3.50 -22.06 14.29
C SER B 432 -4.66 -22.54 13.46
N LYS B 433 -5.79 -21.84 13.61
CA LYS B 433 -7.03 -22.20 12.93
C LYS B 433 -7.40 -21.21 11.84
N TRP B 434 -6.72 -20.06 11.80
CA TRP B 434 -7.16 -18.92 10.99
C TRP B 434 -6.71 -18.90 9.52
N LEU B 435 -5.45 -18.57 9.27
CA LEU B 435 -4.95 -18.49 7.91
C LEU B 435 -3.83 -19.49 7.68
N ASN B 436 -3.33 -19.52 6.45
CA ASN B 436 -2.15 -20.29 6.06
C ASN B 436 -0.93 -19.65 6.68
N VAL B 437 -0.12 -20.50 7.30
CA VAL B 437 1.02 -20.04 8.08
C VAL B 437 2.29 -20.79 7.67
N THR B 438 2.21 -21.52 6.54
CA THR B 438 3.30 -22.37 6.06
C THR B 438 4.24 -21.77 5.00
N PRO B 439 5.48 -21.45 5.38
CA PRO B 439 6.45 -21.12 4.34
C PRO B 439 6.55 -22.23 3.29
N ILE B 440 6.47 -21.85 2.02
CA ILE B 440 6.65 -22.83 0.94
C ILE B 440 7.88 -23.67 1.21
N GLN B 441 8.96 -23.02 1.64
CA GLN B 441 10.23 -23.66 1.86
C GLN B 441 10.18 -24.75 2.91
N ASN B 442 9.49 -24.49 4.04
CA ASN B 442 9.39 -25.47 5.11
C ASN B 442 8.78 -26.77 4.65
N MET B 443 7.56 -26.67 4.11
CA MET B 443 6.82 -27.84 3.63
C MET B 443 7.70 -28.62 2.69
N TRP B 444 8.30 -27.90 1.72
CA TRP B 444 9.23 -28.52 0.79
C TRP B 444 10.33 -29.24 1.53
N GLU B 445 10.96 -28.57 2.50
CA GLU B 445 12.21 -29.09 3.08
C GLU B 445 12.00 -30.35 3.92
N GLN B 446 10.85 -30.39 4.61
CA GLN B 446 10.51 -31.50 5.48
C GLN B 446 9.95 -32.71 4.71
N LEU B 447 9.36 -32.46 3.55
CA LEU B 447 8.79 -33.56 2.79
C LEU B 447 9.84 -34.25 1.91
N GLN B 448 10.76 -33.49 1.31
CA GLN B 448 11.87 -34.14 0.63
C GLN B 448 12.71 -34.98 1.62
N LEU B 449 12.71 -34.59 2.90
CA LEU B 449 13.43 -35.31 3.94
C LEU B 449 12.70 -36.62 4.19
N THR B 450 11.38 -36.50 4.33
CA THR B 450 10.51 -37.62 4.60
C THR B 450 10.66 -38.64 3.48
N TYR B 451 10.49 -38.22 2.23
CA TYR B 451 10.68 -39.15 1.12
C TYR B 451 12.07 -39.80 1.14
N ASP B 452 13.09 -39.01 1.42
CA ASP B 452 14.48 -39.48 1.43
C ASP B 452 14.79 -40.54 2.50
N TYR B 453 14.02 -40.50 3.59
CA TYR B 453 14.15 -41.48 4.66
C TYR B 453 13.16 -42.64 4.51
N GLY B 454 12.69 -42.83 3.28
CA GLY B 454 11.97 -44.03 2.90
C GLY B 454 10.49 -44.03 3.16
N VAL B 455 9.97 -42.91 3.67
CA VAL B 455 8.55 -42.80 4.04
C VAL B 455 7.72 -42.48 2.81
N GLU B 456 7.02 -43.47 2.28
CA GLU B 456 6.45 -43.37 0.94
C GLU B 456 5.17 -44.16 0.76
N LYS B 457 4.58 -44.57 1.87
CA LYS B 457 3.38 -45.37 1.75
C LYS B 457 2.10 -44.56 1.80
N LEU B 458 2.08 -43.54 2.66
CA LEU B 458 0.86 -42.79 2.96
C LEU B 458 1.22 -41.37 3.47
N TRP B 459 0.84 -40.34 2.71
CA TRP B 459 0.99 -38.97 3.19
C TRP B 459 -0.39 -38.37 3.35
N ILE B 460 -0.72 -37.92 4.56
CA ILE B 460 -2.00 -37.27 4.83
C ILE B 460 -1.73 -35.88 5.43
N LEU B 461 -2.42 -34.86 4.92
CA LEU B 461 -2.21 -33.47 5.36
C LEU B 461 -3.42 -32.91 6.08
N ASN B 462 -3.24 -32.44 7.31
CA ASN B 462 -4.36 -31.85 8.03
C ASN B 462 -4.63 -30.49 7.46
N VAL B 463 -5.72 -30.35 6.70
CA VAL B 463 -5.95 -29.09 5.94
C VAL B 463 -6.95 -28.10 6.57
N GLY B 464 -7.32 -28.31 7.84
CA GLY B 464 -8.32 -27.48 8.49
C GLY B 464 -9.59 -27.45 7.66
N ASP B 465 -10.08 -26.26 7.35
CA ASP B 465 -11.35 -26.12 6.63
C ASP B 465 -11.13 -26.25 5.14
N LEU B 466 -9.99 -26.77 4.74
CA LEU B 466 -9.60 -26.80 3.34
C LEU B 466 -9.14 -25.40 2.91
N LYS B 467 -10.08 -24.49 2.74
CA LYS B 467 -9.70 -23.10 2.54
C LYS B 467 -9.28 -22.55 3.92
N PRO B 468 -8.33 -21.61 3.97
CA PRO B 468 -7.50 -21.05 2.89
C PRO B 468 -6.14 -21.76 2.66
N MET B 469 -6.12 -23.09 2.63
CA MET B 469 -4.85 -23.81 2.45
C MET B 469 -4.66 -24.34 1.04
N GLU B 470 -5.34 -23.72 0.07
CA GLU B 470 -5.30 -24.15 -1.31
C GLU B 470 -3.88 -24.29 -1.86
N TYR B 471 -3.02 -23.29 -1.67
CA TYR B 471 -1.67 -23.47 -2.19
C TYR B 471 -0.91 -24.60 -1.48
N PRO B 472 -0.86 -24.60 -0.14
CA PRO B 472 -0.12 -25.69 0.50
C PRO B 472 -0.68 -27.08 0.18
N ILE B 473 -2.00 -27.20 0.04
CA ILE B 473 -2.55 -28.48 -0.41
C ILE B 473 -1.93 -28.94 -1.72
N THR B 474 -1.84 -28.03 -2.68
CA THR B 474 -1.35 -28.33 -4.04
C THR B 474 0.13 -28.71 -3.99
N LEU B 475 0.91 -28.01 -3.18
CA LEU B 475 2.32 -28.34 -3.04
C LEU B 475 2.45 -29.71 -2.45
N PHE B 476 1.57 -30.03 -1.51
CA PHE B 476 1.58 -31.35 -0.88
C PHE B 476 1.30 -32.46 -1.93
N MET B 477 0.26 -32.30 -2.72
CA MET B 477 -0.07 -33.35 -3.69
C MET B 477 1.01 -33.53 -4.76
N ASP B 478 1.50 -32.42 -5.29
CA ASP B 478 2.53 -32.48 -6.31
C ASP B 478 3.81 -33.16 -5.82
N MET B 479 4.25 -32.81 -4.61
CA MET B 479 5.40 -33.47 -4.00
C MET B 479 5.10 -34.94 -3.78
N ALA B 480 3.94 -35.22 -3.18
CA ALA B 480 3.48 -36.62 -2.99
C ALA B 480 3.52 -37.43 -4.29
N TRP B 481 3.10 -36.85 -5.42
CA TRP B 481 3.28 -37.53 -6.69
C TRP B 481 4.76 -37.81 -7.04
N ASN B 482 5.58 -36.75 -7.06
CA ASN B 482 7.03 -36.92 -7.27
C ASN B 482 7.92 -35.94 -6.51
N PRO B 483 8.42 -36.36 -5.33
CA PRO B 483 9.27 -35.53 -4.45
C PRO B 483 10.64 -35.21 -5.06
N LYS B 484 11.00 -35.93 -6.13
CA LYS B 484 12.30 -35.80 -6.78
C LYS B 484 12.22 -34.89 -8.01
N GLN B 485 11.08 -34.21 -8.17
CA GLN B 485 10.87 -33.27 -9.26
C GLN B 485 11.25 -31.87 -8.77
N PHE B 486 11.62 -31.79 -7.49
CA PHE B 486 11.91 -30.53 -6.82
C PHE B 486 13.33 -30.47 -6.28
N ASN B 487 13.91 -29.27 -6.30
CA ASN B 487 15.13 -28.91 -5.55
C ASN B 487 15.20 -27.40 -5.32
N VAL B 488 16.22 -26.90 -4.65
CA VAL B 488 16.32 -25.47 -4.32
C VAL B 488 16.20 -24.55 -5.54
N SER B 489 16.90 -24.90 -6.61
CA SER B 489 16.84 -24.21 -7.90
C SER B 489 15.41 -23.99 -8.37
N ASN B 490 14.67 -25.07 -8.52
CA ASN B 490 13.39 -24.97 -9.19
C ASN B 490 12.19 -24.86 -8.26
N LEU B 491 12.43 -24.85 -6.94
CA LEU B 491 11.29 -24.83 -6.02
C LEU B 491 10.23 -23.80 -6.43
N LEU B 492 10.65 -22.56 -6.63
CA LEU B 492 9.71 -21.45 -6.83
C LEU B 492 9.00 -21.48 -8.16
N ASP B 493 9.44 -22.36 -9.07
CA ASP B 493 8.69 -22.62 -10.30
C ASP B 493 7.30 -23.21 -10.06
N HIS B 494 7.18 -23.99 -8.98
CA HIS B 494 5.90 -24.60 -8.62
C HIS B 494 4.83 -23.55 -8.27
N PRO B 495 5.15 -22.59 -7.37
CA PRO B 495 4.11 -21.59 -7.17
C PRO B 495 3.93 -20.67 -8.40
N ARG B 496 4.99 -20.51 -9.18
CA ARG B 496 4.94 -19.76 -10.45
C ARG B 496 3.91 -20.42 -11.39
N ARG B 497 4.06 -21.73 -11.68
CA ARG B 497 3.03 -22.50 -12.41
C ARG B 497 1.62 -22.33 -11.82
N PHE B 498 1.53 -22.50 -10.50
CA PHE B 498 0.28 -22.32 -9.76
C PHE B 498 -0.37 -20.95 -10.05
N CYS B 499 0.45 -19.90 -10.07
CA CYS B 499 -0.11 -18.58 -10.24
C CYS B 499 -0.42 -18.33 -11.69
N ALA B 500 0.35 -18.95 -12.58
CA ALA B 500 0.06 -18.89 -14.00
C ALA B 500 -1.30 -19.54 -14.25
N GLN B 501 -1.50 -20.69 -13.62
CA GLN B 501 -2.73 -21.47 -13.78
C GLN B 501 -3.92 -20.77 -13.15
N GLN B 502 -3.70 -20.13 -12.00
CA GLN B 502 -4.81 -19.47 -11.29
C GLN B 502 -5.14 -18.09 -11.83
N PHE B 503 -4.14 -17.38 -12.36
CA PHE B 503 -4.33 -15.97 -12.74
C PHE B 503 -3.81 -15.54 -14.14
N GLY B 504 -3.46 -16.48 -15.02
CA GLY B 504 -2.95 -16.10 -16.34
C GLY B 504 -1.46 -15.77 -16.28
N GLU B 505 -0.75 -16.07 -17.38
CA GLU B 505 0.71 -15.99 -17.41
C GLU B 505 1.24 -14.57 -17.10
N ASP B 506 0.53 -13.55 -17.60
CA ASP B 506 0.92 -12.13 -17.43
C ASP B 506 0.97 -11.67 -15.96
N GLN B 507 0.24 -12.37 -15.11
CA GLN B 507 0.20 -12.11 -13.67
C GLN B 507 1.05 -13.09 -12.82
N ALA B 508 1.63 -14.11 -13.43
CA ALA B 508 2.27 -15.19 -12.69
C ALA B 508 3.42 -14.78 -11.75
N ASP B 509 4.37 -14.01 -12.25
CA ASP B 509 5.57 -13.67 -11.46
C ASP B 509 5.26 -12.83 -10.23
N GLU B 510 4.60 -11.70 -10.46
CA GLU B 510 4.21 -10.83 -9.37
C GLU B 510 3.38 -11.60 -8.33
N ALA B 511 2.36 -12.34 -8.78
CA ALA B 511 1.52 -13.12 -7.87
C ALA B 511 2.30 -14.16 -7.04
N MET B 512 3.25 -14.83 -7.67
CA MET B 512 4.08 -15.81 -7.00
C MET B 512 4.94 -15.17 -5.92
N ARG B 513 5.46 -13.98 -6.22
CA ARG B 513 6.32 -13.26 -5.30
C ARG B 513 5.52 -12.91 -4.03
N ILE B 514 4.28 -12.48 -4.23
CA ILE B 514 3.41 -12.12 -3.13
C ILE B 514 3.03 -13.35 -2.31
N LEU B 515 2.62 -14.43 -2.98
CA LEU B 515 2.37 -15.71 -2.32
C LEU B 515 3.55 -16.22 -1.46
N ASN B 516 4.74 -16.22 -2.03
CA ASN B 516 5.89 -16.72 -1.32
C ASN B 516 6.25 -15.85 -0.11
N LEU B 517 6.06 -14.54 -0.21
CA LEU B 517 6.42 -13.65 0.86
C LEU B 517 5.40 -13.72 1.96
N TYR B 518 4.12 -13.68 1.60
CA TYR B 518 3.10 -13.63 2.64
C TYR B 518 3.19 -14.90 3.48
N SER B 519 3.45 -16.02 2.79
CA SER B 519 3.65 -17.32 3.41
C SER B 519 4.78 -17.25 4.44
N LYS B 520 5.91 -16.71 4.02
CA LYS B 520 7.09 -16.52 4.86
C LYS B 520 6.80 -15.61 6.06
N TYR B 521 6.09 -14.50 5.82
CA TYR B 521 5.80 -13.59 6.92
C TYR B 521 4.93 -14.25 7.97
N ASN B 522 3.86 -14.89 7.51
CA ASN B 522 2.95 -15.65 8.34
C ASN B 522 3.67 -16.79 9.09
N GLY B 523 4.75 -17.29 8.50
CA GLY B 523 5.62 -18.28 9.16
C GLY B 523 6.31 -17.80 10.42
N ARG B 524 6.48 -16.49 10.57
CA ARG B 524 7.28 -15.97 11.66
C ARG B 524 6.53 -16.13 12.95
N VAL B 525 5.22 -15.92 12.87
CA VAL B 525 4.35 -15.96 14.03
C VAL B 525 2.87 -16.08 13.57
N THR B 526 2.13 -17.02 14.12
CA THR B 526 0.75 -17.13 13.70
C THR B 526 -0.01 -15.88 14.15
N GLY B 527 -1.11 -15.57 13.48
CA GLY B 527 -1.98 -14.46 13.89
C GLY B 527 -2.53 -14.62 15.30
N GLU B 528 -2.71 -15.87 15.72
CA GLU B 528 -3.22 -16.17 17.06
C GLU B 528 -2.18 -15.88 18.17
N MET B 529 -0.90 -16.16 17.89
CA MET B 529 0.19 -15.87 18.84
C MET B 529 0.84 -14.48 18.71
N LEU B 530 0.54 -13.79 17.61
CA LEU B 530 0.94 -12.42 17.44
C LEU B 530 0.25 -11.58 18.51
N ASP B 531 1.01 -10.68 19.14
CA ASP B 531 0.44 -9.71 20.08
C ASP B 531 1.35 -8.48 20.13
N ARG B 532 1.07 -7.53 21.03
CA ARG B 532 1.91 -6.34 21.17
C ARG B 532 3.39 -6.62 21.48
N ASN B 533 3.72 -7.82 21.97
CA ASN B 533 5.12 -8.06 22.40
C ASN B 533 5.99 -8.85 21.42
N THR B 534 5.40 -9.34 20.34
CA THR B 534 6.08 -10.24 19.43
C THR B 534 7.37 -9.62 18.91
N TYR B 535 7.30 -8.36 18.51
CA TYR B 535 8.45 -7.64 17.95
C TYR B 535 8.99 -6.55 18.85
N ASN B 536 10.25 -6.20 18.64
CA ASN B 536 10.96 -5.14 19.36
C ASN B 536 10.58 -3.73 18.88
N LEU B 537 9.85 -3.02 19.74
CA LEU B 537 9.44 -1.65 19.45
C LEU B 537 10.66 -0.70 19.41
N GLU B 538 11.43 -0.75 20.49
CA GLU B 538 12.58 0.12 20.66
C GLU B 538 13.53 0.16 19.42
N THR B 539 13.89 -0.99 18.82
CA THR B 539 14.84 -1.02 17.67
C THR B 539 14.25 -0.65 16.29
N GLY B 540 12.98 -0.30 16.25
CA GLY B 540 12.32 -0.14 14.98
C GLY B 540 11.96 -1.45 14.30
N GLU B 541 12.17 -2.59 14.96
CA GLU B 541 11.73 -3.88 14.39
C GLU B 541 10.21 -3.94 14.11
N TRP B 542 9.43 -3.51 15.09
CA TRP B 542 7.98 -3.54 14.95
C TRP B 542 7.55 -2.61 13.82
N LYS B 543 8.24 -1.48 13.67
CA LYS B 543 7.91 -0.55 12.59
C LYS B 543 8.27 -1.17 11.25
N GLN B 544 9.40 -1.85 11.21
CA GLN B 544 9.87 -2.44 9.98
C GLN B 544 8.95 -3.56 9.54
N VAL B 545 8.41 -4.33 10.45
CA VAL B 545 7.58 -5.44 9.98
C VAL B 545 6.16 -4.96 9.70
N SER B 546 5.70 -3.95 10.43
CA SER B 546 4.41 -3.40 10.11
C SER B 546 4.43 -2.71 8.75
N ASP B 547 5.38 -1.78 8.56
CA ASP B 547 5.51 -1.09 7.29
C ASP B 547 5.71 -2.07 6.12
N GLU B 548 6.58 -3.07 6.29
CA GLU B 548 6.77 -4.04 5.22
C GLU B 548 5.50 -4.78 4.83
N TYR B 549 4.70 -5.22 5.80
CA TYR B 549 3.46 -5.92 5.45
C TYR B 549 2.49 -4.99 4.69
N LEU B 550 2.44 -3.73 5.10
CA LEU B 550 1.63 -2.73 4.40
C LEU B 550 2.13 -2.48 2.97
N LYS B 551 3.45 -2.52 2.76
CA LYS B 551 4.04 -2.43 1.43
C LYS B 551 3.56 -3.57 0.53
N LEU B 552 3.53 -4.78 1.07
CA LEU B 552 3.03 -5.93 0.33
C LEU B 552 1.55 -5.75 0.04
N GLU B 553 0.79 -5.25 1.01
CA GLU B 553 -0.63 -4.98 0.78
C GLU B 553 -0.79 -4.07 -0.41
N ALA B 554 0.02 -3.02 -0.45
CA ALA B 554 0.03 -2.07 -1.54
C ALA B 554 0.28 -2.77 -2.87
N GLU B 555 1.24 -3.69 -2.88
CA GLU B 555 1.64 -4.34 -4.12
C GLU B 555 0.57 -5.33 -4.59
N ALA B 556 -0.16 -5.89 -3.62
CA ALA B 556 -1.20 -6.84 -3.94
C ALA B 556 -2.42 -6.13 -4.50
N LEU B 557 -2.65 -4.90 -4.05
CA LEU B 557 -3.75 -4.09 -4.54
C LEU B 557 -3.43 -3.58 -5.94
N ARG B 558 -2.16 -3.30 -6.21
CA ARG B 558 -1.79 -2.90 -7.55
C ARG B 558 -2.22 -4.02 -8.48
N GLN B 559 -1.71 -5.23 -8.23
CA GLN B 559 -1.98 -6.40 -9.07
C GLN B 559 -3.47 -6.62 -9.20
N TYR B 560 -4.16 -6.50 -8.07
CA TYR B 560 -5.60 -6.75 -7.98
C TYR B 560 -6.40 -5.87 -8.93
N ILE B 561 -6.10 -4.58 -8.99
CA ILE B 561 -6.89 -3.71 -9.89
C ILE B 561 -6.47 -3.82 -11.36
N SER B 562 -5.32 -4.45 -11.61
CA SER B 562 -4.86 -4.72 -12.95
C SER B 562 -5.45 -6.03 -13.49
N LEU B 563 -6.28 -6.69 -12.72
CA LEU B 563 -6.85 -7.98 -13.15
C LEU B 563 -8.03 -7.79 -14.06
N LYS B 564 -8.07 -8.60 -15.14
CA LYS B 564 -9.31 -8.88 -15.90
C LYS B 564 -10.29 -9.29 -14.81
N PRO B 565 -11.54 -8.78 -14.86
CA PRO B 565 -12.45 -8.95 -13.71
C PRO B 565 -12.79 -10.41 -13.34
N GLU B 566 -12.69 -11.33 -14.31
CA GLU B 566 -13.03 -12.73 -14.07
C GLU B 566 -11.97 -13.50 -13.25
N TYR B 567 -10.98 -12.78 -12.73
CA TYR B 567 -9.93 -13.36 -11.88
C TYR B 567 -9.95 -12.74 -10.47
N LYS B 568 -10.75 -11.68 -10.29
CA LYS B 568 -10.76 -10.92 -9.04
C LYS B 568 -11.04 -11.78 -7.81
N ASP B 569 -12.00 -12.69 -7.93
CA ASP B 569 -12.34 -13.63 -6.84
C ASP B 569 -11.22 -14.60 -6.43
N ALA B 570 -10.70 -15.35 -7.40
CA ALA B 570 -9.57 -16.25 -7.16
C ALA B 570 -8.35 -15.52 -6.60
N TYR B 571 -8.09 -14.31 -7.08
CA TYR B 571 -6.95 -13.56 -6.54
C TYR B 571 -7.19 -13.12 -5.07
N LYS B 572 -8.39 -12.61 -4.78
CA LYS B 572 -8.72 -12.21 -3.42
C LYS B 572 -8.59 -13.39 -2.45
N GLN B 573 -9.10 -14.55 -2.87
CA GLN B 573 -9.10 -15.77 -2.04
C GLN B 573 -7.72 -16.31 -1.77
N LEU B 574 -6.82 -16.16 -2.73
CA LEU B 574 -5.55 -16.87 -2.72
C LEU B 574 -4.34 -15.98 -2.47
N ILE B 575 -4.51 -14.67 -2.58
CA ILE B 575 -3.45 -13.71 -2.36
C ILE B 575 -4.01 -12.50 -1.59
N LEU B 576 -4.82 -11.67 -2.25
CA LEU B 576 -5.27 -10.40 -1.64
C LEU B 576 -5.71 -10.51 -0.19
N PHE B 577 -6.62 -11.44 0.10
CA PHE B 577 -7.21 -11.48 1.45
C PHE B 577 -6.21 -11.88 2.56
N PRO B 578 -5.52 -13.01 2.39
CA PRO B 578 -4.53 -13.31 3.43
C PRO B 578 -3.55 -12.15 3.68
N VAL B 579 -3.12 -11.47 2.61
CA VAL B 579 -2.21 -10.31 2.74
C VAL B 579 -2.90 -9.16 3.48
N GLN B 580 -4.10 -8.79 3.04
CA GLN B 580 -4.82 -7.70 3.70
C GLN B 580 -5.10 -7.98 5.19
N ALA B 581 -5.62 -9.18 5.48
CA ALA B 581 -6.01 -9.60 6.83
C ALA B 581 -4.86 -9.54 7.85
N MET B 582 -3.71 -10.06 7.43
CA MET B 582 -2.52 -10.12 8.28
C MET B 582 -1.69 -8.81 8.31
N ALA B 583 -1.59 -8.10 7.19
CA ALA B 583 -1.07 -6.75 7.23
C ALA B 583 -1.85 -5.91 8.27
N ASN B 584 -3.19 -6.00 8.23
CA ASN B 584 -4.02 -5.23 9.14
C ASN B 584 -3.86 -5.68 10.58
N LEU B 585 -3.61 -6.98 10.79
CA LEU B 585 -3.45 -7.51 12.14
C LEU B 585 -2.21 -6.98 12.75
N TYR B 586 -1.17 -6.92 11.92
CA TYR B 586 0.17 -6.47 12.27
C TYR B 586 0.16 -5.02 12.64
N GLU B 587 -0.69 -4.24 11.96
CA GLU B 587 -0.73 -2.83 12.23
C GLU B 587 -1.44 -2.66 13.56
N MET B 588 -2.46 -3.48 13.78
CA MET B 588 -3.21 -3.43 15.03
C MET B 588 -2.30 -3.64 16.25
N TYR B 589 -1.53 -4.72 16.28
CA TYR B 589 -0.66 -4.94 17.45
C TYR B 589 0.51 -3.95 17.50
N TYR B 590 1.00 -3.51 16.33
CA TYR B 590 2.00 -2.43 16.29
C TYR B 590 1.43 -1.19 16.98
N ALA B 591 0.25 -0.75 16.52
CA ALA B 591 -0.48 0.34 17.14
C ALA B 591 -0.80 0.08 18.62
N GLN B 592 -1.10 -1.15 18.98
CA GLN B 592 -1.32 -1.45 20.38
C GLN B 592 -0.03 -1.21 21.16
N ALA B 593 1.10 -1.63 20.58
CA ALA B 593 2.39 -1.52 21.25
C ALA B 593 2.79 -0.07 21.50
N MET B 594 2.63 0.76 20.45
CA MET B 594 2.88 2.19 20.51
C MET B 594 1.99 2.87 21.54
N ASN B 595 0.72 2.50 21.55
CA ASN B 595 -0.21 3.04 22.55
C ASN B 595 0.28 2.83 23.99
N HIS B 596 0.86 1.67 24.30
CA HIS B 596 1.28 1.38 25.67
C HIS B 596 2.56 2.14 26.04
N LYS B 597 3.52 2.15 25.12
CA LYS B 597 4.80 2.80 25.34
C LYS B 597 4.53 4.28 25.57
N LEU B 598 3.67 4.85 24.74
CA LEU B 598 3.43 6.28 24.76
C LEU B 598 2.64 6.68 25.99
N TYR B 599 1.62 5.88 26.34
CA TYR B 599 0.85 6.10 27.54
C TYR B 599 1.70 6.12 28.81
N LYS B 600 2.66 5.20 28.91
CA LYS B 600 3.52 5.12 30.09
C LYS B 600 4.49 6.33 30.11
N GLU B 601 4.70 6.92 28.96
CA GLU B 601 5.54 8.10 28.83
C GLU B 601 4.72 9.38 29.10
N ASN B 602 3.48 9.22 29.58
CA ASN B 602 2.51 10.31 29.73
C ASN B 602 2.33 11.18 28.50
N ASN B 603 2.71 10.66 27.34
CA ASN B 603 2.61 11.35 26.05
C ASN B 603 1.23 11.23 25.39
N PRO B 604 0.53 12.35 25.14
CA PRO B 604 -0.82 12.21 24.57
C PRO B 604 -0.92 11.66 23.12
N GLN B 605 0.20 11.52 22.42
CA GLN B 605 0.23 10.81 21.14
C GLN B 605 -0.30 9.37 21.30
N ALA B 606 -0.45 8.90 22.55
CA ALA B 606 -1.03 7.59 22.79
C ALA B 606 -2.44 7.56 22.25
N ASN B 607 -3.18 8.66 22.42
CA ASN B 607 -4.54 8.78 21.88
C ASN B 607 -4.69 8.43 20.41
N GLU B 608 -3.77 8.89 19.56
CA GLU B 608 -3.86 8.61 18.13
C GLU B 608 -3.61 7.12 17.85
N TRP B 609 -2.72 6.53 18.60
CA TRP B 609 -2.41 5.13 18.41
C TRP B 609 -3.58 4.24 18.89
N ALA B 610 -4.31 4.70 19.90
CA ALA B 610 -5.53 4.02 20.29
C ALA B 610 -6.54 4.04 19.15
N ASP B 611 -6.73 5.20 18.52
CA ASP B 611 -7.63 5.34 17.40
C ASP B 611 -7.26 4.30 16.37
N LYS B 612 -5.97 4.17 16.11
CA LYS B 612 -5.49 3.23 15.08
C LYS B 612 -5.86 1.74 15.40
N VAL B 613 -5.71 1.34 16.66
CA VAL B 613 -6.08 0.02 17.14
C VAL B 613 -7.53 -0.23 16.80
N GLU B 614 -8.39 0.72 17.17
CA GLU B 614 -9.79 0.64 16.84
C GLU B 614 -10.07 0.55 15.34
N GLN B 615 -9.35 1.30 14.51
CA GLN B 615 -9.60 1.18 13.07
C GLN B 615 -9.25 -0.21 12.52
N ALA B 616 -8.07 -0.72 12.90
CA ALA B 616 -7.61 -2.04 12.45
C ALA B 616 -8.54 -3.16 12.89
N PHE B 617 -9.07 -3.03 14.12
CA PHE B 617 -10.03 -3.96 14.68
C PHE B 617 -11.32 -3.93 13.87
N ALA B 618 -11.82 -2.74 13.61
CA ALA B 618 -12.93 -2.54 12.68
C ALA B 618 -12.61 -3.11 11.30
N ARG B 619 -11.41 -2.87 10.78
CA ARG B 619 -11.07 -3.25 9.41
C ARG B 619 -10.94 -4.77 9.25
N ASP B 620 -10.68 -5.43 10.38
CA ASP B 620 -10.51 -6.87 10.41
C ASP B 620 -11.85 -7.55 10.15
N LYS B 621 -12.88 -7.09 10.85
CA LYS B 621 -14.23 -7.52 10.61
C LYS B 621 -14.66 -7.09 9.20
N ALA B 622 -14.24 -5.91 8.75
CA ALA B 622 -14.61 -5.44 7.41
C ALA B 622 -14.05 -6.35 6.30
N LEU B 623 -12.82 -6.81 6.47
CA LEU B 623 -12.27 -7.71 5.49
C LEU B 623 -13.03 -9.05 5.40
N SER B 624 -13.38 -9.61 6.56
CA SER B 624 -13.98 -10.94 6.53
C SER B 624 -15.44 -10.89 6.08
N ASP B 625 -16.12 -9.78 6.36
CA ASP B 625 -17.48 -9.61 5.85
C ASP B 625 -17.50 -9.56 4.33
N ASP B 626 -16.49 -8.92 3.75
CA ASP B 626 -16.38 -8.89 2.31
C ASP B 626 -16.22 -10.32 1.76
N TYR B 627 -15.32 -11.09 2.40
CA TYR B 627 -15.00 -12.48 2.05
C TYR B 627 -16.18 -13.45 2.15
N ASN B 628 -17.02 -13.24 3.17
CA ASN B 628 -18.12 -14.11 3.44
C ASN B 628 -19.31 -13.76 2.57
N ASN B 629 -19.67 -12.47 2.57
CA ASN B 629 -20.92 -11.98 1.96
C ASN B 629 -20.83 -11.38 0.55
N ILE B 630 -19.67 -10.87 0.16
CA ILE B 630 -19.60 -10.09 -1.08
C ILE B 630 -18.85 -10.83 -2.19
N MET B 631 -17.58 -11.12 -1.91
CA MET B 631 -16.74 -11.92 -2.78
C MET B 631 -17.51 -13.15 -3.25
N SER B 632 -17.40 -13.45 -4.55
CA SER B 632 -18.03 -14.59 -5.20
C SER B 632 -19.54 -14.69 -5.01
N GLY B 633 -20.19 -13.55 -4.78
CA GLY B 633 -21.64 -13.53 -4.57
C GLY B 633 -22.02 -14.08 -3.21
N GLY B 634 -21.06 -14.14 -2.29
CA GLY B 634 -21.28 -14.73 -0.98
C GLY B 634 -21.31 -16.25 -1.04
N LYS B 635 -20.66 -16.81 -2.07
CA LYS B 635 -20.58 -18.26 -2.25
C LYS B 635 -19.88 -18.95 -1.10
N TRP B 636 -18.90 -18.26 -0.53
CA TRP B 636 -18.13 -18.84 0.56
C TRP B 636 -18.56 -18.26 1.90
N LYS B 637 -19.87 -18.02 2.10
CA LYS B 637 -20.34 -17.54 3.40
C LYS B 637 -19.99 -18.55 4.52
N ASN B 638 -19.48 -18.01 5.61
CA ASN B 638 -19.12 -18.73 6.83
C ASN B 638 -17.77 -19.46 6.77
N MET B 639 -17.09 -19.38 5.64
CA MET B 639 -15.79 -20.00 5.49
C MET B 639 -14.68 -19.13 6.14
N MET B 640 -14.99 -17.89 6.47
CA MET B 640 -14.03 -17.03 7.14
C MET B 640 -14.65 -16.33 8.34
N ILE B 641 -14.92 -17.09 9.41
CA ILE B 641 -15.47 -16.57 10.66
C ILE B 641 -14.73 -17.04 11.91
N GLN B 642 -13.53 -17.58 11.74
CA GLN B 642 -12.73 -18.07 12.87
C GLN B 642 -12.22 -16.91 13.76
N LYS B 643 -12.53 -16.95 15.05
CA LYS B 643 -12.04 -15.93 15.97
C LYS B 643 -10.52 -16.06 16.18
N HIS B 644 -9.86 -14.91 16.31
CA HIS B 644 -8.41 -14.87 16.28
C HIS B 644 -7.87 -13.69 17.07
N ILE B 645 -8.78 -12.84 17.54
CA ILE B 645 -8.37 -11.71 18.34
C ILE B 645 -8.98 -11.77 19.72
N GLY B 646 -8.17 -12.17 20.70
CA GLY B 646 -8.62 -12.26 22.08
C GLY B 646 -8.13 -13.48 22.80
N TYR B 647 -7.17 -14.17 22.18
CA TYR B 647 -6.54 -15.33 22.81
C TYR B 647 -5.80 -14.92 24.08
N THR B 648 -6.15 -15.52 25.22
CA THR B 648 -5.34 -15.40 26.44
C THR B 648 -5.00 -16.80 26.94
N SER B 649 -4.78 -17.72 25.99
CA SER B 649 -4.77 -19.18 26.25
C SER B 649 -4.43 -19.95 24.96
N TRP B 650 -4.31 -21.27 25.03
CA TRP B 650 -4.03 -22.05 23.81
C TRP B 650 -5.25 -22.26 22.94
N ASN B 651 -6.41 -22.37 23.58
CA ASN B 651 -7.67 -22.58 22.88
C ASN B 651 -8.49 -21.28 22.78
N ASP B 652 -9.35 -21.20 21.75
CA ASP B 652 -10.24 -20.04 21.57
C ASP B 652 -11.45 -20.12 22.49
N ASN B 653 -11.18 -20.00 23.78
CA ASN B 653 -12.18 -20.11 24.83
C ASN B 653 -13.14 -18.93 24.80
N PHE B 654 -12.60 -17.76 24.44
CA PHE B 654 -13.28 -16.46 24.43
C PHE B 654 -14.46 -16.45 23.46
N PRO B 655 -15.55 -15.75 23.83
CA PRO B 655 -16.80 -15.79 23.04
C PRO B 655 -16.71 -15.18 21.62
N ALA B 656 -16.15 -13.98 21.49
CA ALA B 656 -16.06 -13.32 20.19
C ALA B 656 -14.72 -12.59 20.04
N ASP B 657 -14.38 -12.21 18.83
CA ASP B 657 -13.22 -11.35 18.60
C ASP B 657 -13.38 -10.10 19.45
N THR B 658 -12.35 -9.77 20.23
CA THR B 658 -12.45 -8.67 21.17
C THR B 658 -11.27 -7.65 21.12
N LEU B 659 -11.59 -6.40 21.46
CA LEU B 659 -10.67 -5.25 21.33
C LEU B 659 -9.47 -5.40 22.23
N PRO B 660 -8.26 -5.26 21.67
CA PRO B 660 -7.06 -5.34 22.49
C PRO B 660 -6.94 -4.10 23.37
N LYS B 661 -6.68 -4.32 24.66
CA LYS B 661 -6.57 -3.27 25.66
C LYS B 661 -5.81 -2.03 25.15
N ILE B 662 -6.45 -0.86 25.26
CA ILE B 662 -5.78 0.42 24.99
C ILE B 662 -6.03 1.41 26.10
N TYR B 663 -5.01 2.22 26.39
CA TYR B 663 -5.15 3.31 27.36
C TYR B 663 -5.21 4.65 26.66
N ARG B 664 -6.07 5.53 27.16
CA ARG B 664 -6.13 6.89 26.65
C ARG B 664 -5.66 7.90 27.69
N ILE B 665 -4.91 8.92 27.23
CA ILE B 665 -4.54 10.04 28.10
C ILE B 665 -5.73 10.99 28.26
N GLU B 666 -6.15 11.18 29.52
CA GLU B 666 -7.18 12.15 29.87
C GLU B 666 -6.67 13.58 29.67
N ASN B 667 -7.55 14.42 29.10
CA ASN B 667 -7.28 15.85 28.87
C ASN B 667 -5.98 16.13 28.12
N PRO B 668 -5.90 15.61 26.89
CA PRO B 668 -4.73 15.78 26.02
C PRO B 668 -4.36 17.23 25.81
N GLU B 669 -5.36 18.07 25.53
CA GLU B 669 -5.18 19.52 25.30
C GLU B 669 -4.27 20.16 26.35
N LYS B 670 -4.47 19.72 27.59
CA LYS B 670 -3.74 20.22 28.74
C LYS B 670 -2.46 19.42 29.03
N ALA B 671 -2.29 18.25 28.40
CA ALA B 671 -1.06 17.47 28.62
C ALA B 671 0.06 17.83 27.65
N VAL B 672 0.64 19.00 27.88
CA VAL B 672 1.64 19.57 26.99
C VAL B 672 2.79 20.02 27.86
N GLY B 673 4.00 20.00 27.31
CA GLY B 673 5.18 20.38 28.07
C GLY B 673 5.54 19.28 29.05
N GLY B 674 6.66 19.43 29.74
CA GLY B 674 7.11 18.44 30.71
C GLY B 674 8.03 17.38 30.16
N TYR B 675 8.45 17.49 28.90
CA TYR B 675 9.24 16.43 28.29
C TYR B 675 10.66 16.42 28.84
N VAL B 676 11.23 15.22 28.98
CA VAL B 676 12.60 15.07 29.40
C VAL B 676 13.16 14.01 28.51
N PHE B 677 14.30 14.32 27.89
CA PHE B 677 14.94 13.42 26.96
C PHE B 677 16.13 12.79 27.61
N THR B 678 16.45 11.57 27.16
CA THR B 678 17.60 10.83 27.65
C THR B 678 18.48 10.59 26.44
N GLY B 679 19.64 11.22 26.42
CA GLY B 679 20.51 11.05 25.29
C GLY B 679 21.14 9.68 25.25
N GLN B 680 21.21 9.10 24.05
CA GLN B 680 21.82 7.81 23.78
C GLN B 680 22.54 7.86 22.43
N ASP B 681 23.45 6.92 22.21
CA ASP B 681 24.20 6.81 20.96
C ASP B 681 24.82 8.14 20.46
N GLY B 682 25.30 8.96 21.40
CA GLY B 682 26.04 10.18 21.07
C GLY B 682 25.21 11.34 20.54
N TYR B 683 23.89 11.27 20.71
CA TYR B 683 22.99 12.28 20.16
C TYR B 683 21.64 12.39 20.85
N ILE B 684 21.07 13.60 20.81
CA ILE B 684 19.70 13.80 21.23
C ILE B 684 18.93 14.57 20.16
N ALA B 685 18.13 13.87 19.37
CA ALA B 685 17.17 14.52 18.48
C ALA B 685 15.89 14.86 19.22
N ILE B 686 15.49 16.13 19.16
CA ILE B 686 14.32 16.63 19.86
C ILE B 686 13.36 17.38 18.93
N GLU B 687 12.09 16.97 18.90
CA GLU B 687 11.06 17.66 18.12
C GLU B 687 10.59 18.88 18.87
N ALA B 688 10.57 20.03 18.20
CA ALA B 688 10.20 21.30 18.83
C ALA B 688 9.10 21.22 19.93
N GLU B 689 8.06 20.44 19.65
CA GLU B 689 6.85 20.41 20.47
C GLU B 689 7.06 19.75 21.85
N HIS B 690 8.07 18.90 21.94
CA HIS B 690 8.30 18.16 23.16
C HIS B 690 9.23 18.98 24.04
N TYR B 691 8.72 20.13 24.46
CA TYR B 691 9.47 21.06 25.29
C TYR B 691 9.19 20.77 26.77
N TYR B 692 10.04 21.31 27.63
CA TYR B 692 9.88 21.14 29.07
C TYR B 692 9.00 22.26 29.65
N SER B 693 9.49 23.49 29.58
CA SER B 693 8.69 24.65 29.90
C SER B 693 8.90 25.73 28.82
N ALA B 694 8.02 26.74 28.84
CA ALA B 694 7.98 27.79 27.81
C ALA B 694 7.40 29.09 28.39
N LYS B 695 8.06 30.21 28.12
CA LYS B 695 7.52 31.53 28.48
C LYS B 695 7.26 32.39 27.22
N ALA B 696 6.02 32.84 27.11
CA ALA B 696 5.54 33.68 26.03
C ALA B 696 5.85 35.15 26.33
N ALA B 697 5.95 35.97 25.26
CA ALA B 697 5.97 37.43 25.39
C ALA B 697 4.54 37.90 25.74
N PRO B 698 4.40 39.14 26.27
CA PRO B 698 3.05 39.66 26.46
C PRO B 698 2.34 39.71 25.12
N ASP B 699 1.05 39.37 25.13
CA ASP B 699 0.23 39.36 23.92
C ASP B 699 0.68 38.29 22.91
N THR B 700 1.37 37.25 23.39
CA THR B 700 1.69 36.09 22.55
C THR B 700 1.37 34.76 23.25
N GLU B 701 1.13 33.71 22.46
CA GLU B 701 0.97 32.33 22.96
C GLU B 701 1.89 31.42 22.13
N TRP B 702 2.83 30.73 22.77
CA TRP B 702 3.63 29.71 22.07
C TRP B 702 2.64 28.75 21.42
N THR B 703 2.82 28.47 20.13
CA THR B 703 1.79 27.73 19.38
C THR B 703 2.31 26.48 18.69
N VAL B 704 1.55 25.40 18.81
CA VAL B 704 1.87 24.17 18.10
C VAL B 704 1.24 24.31 16.74
N ILE B 705 2.06 24.18 15.70
CA ILE B 705 1.57 24.07 14.33
C ILE B 705 1.78 22.63 13.88
N PRO B 706 0.75 21.77 13.98
CA PRO B 706 0.99 20.35 13.75
C PRO B 706 1.40 20.11 12.31
N TYR B 707 2.31 19.15 12.10
CA TYR B 707 2.70 18.69 10.76
C TYR B 707 3.66 19.62 10.07
N MET B 708 3.75 20.85 10.57
CA MET B 708 4.65 21.86 10.06
C MET B 708 6.09 21.33 10.00
N GLY B 709 6.76 21.57 8.88
CA GLY B 709 8.16 21.18 8.73
C GLY B 709 8.32 19.75 8.25
N ARG B 710 9.54 19.23 8.29
CA ARG B 710 9.87 17.89 7.79
C ARG B 710 9.44 16.73 8.68
N THR B 711 9.39 16.97 9.98
CA THR B 711 9.08 15.91 10.96
C THR B 711 7.80 16.23 11.72
N LEU B 712 7.79 16.12 13.05
CA LEU B 712 6.53 16.18 13.82
C LEU B 712 5.64 17.43 13.64
N SER B 713 6.16 18.61 14.00
CA SER B 713 5.39 19.86 14.02
C SER B 713 6.30 21.05 14.18
N GLY B 714 5.72 22.24 14.14
CA GLY B 714 6.46 23.47 14.36
C GLY B 714 5.91 24.18 15.57
N MET B 715 6.80 24.89 16.26
CA MET B 715 6.48 25.70 17.42
C MET B 715 6.82 27.14 17.09
N ALA B 716 5.85 28.03 17.32
CA ALA B 716 6.02 29.43 16.94
C ALA B 716 5.26 30.37 17.83
N LEU B 717 5.91 31.47 18.17
CA LEU B 717 5.30 32.51 18.99
C LEU B 717 4.26 33.26 18.16
N MET B 718 3.05 33.40 18.69
CA MET B 718 1.89 33.91 17.94
C MET B 718 0.96 34.82 18.75
N PRO B 719 0.42 35.87 18.08
CA PRO B 719 0.58 36.16 16.66
C PRO B 719 1.95 36.78 16.31
N TYR B 720 2.16 37.05 15.03
CA TYR B 720 3.41 37.57 14.51
C TYR B 720 3.54 39.10 14.56
N THR B 721 2.48 39.76 15.03
CA THR B 721 2.47 41.23 15.06
C THR B 721 3.22 41.81 16.25
N GLN B 722 3.24 41.06 17.35
CA GLN B 722 3.83 41.50 18.62
C GLN B 722 5.31 41.21 18.69
N PRO B 723 6.07 42.06 19.41
CA PRO B 723 7.49 41.78 19.67
C PRO B 723 7.70 40.54 20.55
N THR B 724 8.87 39.91 20.43
CA THR B 724 9.11 38.62 21.11
C THR B 724 9.88 38.70 22.42
N ASP B 725 10.06 39.91 22.95
CA ASP B 725 10.90 40.16 24.13
C ASP B 725 10.47 39.38 25.35
N GLY B 726 11.41 38.60 25.90
CA GLY B 726 11.19 37.87 27.14
C GLY B 726 10.69 36.46 26.90
N ALA B 727 10.44 36.13 25.65
CA ALA B 727 9.87 34.86 25.26
C ALA B 727 10.92 33.80 25.12
N SER B 728 10.66 32.63 25.68
CA SER B 728 11.62 31.54 25.61
C SER B 728 10.92 30.21 25.67
N ILE B 729 11.68 29.18 25.30
CA ILE B 729 11.17 27.82 25.30
C ILE B 729 12.33 26.88 25.64
N SER B 730 12.08 25.90 26.51
CA SER B 730 13.18 25.08 27.01
C SER B 730 13.02 23.55 26.92
N TYR B 731 14.16 22.87 26.83
CA TYR B 731 14.22 21.42 26.68
C TYR B 731 15.12 20.83 27.77
N LYS B 732 14.62 19.84 28.51
CA LYS B 732 15.38 19.12 29.55
C LYS B 732 15.97 17.79 29.04
N ILE B 733 17.28 17.61 29.18
CA ILE B 733 17.97 16.44 28.64
C ILE B 733 18.95 15.86 29.67
N LYS B 734 19.23 14.56 29.57
CA LYS B 734 20.33 13.98 30.35
C LYS B 734 21.42 13.68 29.39
N LEU B 735 22.58 14.29 29.63
CA LEU B 735 23.81 13.97 28.93
C LEU B 735 24.75 13.26 29.87
N PRO B 736 25.58 12.34 29.33
CA PRO B 736 26.67 11.86 30.17
C PRO B 736 27.40 13.05 30.81
N LYS B 737 27.67 12.94 32.12
CA LYS B 737 28.53 13.89 32.81
C LYS B 737 29.95 13.86 32.27
N GLY B 738 30.60 15.03 32.23
CA GLY B 738 31.96 15.16 31.70
C GLY B 738 32.04 15.83 30.33
N ILE B 739 31.05 15.55 29.48
CA ILE B 739 30.83 16.28 28.22
C ILE B 739 30.69 17.77 28.53
N ASP B 740 31.64 18.59 28.09
CA ASP B 740 31.55 20.03 28.37
C ASP B 740 31.23 20.88 27.13
N LYS B 741 31.42 20.31 25.95
CA LYS B 741 31.26 21.01 24.69
C LYS B 741 30.42 20.11 23.79
N VAL B 742 29.28 20.63 23.34
CA VAL B 742 28.44 19.96 22.33
C VAL B 742 28.12 20.92 21.19
N THR B 743 27.82 20.36 20.00
CA THR B 743 27.31 21.12 18.86
C THR B 743 25.81 20.91 18.81
N VAL B 744 25.03 21.99 18.79
CA VAL B 744 23.58 21.87 18.66
C VAL B 744 23.12 22.37 17.30
N HIS B 745 22.30 21.55 16.62
CA HIS B 745 21.67 21.92 15.36
C HIS B 745 20.29 22.44 15.64
N VAL B 746 20.01 23.63 15.13
CA VAL B 746 18.70 24.26 15.26
C VAL B 746 18.05 24.32 13.90
N ILE B 747 16.89 23.68 13.76
CA ILE B 747 16.16 23.64 12.50
C ILE B 747 14.97 24.56 12.62
N VAL B 748 14.90 25.55 11.74
CA VAL B 748 13.71 26.42 11.68
C VAL B 748 13.16 26.52 10.26
N LYS B 749 11.88 26.87 10.15
CA LYS B 749 11.26 27.17 8.87
C LYS B 749 11.99 28.30 8.20
N SER B 750 12.20 28.16 6.89
CA SER B 750 13.01 29.10 6.15
C SER B 750 12.25 30.40 5.87
N THR B 751 11.87 31.08 6.96
CA THR B 751 11.33 32.42 6.94
C THR B 751 12.43 33.40 6.52
N LEU B 752 12.05 34.43 5.77
CA LEU B 752 13.00 35.41 5.23
C LEU B 752 12.90 36.73 5.98
N ALA B 753 13.87 37.61 5.74
CA ALA B 753 13.95 38.88 6.47
C ALA B 753 12.85 39.88 6.07
N PHE B 754 11.62 39.62 6.50
CA PHE B 754 10.45 40.38 6.02
C PHE B 754 10.15 41.69 6.78
N HIS B 755 10.61 41.82 8.03
CA HIS B 755 10.29 43.00 8.85
C HIS B 755 11.44 43.98 8.91
N ASP B 756 12.65 43.49 8.68
CA ASP B 756 13.85 44.25 8.99
C ASP B 756 14.98 43.72 8.10
N ARG B 757 15.69 44.61 7.41
CA ARG B 757 16.73 44.18 6.47
C ARG B 757 17.89 43.37 7.12
N LYS B 758 18.12 43.58 8.42
CA LYS B 758 19.15 42.85 9.19
C LYS B 758 18.93 41.33 9.24
N GLY B 759 17.71 40.92 9.59
CA GLY B 759 17.32 39.51 9.58
C GLY B 759 16.66 39.02 10.86
N HIS B 760 16.43 37.72 10.93
CA HIS B 760 15.88 37.13 12.14
C HIS B 760 17.02 36.52 12.94
N GLU B 761 16.90 36.67 14.26
CA GLU B 761 17.89 36.22 15.22
C GLU B 761 17.23 35.41 16.32
N TYR B 762 18.01 34.55 16.96
CA TYR B 762 17.57 33.83 18.13
C TYR B 762 18.81 33.46 18.91
N SER B 763 18.62 33.26 20.21
CA SER B 763 19.67 32.72 21.06
C SER B 763 19.33 31.31 21.46
N ILE B 764 20.37 30.49 21.52
CA ILE B 764 20.29 29.10 21.94
C ILE B 764 21.42 28.95 22.97
N GLY B 765 21.14 28.30 24.10
CA GLY B 765 22.17 28.11 25.13
C GLY B 765 21.69 27.29 26.29
N PHE B 766 22.63 26.75 27.05
CA PHE B 766 22.35 25.95 28.25
C PHE B 766 22.12 26.85 29.43
N GLU B 767 21.20 26.47 30.31
CA GLU B 767 21.07 27.17 31.59
C GLU B 767 22.34 26.84 32.36
N GLY B 768 23.09 27.88 32.74
CA GLY B 768 24.39 27.72 33.40
C GLY B 768 25.58 27.76 32.44
N GLY B 769 25.33 28.12 31.19
CA GLY B 769 26.39 28.27 30.19
C GLY B 769 26.16 29.54 29.38
N LYS B 770 27.11 29.85 28.51
CA LYS B 770 27.05 31.04 27.66
C LYS B 770 26.13 30.81 26.46
N ASP B 771 25.28 31.80 26.19
CA ASP B 771 24.45 31.86 24.99
C ASP B 771 25.24 31.99 23.71
N GLN B 772 24.55 31.74 22.60
CA GLN B 772 25.01 32.13 21.27
C GLN B 772 23.82 32.65 20.52
N THR B 773 24.01 33.82 19.91
CA THR B 773 22.96 34.46 19.13
C THR B 773 23.24 34.27 17.67
N ILE B 774 22.26 33.79 16.94
CA ILE B 774 22.41 33.43 15.54
C ILE B 774 21.42 34.21 14.68
N ASN B 775 21.95 34.79 13.61
CA ASN B 775 21.13 35.30 12.53
C ASN B 775 21.01 34.26 11.42
N PHE B 776 19.81 33.78 11.15
CA PHE B 776 19.65 32.65 10.23
C PHE B 776 19.23 33.00 8.80
N ASN B 777 18.78 34.24 8.55
CA ASN B 777 18.24 34.60 7.24
C ASN B 777 18.71 35.93 6.60
N HIS B 778 19.77 36.55 7.14
CA HIS B 778 20.29 37.80 6.58
C HIS B 778 20.78 37.63 5.13
N ASN B 779 21.45 36.52 4.85
CA ASN B 779 21.95 36.24 3.50
C ASN B 779 20.91 35.63 2.52
N LEU B 780 19.67 35.48 2.95
CA LEU B 780 18.70 34.79 2.12
C LEU B 780 17.86 35.78 1.33
N ASN B 781 18.43 36.25 0.21
CA ASN B 781 17.82 37.27 -0.63
C ASN B 781 18.44 37.27 -2.02
N GLU B 782 17.84 38.08 -2.90
CA GLU B 782 18.14 38.09 -4.35
C GLU B 782 19.37 38.91 -4.76
N LEU B 783 20.17 39.37 -3.79
CA LEU B 783 21.40 40.10 -4.12
C LEU B 783 22.39 39.14 -4.79
N PRO B 784 23.14 39.61 -5.81
CA PRO B 784 24.00 38.76 -6.66
C PRO B 784 24.94 37.79 -5.93
N GLU B 785 25.35 38.13 -4.73
CA GLU B 785 26.36 37.33 -4.02
C GLU B 785 25.70 36.27 -3.12
N ASN B 786 24.37 36.34 -3.05
CA ASN B 786 23.55 35.44 -2.21
C ASN B 786 22.61 34.56 -3.03
N VAL B 787 22.19 35.08 -4.17
CA VAL B 787 21.09 34.55 -4.98
C VAL B 787 21.18 33.05 -5.39
N TYR B 788 22.35 32.59 -5.82
CA TYR B 788 22.49 31.17 -6.21
C TYR B 788 23.48 30.41 -5.34
N SER B 789 24.29 31.15 -4.58
CA SER B 789 25.24 30.56 -3.63
C SER B 789 24.53 29.98 -2.39
N ILE B 790 23.59 30.74 -1.84
CA ILE B 790 22.95 30.39 -0.57
C ILE B 790 21.43 30.52 -0.57
N TYR B 791 20.90 31.46 -1.37
CA TYR B 791 19.48 31.81 -1.34
C TYR B 791 18.56 30.68 -1.82
N TYR B 792 18.61 30.37 -3.11
CA TYR B 792 17.64 29.42 -3.68
C TYR B 792 17.89 27.99 -3.21
N PRO B 793 19.17 27.56 -3.16
CA PRO B 793 19.43 26.22 -2.58
C PRO B 793 18.80 25.99 -1.19
N THR B 794 18.68 27.06 -0.39
CA THR B 794 18.04 26.98 0.91
C THR B 794 16.53 26.90 0.78
N VAL B 795 15.91 27.96 0.26
CA VAL B 795 14.47 28.12 0.35
C VAL B 795 13.67 27.05 -0.39
N ALA B 796 14.26 26.44 -1.42
CA ALA B 796 13.63 25.30 -2.09
C ALA B 796 13.38 24.12 -1.13
N ARG B 797 14.28 23.95 -0.16
CA ARG B 797 14.22 22.86 0.80
C ARG B 797 13.59 23.28 2.14
N ARG B 798 13.06 24.51 2.18
CA ARG B 798 12.12 25.01 3.23
C ARG B 798 12.59 25.11 4.68
N ILE B 799 13.82 24.75 4.96
CA ILE B 799 14.30 24.88 6.32
C ILE B 799 15.64 25.57 6.35
N VAL B 800 15.94 26.17 7.50
CA VAL B 800 17.30 26.65 7.78
C VAL B 800 17.83 25.86 8.98
N GLU B 801 18.98 25.22 8.78
CA GLU B 801 19.73 24.57 9.84
C GLU B 801 20.99 25.37 10.18
N LYS B 802 21.16 25.72 11.45
CA LYS B 802 22.42 26.31 11.90
C LYS B 802 22.99 25.49 13.05
N LYS B 803 24.32 25.45 13.12
CA LYS B 803 25.04 24.66 14.10
C LYS B 803 25.53 25.64 15.16
N ALA B 804 25.47 25.26 16.44
CA ALA B 804 26.05 26.07 17.50
C ALA B 804 26.96 25.27 18.43
N LYS B 805 28.21 25.70 18.58
CA LYS B 805 29.17 25.07 19.50
C LYS B 805 28.95 25.65 20.90
N LEU B 806 28.13 24.99 21.72
CA LEU B 806 27.77 25.43 23.09
C LEU B 806 28.54 24.74 24.20
N ASN B 807 28.75 25.46 25.30
CA ASN B 807 29.33 24.90 26.53
C ASN B 807 28.23 24.31 27.40
N VAL B 808 28.55 23.23 28.12
CA VAL B 808 27.62 22.48 28.98
C VAL B 808 28.08 22.55 30.43
N PRO B 809 27.20 23.04 31.34
CA PRO B 809 27.65 23.20 32.71
C PRO B 809 27.77 21.86 33.44
N ASN B 810 28.59 21.86 34.48
CA ASN B 810 28.97 20.65 35.16
C ASN B 810 27.91 20.19 36.21
N THR B 811 26.66 20.02 35.79
CA THR B 811 25.60 19.60 36.72
C THR B 811 25.88 18.19 37.30
N SER B 812 25.60 18.01 38.59
CA SER B 812 26.09 16.83 39.31
C SER B 812 25.25 15.59 39.02
N ASP B 813 24.06 15.79 38.47
CA ASP B 813 23.15 14.70 38.17
C ASP B 813 22.91 14.49 36.66
N GLY B 814 23.60 15.28 35.83
CA GLY B 814 23.61 15.11 34.38
C GLY B 814 22.45 15.77 33.67
N MET B 815 21.54 16.35 34.43
CA MET B 815 20.40 17.06 33.85
C MET B 815 20.79 18.46 33.31
N GLN B 816 20.24 18.76 32.14
CA GLN B 816 20.54 19.99 31.44
C GLN B 816 19.26 20.61 30.91
N THR B 817 19.31 21.90 30.67
CA THR B 817 18.19 22.62 30.12
C THR B 817 18.77 23.52 29.06
N ILE B 818 18.24 23.40 27.84
CA ILE B 818 18.63 24.25 26.72
C ILE B 818 17.50 25.23 26.46
N THR B 819 17.82 26.52 26.50
CA THR B 819 16.77 27.50 26.23
C THR B 819 16.98 28.16 24.89
N PHE B 820 15.91 28.21 24.12
CA PHE B 820 15.85 28.89 22.84
C PHE B 820 15.00 30.17 23.00
N LYS B 821 15.55 31.31 22.57
CA LYS B 821 14.79 32.60 22.58
C LYS B 821 14.65 33.22 21.17
N PRO B 822 13.42 33.29 20.65
CA PRO B 822 13.29 34.05 19.41
C PRO B 822 13.43 35.55 19.69
N LEU B 823 14.29 36.24 18.94
CA LEU B 823 14.46 37.69 19.13
C LEU B 823 13.70 38.56 18.11
N ASP B 824 13.13 37.93 17.08
CA ASP B 824 12.38 38.62 16.05
C ASP B 824 11.08 37.85 15.82
N PRO B 825 10.05 38.49 15.23
CA PRO B 825 8.73 37.80 15.12
C PRO B 825 8.66 36.76 14.01
N GLY B 826 7.70 35.85 14.11
CA GLY B 826 7.47 34.83 13.08
C GLY B 826 8.55 33.76 12.86
N ILE B 827 9.22 33.36 13.93
CA ILE B 827 10.18 32.25 13.86
C ILE B 827 9.46 30.95 14.21
N VAL B 828 9.64 29.94 13.35
CA VAL B 828 9.04 28.64 13.54
C VAL B 828 10.13 27.61 13.81
N LEU B 829 10.27 27.18 15.06
CA LEU B 829 11.30 26.20 15.41
C LEU B 829 10.73 24.78 15.22
N GLU B 830 11.51 23.91 14.59
CA GLU B 830 11.01 22.58 14.24
C GLU B 830 11.71 21.43 14.95
N LYS B 831 13.03 21.49 15.02
CA LYS B 831 13.79 20.43 15.64
C LYS B 831 15.11 20.96 16.21
N LEU B 832 15.61 20.28 17.24
CA LEU B 832 16.95 20.51 17.79
C LEU B 832 17.67 19.19 17.78
N VAL B 833 18.95 19.19 17.44
CA VAL B 833 19.75 17.98 17.66
C VAL B 833 20.99 18.29 18.47
N VAL B 834 21.02 17.79 19.70
CA VAL B 834 22.23 17.86 20.50
C VAL B 834 23.20 16.76 20.08
N ASP B 835 24.22 17.12 19.31
CA ASP B 835 25.26 16.18 18.94
C ASP B 835 26.33 16.14 20.01
N TYR B 836 26.62 14.96 20.54
CA TYR B 836 27.80 14.79 21.37
C TYR B 836 28.72 13.68 20.88
N GLY B 837 28.85 13.58 19.54
CA GLY B 837 29.72 12.60 18.91
C GLY B 837 29.03 11.58 18.00
N GLY B 838 27.72 11.41 18.15
CA GLY B 838 26.98 10.37 17.42
C GLY B 838 26.04 10.84 16.30
N TYR B 839 25.71 12.13 16.25
CA TYR B 839 24.85 12.59 15.16
C TYR B 839 25.37 12.20 13.78
N LYS B 840 24.45 11.72 12.94
CA LYS B 840 24.73 11.29 11.57
C LYS B 840 23.83 12.11 10.64
N LYS B 841 24.44 12.85 9.71
CA LYS B 841 23.73 13.83 8.90
C LYS B 841 22.55 13.17 8.18
N SER B 842 21.32 13.60 8.50
CA SER B 842 20.12 12.93 8.00
C SER B 842 19.11 13.95 7.55
N TYR B 843 18.42 13.67 6.45
CA TYR B 843 17.52 14.65 5.91
C TYR B 843 16.40 15.04 6.89
N LEU B 844 15.94 14.10 7.72
CA LEU B 844 14.93 14.38 8.75
C LEU B 844 15.57 14.56 10.13
N PHE B 845 16.91 14.59 10.15
CA PHE B 845 17.72 14.97 11.32
C PHE B 845 17.67 13.94 12.44
N MET B 846 17.64 12.66 12.03
CA MET B 846 17.61 11.45 12.89
C MET B 846 16.33 11.23 13.71
N ASN B 847 16.13 9.98 14.12
CA ASN B 847 14.99 9.57 14.95
C ASN B 847 14.97 10.26 16.31
N GLU B 848 13.78 10.71 16.73
CA GLU B 848 13.62 11.31 18.03
C GLU B 848 14.04 10.37 19.17
N SER B 849 14.81 10.94 20.08
CA SER B 849 15.38 10.25 21.20
C SER B 849 14.35 9.94 22.29
N LYS B 850 14.76 9.04 23.18
CA LYS B 850 13.94 8.59 24.27
C LYS B 850 13.49 9.80 25.10
N SER B 851 12.20 9.83 25.38
CA SER B 851 11.60 10.89 26.19
C SER B 851 10.46 10.38 27.08
N LYS B 852 10.09 11.18 28.07
CA LYS B 852 8.90 10.94 28.89
C LYS B 852 8.44 12.31 29.36
N ARG B 853 7.17 12.46 29.73
CA ARG B 853 6.83 13.69 30.50
C ARG B 853 6.55 13.45 31.99
NA NA C . 3.48 21.17 -14.83
NA NA D . -9.96 -22.43 10.11
#